data_6O1M
#
_entry.id   6O1M
#
_cell.length_a   1
_cell.length_b   1
_cell.length_c   1
_cell.angle_alpha   90
_cell.angle_beta   90
_cell.angle_gamma   90
#
_symmetry.space_group_name_H-M   'P 1'
#
loop_
_entity.id
_entity.type
_entity.pdbx_description
1 polymer 'Catabolite repression control protein'
2 polymer 'RNA-binding protein Hfq'
3 polymer "RNA (5'-R(*AP*AP*AP*AP*AP*UP*AP*AP*CP*AP*AP*CP*AP*AP*GP*AP*GP*G)-3')"
#
loop_
_entity_poly.entity_id
_entity_poly.type
_entity_poly.pdbx_seq_one_letter_code
_entity_poly.pdbx_strand_id
1 'polypeptide(L)'
;GPAMRIISVNVNGIQAAAERGLLSWLQAQNADVICLQDTRASAFDLDDPSFQLDGYFLYACDAELPEQGGVALYSRLQPK
AVISGLGFETADRYGRYLQADFDKVSIATLLLPSGQSGDESLNQKFKFMDDFTHYLSKQRRKRREYIYCGSLYVAHQKMD
VKNWRECQQMPGFLAPERAWLDEVFGNLGYADALREVSREGDQFSWWPDSEQAEMLNLGWRFDYQVLTPGLRRFVRNAKL
PRQPRFSQHAPLIVDYDWQLSI
;
A,B,R,S
2 'polypeptide(L)' HSLQDPYLNTLRKERVPVSIYLVNGIKLQGQIESFDQFVILLKNTVSQMVYKHAISTVVPSRPVRLP C,D,E,F,G,H,I,J,K,L,M,N
3 'polyribonucleotide' AAAAAUAACAACAAGAGG O,P
#
# COMPACT_ATOMS: atom_id res chain seq x y z
N GLY A 1 -19.23 -29.87 14.58
CA GLY A 1 -17.97 -29.95 15.31
C GLY A 1 -17.65 -28.69 16.10
N PRO A 2 -16.58 -28.01 15.73
CA PRO A 2 -16.21 -26.77 16.43
C PRO A 2 -17.11 -25.62 16.05
N ALA A 3 -17.34 -24.73 17.02
CA ALA A 3 -18.17 -23.57 16.81
C ALA A 3 -17.76 -22.48 17.79
N MET A 4 -18.18 -21.25 17.49
CA MET A 4 -17.94 -20.12 18.37
C MET A 4 -19.02 -19.08 18.10
N ARG A 5 -19.49 -18.41 19.14
CA ARG A 5 -20.53 -17.40 19.00
C ARG A 5 -20.08 -16.13 19.72
N ILE A 6 -20.19 -14.99 19.02
CA ILE A 6 -19.84 -13.70 19.58
C ILE A 6 -21.02 -12.75 19.41
N ILE A 7 -21.43 -12.12 20.52
CA ILE A 7 -22.50 -11.13 20.56
C ILE A 7 -21.89 -9.79 20.92
N SER A 8 -22.21 -8.76 20.14
CA SER A 8 -21.59 -7.45 20.24
C SER A 8 -22.64 -6.36 20.41
N VAL A 9 -23.53 -6.55 21.38
CA VAL A 9 -24.66 -5.63 21.54
C VAL A 9 -24.19 -4.33 22.20
N ASN A 10 -24.78 -3.22 21.77
CA ASN A 10 -24.55 -1.90 22.35
C ASN A 10 -25.73 -1.58 23.25
N VAL A 11 -25.44 -1.07 24.46
CA VAL A 11 -26.45 -1.03 25.51
C VAL A 11 -26.90 0.39 25.89
N ASN A 12 -26.11 1.42 25.55
CA ASN A 12 -26.36 2.82 25.92
C ASN A 12 -26.56 2.99 27.42
N GLY A 13 -25.70 2.35 28.19
CA GLY A 13 -25.82 2.36 29.63
C GLY A 13 -26.22 0.99 30.16
N ILE A 14 -25.33 0.35 30.91
CA ILE A 14 -25.60 -1.02 31.35
C ILE A 14 -26.65 -1.06 32.46
N GLN A 15 -26.78 0.02 33.24
CA GLN A 15 -27.78 0.04 34.29
C GLN A 15 -29.17 0.27 33.71
N ALA A 16 -29.27 1.03 32.63
CA ALA A 16 -30.56 1.27 31.99
C ALA A 16 -30.97 0.10 31.11
N ALA A 17 -30.02 -0.69 30.63
CA ALA A 17 -30.35 -1.84 29.78
C ALA A 17 -30.49 -3.12 30.58
N ALA A 18 -29.94 -3.16 31.80
CA ALA A 18 -30.14 -4.33 32.65
C ALA A 18 -31.54 -4.33 33.25
N GLU A 19 -32.17 -3.16 33.37
CA GLU A 19 -33.55 -3.09 33.83
C GLU A 19 -34.51 -3.64 32.78
N ARG A 20 -34.17 -3.53 31.51
CA ARG A 20 -35.02 -4.05 30.44
C ARG A 20 -34.77 -5.52 30.14
N GLY A 21 -33.88 -6.18 30.88
CA GLY A 21 -33.73 -7.62 30.80
C GLY A 21 -32.63 -8.09 29.88
N LEU A 22 -31.49 -7.41 29.89
CA LEU A 22 -30.38 -7.80 29.03
C LEU A 22 -29.72 -9.08 29.53
N LEU A 23 -29.44 -9.16 30.83
CA LEU A 23 -28.59 -10.22 31.37
C LEU A 23 -29.31 -11.56 31.38
N SER A 24 -30.62 -11.54 31.65
CA SER A 24 -31.42 -12.76 31.55
C SER A 24 -31.59 -13.21 30.11
N TRP A 25 -31.40 -12.32 29.14
CA TRP A 25 -31.39 -12.71 27.74
C TRP A 25 -30.03 -13.25 27.32
N LEU A 26 -28.95 -12.58 27.75
CA LEU A 26 -27.60 -13.00 27.39
C LEU A 26 -27.22 -14.31 28.06
N GLN A 27 -27.84 -14.64 29.19
CA GLN A 27 -27.55 -15.91 29.86
C GLN A 27 -28.08 -17.09 29.04
N ALA A 28 -29.08 -16.87 28.21
CA ALA A 28 -29.77 -17.95 27.49
C ALA A 28 -29.53 -17.90 25.99
N GLN A 29 -28.37 -17.41 25.56
CA GLN A 29 -28.01 -17.41 24.14
C GLN A 29 -26.82 -18.28 23.81
N ASN A 30 -26.11 -18.78 24.82
CA ASN A 30 -24.92 -19.64 24.69
C ASN A 30 -23.83 -18.96 23.86
N ALA A 31 -23.38 -17.82 24.36
CA ALA A 31 -22.33 -17.05 23.72
C ALA A 31 -20.99 -17.34 24.39
N ASP A 32 -19.93 -17.36 23.58
CA ASP A 32 -18.59 -17.57 24.13
C ASP A 32 -18.01 -16.25 24.65
N VAL A 33 -18.08 -15.20 23.85
CA VAL A 33 -17.59 -13.88 24.24
C VAL A 33 -18.69 -12.87 23.93
N ILE A 34 -19.10 -12.12 24.95
CA ILE A 34 -20.09 -11.05 24.82
C ILE A 34 -19.35 -9.72 24.88
N CYS A 35 -19.62 -8.84 23.92
CA CYS A 35 -18.87 -7.63 23.70
C CYS A 35 -19.77 -6.41 23.93
N LEU A 36 -19.73 -5.84 25.13
CA LEU A 36 -20.59 -4.72 25.47
C LEU A 36 -19.86 -3.40 25.23
N GLN A 37 -20.50 -2.50 24.51
CA GLN A 37 -19.97 -1.16 24.29
C GLN A 37 -20.92 -0.14 24.90
N ASP A 38 -20.36 1.05 25.19
CA ASP A 38 -21.05 2.17 25.84
C ASP A 38 -21.69 1.74 27.15
N THR A 39 -20.82 1.33 28.08
CA THR A 39 -21.29 0.81 29.36
C THR A 39 -21.90 1.90 30.22
N ARG A 40 -21.36 3.12 30.14
CA ARG A 40 -21.76 4.27 30.96
C ARG A 40 -21.69 3.97 32.45
N ALA A 41 -20.64 3.28 32.86
CA ALA A 41 -20.43 2.94 34.26
C ALA A 41 -18.95 2.73 34.51
N SER A 42 -18.52 3.02 35.73
CA SER A 42 -17.15 2.76 36.11
C SER A 42 -16.93 1.27 36.34
N ALA A 43 -15.65 0.89 36.41
CA ALA A 43 -15.31 -0.51 36.65
C ALA A 43 -15.64 -0.95 38.07
N PHE A 44 -15.74 -0.02 39.01
CA PHE A 44 -16.16 -0.37 40.37
C PHE A 44 -17.66 -0.64 40.43
N ASP A 45 -18.43 -0.09 39.49
CA ASP A 45 -19.87 -0.30 39.49
C ASP A 45 -20.27 -1.63 38.86
N LEU A 46 -19.40 -2.25 38.08
CA LEU A 46 -19.65 -3.58 37.55
C LEU A 46 -19.14 -4.69 38.46
N ASP A 47 -18.65 -4.33 39.65
CA ASP A 47 -18.09 -5.30 40.58
C ASP A 47 -19.16 -5.98 41.44
N ASP A 48 -20.36 -5.40 41.51
CA ASP A 48 -21.44 -5.99 42.28
C ASP A 48 -21.97 -7.25 41.58
N PRO A 49 -22.58 -8.17 42.34
CA PRO A 49 -23.10 -9.41 41.70
C PRO A 49 -24.38 -9.24 40.91
N SER A 50 -24.81 -8.01 40.59
CA SER A 50 -25.99 -7.85 39.76
C SER A 50 -25.66 -7.95 38.27
N PHE A 51 -24.47 -7.51 37.86
CA PHE A 51 -24.05 -7.61 36.48
C PHE A 51 -23.31 -8.90 36.16
N GLN A 52 -22.99 -9.70 37.18
CA GLN A 52 -22.17 -10.88 36.99
C GLN A 52 -23.01 -12.03 36.45
N LEU A 53 -22.77 -12.41 35.20
CA LEU A 53 -23.26 -13.68 34.71
C LEU A 53 -22.43 -14.80 35.30
N ASP A 54 -23.01 -15.99 35.39
CA ASP A 54 -22.27 -17.13 35.90
C ASP A 54 -21.67 -17.95 34.76
N GLY A 55 -20.44 -18.38 34.95
CA GLY A 55 -19.68 -18.99 33.88
C GLY A 55 -19.05 -18.00 32.93
N TYR A 56 -19.05 -16.72 33.28
CA TYR A 56 -18.48 -15.65 32.47
C TYR A 56 -17.59 -14.78 33.33
N PHE A 57 -16.39 -14.54 32.87
CA PHE A 57 -15.51 -13.56 33.48
C PHE A 57 -15.79 -12.20 32.86
N LEU A 58 -15.93 -11.18 33.71
CA LEU A 58 -16.29 -9.84 33.27
C LEU A 58 -15.09 -8.91 33.43
N TYR A 59 -14.60 -8.39 32.31
CA TYR A 59 -13.50 -7.44 32.29
C TYR A 59 -14.00 -6.13 31.72
N ALA A 60 -13.68 -5.02 32.38
CA ALA A 60 -14.27 -3.75 31.97
C ALA A 60 -13.23 -2.63 32.02
N CYS A 61 -13.30 -1.76 31.02
CA CYS A 61 -12.49 -0.54 30.96
C CYS A 61 -13.43 0.65 30.98
N ASP A 62 -13.27 1.51 31.98
CA ASP A 62 -14.15 2.63 32.20
C ASP A 62 -13.65 3.86 31.46
N ALA A 63 -14.48 4.91 31.44
CA ALA A 63 -14.05 6.23 31.07
C ALA A 63 -13.62 6.98 32.33
N GLU A 64 -13.07 8.19 32.15
CA GLU A 64 -12.69 8.99 33.32
C GLU A 64 -13.92 9.57 33.99
N LEU A 65 -14.64 10.44 33.30
CA LEU A 65 -16.00 10.74 33.74
C LEU A 65 -16.90 9.70 33.08
N PRO A 66 -17.61 8.87 33.86
CA PRO A 66 -18.04 7.56 33.35
C PRO A 66 -19.14 7.59 32.30
N GLU A 67 -19.84 8.70 32.11
CA GLU A 67 -21.01 8.69 31.24
C GLU A 67 -20.66 8.81 29.76
N GLN A 68 -19.38 8.95 29.41
CA GLN A 68 -19.01 9.13 28.01
C GLN A 68 -18.76 7.80 27.32
N GLY A 69 -17.97 6.93 27.94
CA GLY A 69 -17.63 5.66 27.33
C GLY A 69 -17.95 4.47 28.20
N GLY A 70 -16.94 3.67 28.50
CA GLY A 70 -17.16 2.44 29.23
C GLY A 70 -17.37 1.29 28.28
N VAL A 71 -16.65 0.18 28.51
CA VAL A 71 -16.60 -0.95 27.60
C VAL A 71 -16.42 -2.21 28.45
N ALA A 72 -17.21 -3.25 28.18
CA ALA A 72 -17.10 -4.48 28.96
C ALA A 72 -17.02 -5.69 28.04
N LEU A 73 -16.54 -6.79 28.62
CA LEU A 73 -16.32 -8.03 27.89
C LEU A 73 -16.59 -9.19 28.83
N TYR A 74 -17.55 -10.04 28.46
CA TYR A 74 -17.78 -11.31 29.13
C TYR A 74 -17.11 -12.41 28.34
N SER A 75 -16.40 -13.28 29.04
CA SER A 75 -15.64 -14.34 28.39
C SER A 75 -15.96 -15.67 29.05
N ARG A 76 -16.17 -16.70 28.22
CA ARG A 76 -16.37 -18.05 28.74
C ARG A 76 -15.10 -18.59 29.37
N LEU A 77 -14.04 -18.69 28.56
CA LEU A 77 -12.73 -19.07 29.06
C LEU A 77 -12.02 -17.84 29.57
N GLN A 78 -11.15 -18.03 30.55
CA GLN A 78 -10.33 -16.92 31.03
C GLN A 78 -9.26 -16.63 29.98
N PRO A 79 -9.17 -15.42 29.44
CA PRO A 79 -8.25 -15.15 28.34
C PRO A 79 -6.79 -15.17 28.80
N LYS A 80 -5.89 -15.23 27.81
CA LYS A 80 -4.48 -15.12 28.14
C LYS A 80 -4.12 -13.73 28.61
N ALA A 81 -4.67 -12.69 27.97
CA ALA A 81 -4.32 -11.34 28.41
C ALA A 81 -5.41 -10.34 28.09
N VAL A 82 -5.87 -9.60 29.08
CA VAL A 82 -6.89 -8.57 28.89
C VAL A 82 -6.22 -7.21 28.99
N ILE A 83 -6.11 -6.52 27.86
CA ILE A 83 -5.45 -5.22 27.81
C ILE A 83 -6.47 -4.17 27.41
N SER A 84 -6.13 -2.91 27.69
CA SER A 84 -7.05 -1.80 27.47
C SER A 84 -6.32 -0.62 26.86
N GLY A 85 -7.02 0.12 26.03
CA GLY A 85 -6.48 1.33 25.43
C GLY A 85 -5.63 1.05 24.20
N LEU A 86 -5.83 1.88 23.19
CA LEU A 86 -5.13 1.77 21.92
C LEU A 86 -3.73 2.37 21.95
N GLY A 87 -3.53 3.48 22.65
CA GLY A 87 -2.25 4.16 22.70
C GLY A 87 -2.31 5.63 22.41
N PHE A 88 -3.40 6.14 21.86
CA PHE A 88 -3.57 7.56 21.66
C PHE A 88 -4.62 8.12 22.63
N GLU A 89 -4.93 9.41 22.47
CA GLU A 89 -5.62 10.16 23.51
C GLU A 89 -7.13 10.00 23.44
N THR A 90 -7.71 10.00 22.24
CA THR A 90 -9.16 9.94 22.10
C THR A 90 -9.72 8.51 22.19
N ALA A 91 -8.91 7.56 22.65
CA ALA A 91 -9.36 6.21 22.97
C ALA A 91 -9.11 5.82 24.42
N ASP A 92 -7.90 6.08 24.92
CA ASP A 92 -7.49 5.55 26.21
C ASP A 92 -8.13 6.32 27.35
N ARG A 93 -8.34 7.62 27.18
CA ARG A 93 -8.91 8.42 28.25
C ARG A 93 -10.40 8.19 28.41
N TYR A 94 -11.11 7.95 27.31
CA TYR A 94 -12.58 7.91 27.35
C TYR A 94 -13.13 6.49 27.30
N GLY A 95 -12.28 5.47 27.43
CA GLY A 95 -12.72 4.09 27.54
C GLY A 95 -13.44 3.56 26.32
N ARG A 96 -12.73 3.39 25.20
CA ARG A 96 -13.37 2.99 23.96
C ARG A 96 -12.71 1.77 23.33
N TYR A 97 -11.93 1.01 24.09
CA TYR A 97 -11.25 -0.17 23.53
C TYR A 97 -10.90 -1.12 24.65
N LEU A 98 -11.12 -2.41 24.40
CA LEU A 98 -10.68 -3.45 25.33
C LEU A 98 -10.42 -4.72 24.52
N GLN A 99 -9.38 -5.47 24.89
CA GLN A 99 -8.92 -6.58 24.07
C GLN A 99 -8.66 -7.81 24.93
N ALA A 100 -9.30 -8.92 24.60
CA ALA A 100 -9.05 -10.20 25.27
C ALA A 100 -8.24 -11.09 24.35
N ASP A 101 -7.06 -11.48 24.81
CA ASP A 101 -6.12 -12.26 24.04
C ASP A 101 -6.26 -13.73 24.43
N PHE A 102 -6.47 -14.57 23.41
CA PHE A 102 -6.66 -16.01 23.47
C PHE A 102 -5.50 -16.68 22.72
N ASP A 103 -5.65 -17.98 22.44
CA ASP A 103 -4.59 -18.83 21.91
C ASP A 103 -4.01 -18.35 20.58
N LYS A 104 -4.82 -18.36 19.52
CA LYS A 104 -4.38 -17.80 18.25
C LYS A 104 -5.12 -16.53 17.86
N VAL A 105 -6.29 -16.27 18.45
CA VAL A 105 -7.14 -15.17 18.08
C VAL A 105 -7.21 -14.23 19.27
N SER A 106 -7.67 -13.01 19.04
CA SER A 106 -7.87 -12.05 20.11
C SER A 106 -9.08 -11.20 19.79
N ILE A 107 -10.05 -11.20 20.69
CA ILE A 107 -11.35 -10.59 20.45
C ILE A 107 -11.38 -9.24 21.13
N ALA A 108 -11.70 -8.20 20.37
CA ALA A 108 -11.64 -6.84 20.85
C ALA A 108 -13.01 -6.20 20.78
N THR A 109 -13.17 -5.19 21.61
CA THR A 109 -14.39 -4.42 21.80
C THR A 109 -14.06 -2.96 21.58
N LEU A 110 -14.87 -2.29 20.78
CA LEU A 110 -14.53 -0.97 20.25
C LEU A 110 -15.76 -0.07 20.28
N LEU A 111 -15.59 1.11 20.84
CA LEU A 111 -16.63 2.13 20.89
C LEU A 111 -16.10 3.38 20.21
N LEU A 112 -17.00 4.18 19.65
CA LEU A 112 -16.63 5.40 18.95
C LEU A 112 -17.46 6.57 19.47
N PRO A 113 -16.94 7.80 19.35
CA PRO A 113 -17.82 8.95 19.45
C PRO A 113 -18.82 8.95 18.31
N SER A 114 -20.10 9.17 18.67
CA SER A 114 -21.19 9.00 17.71
C SER A 114 -21.16 10.03 16.60
N GLY A 115 -20.68 11.23 16.88
CA GLY A 115 -20.63 12.29 15.88
C GLY A 115 -21.96 12.97 15.61
N GLN A 116 -23.05 12.51 16.23
CA GLN A 116 -24.37 13.05 16.02
C GLN A 116 -24.75 14.11 17.04
N SER A 117 -23.80 14.53 17.88
CA SER A 117 -24.08 15.56 18.87
C SER A 117 -24.00 16.96 18.24
N GLY A 118 -22.86 17.27 17.63
CA GLY A 118 -22.63 18.59 17.09
C GLY A 118 -21.47 18.56 16.11
N ASP A 119 -20.63 19.59 16.19
CA ASP A 119 -19.47 19.66 15.31
C ASP A 119 -18.19 19.25 16.04
N GLU A 120 -18.12 19.49 17.36
CA GLU A 120 -16.98 19.04 18.14
C GLU A 120 -16.93 17.52 18.22
N SER A 121 -18.10 16.88 18.36
CA SER A 121 -18.14 15.42 18.34
C SER A 121 -17.78 14.86 16.98
N LEU A 122 -18.09 15.58 15.90
CA LEU A 122 -17.72 15.12 14.57
C LEU A 122 -16.22 15.29 14.32
N ASN A 123 -15.62 16.34 14.85
CA ASN A 123 -14.18 16.51 14.74
C ASN A 123 -13.44 15.45 15.56
N GLN A 124 -13.96 15.15 16.76
CA GLN A 124 -13.38 14.09 17.57
C GLN A 124 -13.54 12.72 16.92
N LYS A 125 -14.66 12.52 16.22
CA LYS A 125 -14.89 11.29 15.49
C LYS A 125 -13.90 11.13 14.34
N PHE A 126 -13.64 12.21 13.60
CA PHE A 126 -12.68 12.12 12.49
C PHE A 126 -11.25 11.91 12.99
N LYS A 127 -10.90 12.53 14.12
CA LYS A 127 -9.60 12.29 14.74
C LYS A 127 -9.46 10.83 15.18
N PHE A 128 -10.51 10.26 15.78
CA PHE A 128 -10.49 8.86 16.17
C PHE A 128 -10.39 7.93 14.97
N MET A 129 -11.11 8.25 13.90
CA MET A 129 -11.09 7.45 12.68
C MET A 129 -9.70 7.41 12.05
N ASP A 130 -9.02 8.55 11.98
CA ASP A 130 -7.67 8.56 11.40
C ASP A 130 -6.66 7.86 12.31
N ASP A 131 -6.75 8.08 13.63
CA ASP A 131 -5.80 7.42 14.53
C ASP A 131 -6.04 5.92 14.60
N PHE A 132 -7.29 5.46 14.50
CA PHE A 132 -7.56 4.03 14.50
C PHE A 132 -7.16 3.40 13.17
N THR A 133 -7.23 4.14 12.06
CA THR A 133 -6.70 3.61 10.80
C THR A 133 -5.18 3.48 10.86
N HIS A 134 -4.52 4.42 11.57
CA HIS A 134 -3.09 4.27 11.82
C HIS A 134 -2.79 3.06 12.69
N TYR A 135 -3.65 2.80 13.69
CA TYR A 135 -3.50 1.62 14.53
C TYR A 135 -3.66 0.33 13.73
N LEU A 136 -4.64 0.29 12.82
CA LEU A 136 -4.83 -0.89 11.98
C LEU A 136 -3.68 -1.08 11.01
N SER A 137 -3.11 0.02 10.50
CA SER A 137 -1.94 -0.09 9.63
C SER A 137 -0.72 -0.60 10.39
N LYS A 138 -0.62 -0.27 11.68
CA LYS A 138 0.45 -0.85 12.49
C LYS A 138 0.19 -2.32 12.79
N GLN A 139 -1.06 -2.69 13.06
CA GLN A 139 -1.39 -4.05 13.48
C GLN A 139 -1.61 -5.02 12.32
N ARG A 140 -1.54 -4.53 11.08
CA ARG A 140 -1.67 -5.42 9.92
C ARG A 140 -0.53 -6.43 9.83
N ARG A 141 0.65 -6.10 10.34
CA ARG A 141 1.81 -6.98 10.20
C ARG A 141 1.88 -8.05 11.28
N LYS A 142 1.08 -7.95 12.34
CA LYS A 142 1.20 -8.85 13.48
C LYS A 142 0.51 -10.17 13.16
N ARG A 143 0.95 -11.26 13.80
CA ARG A 143 0.49 -12.60 13.46
C ARG A 143 -0.70 -13.06 14.28
N ARG A 144 -1.28 -12.20 15.11
CA ARG A 144 -2.53 -12.55 15.76
C ARG A 144 -3.68 -12.37 14.79
N GLU A 145 -4.83 -12.93 15.15
CA GLU A 145 -6.07 -12.67 14.45
C GLU A 145 -6.96 -11.84 15.37
N TYR A 146 -7.58 -10.81 14.81
CA TYR A 146 -8.35 -9.86 15.59
C TYR A 146 -9.82 -9.94 15.18
N ILE A 147 -10.69 -9.70 16.16
CA ILE A 147 -12.13 -9.59 15.94
C ILE A 147 -12.54 -8.30 16.64
N TYR A 148 -12.61 -7.20 15.89
CA TYR A 148 -12.99 -5.92 16.46
C TYR A 148 -14.51 -5.83 16.43
N CYS A 149 -15.14 -6.03 17.58
CA CYS A 149 -16.60 -5.91 17.68
C CYS A 149 -16.90 -4.46 18.00
N GLY A 150 -17.20 -3.69 16.96
CA GLY A 150 -17.24 -2.25 17.14
C GLY A 150 -18.53 -1.56 16.74
N SER A 151 -19.06 -0.75 17.65
CA SER A 151 -20.14 0.19 17.31
C SER A 151 -19.49 1.38 16.66
N LEU A 152 -19.27 1.29 15.35
CA LEU A 152 -18.52 2.30 14.63
C LEU A 152 -19.32 3.57 14.36
N TYR A 153 -20.65 3.50 14.47
CA TYR A 153 -21.58 4.59 14.16
C TYR A 153 -21.44 5.15 12.76
N VAL A 154 -20.94 4.34 11.81
CA VAL A 154 -20.72 4.76 10.43
C VAL A 154 -21.32 3.69 9.53
N ALA A 155 -22.24 4.08 8.67
CA ALA A 155 -22.69 3.18 7.63
C ALA A 155 -21.69 3.17 6.49
N HIS A 156 -21.46 1.98 5.94
CA HIS A 156 -20.51 1.79 4.87
C HIS A 156 -21.13 2.03 3.49
N GLN A 157 -22.29 1.44 3.24
CA GLN A 157 -22.79 1.25 1.90
C GLN A 157 -24.23 1.76 1.86
N LYS A 158 -24.76 1.94 0.64
CA LYS A 158 -26.11 2.48 0.49
C LYS A 158 -27.16 1.49 0.97
N MET A 159 -26.83 0.21 0.98
CA MET A 159 -27.72 -0.83 1.47
C MET A 159 -27.79 -0.83 2.99
N ASP A 160 -26.79 -0.23 3.64
CA ASP A 160 -26.73 -0.20 5.09
C ASP A 160 -27.60 0.90 5.71
N VAL A 161 -28.30 1.68 4.90
CA VAL A 161 -29.22 2.71 5.36
C VAL A 161 -30.53 2.58 4.61
N LYS A 162 -31.58 3.17 5.18
CA LYS A 162 -32.88 3.26 4.53
C LYS A 162 -33.08 4.69 4.06
N ASN A 163 -33.40 4.85 2.77
CA ASN A 163 -33.61 6.14 2.09
C ASN A 163 -32.36 7.02 2.21
N TRP A 164 -31.30 6.57 1.54
CA TRP A 164 -29.99 7.23 1.59
C TRP A 164 -29.97 8.60 0.94
N ARG A 165 -30.98 8.96 0.14
CA ARG A 165 -30.94 10.23 -0.57
C ARG A 165 -31.16 11.43 0.34
N GLU A 166 -31.66 11.22 1.56
CA GLU A 166 -31.66 12.27 2.58
C GLU A 166 -30.81 11.92 3.79
N CYS A 167 -29.86 11.00 3.65
CA CYS A 167 -28.94 10.67 4.73
C CYS A 167 -27.50 11.06 4.43
N GLN A 168 -27.24 11.67 3.26
CA GLN A 168 -25.87 12.03 2.90
C GLN A 168 -25.31 13.19 3.73
N GLN A 169 -26.16 13.92 4.46
CA GLN A 169 -25.68 15.02 5.27
C GLN A 169 -25.76 14.74 6.76
N MET A 170 -26.43 13.67 7.16
CA MET A 170 -26.43 13.31 8.56
C MET A 170 -25.17 12.52 8.89
N PRO A 171 -24.56 12.76 10.05
CA PRO A 171 -23.34 12.02 10.44
C PRO A 171 -23.65 10.55 10.70
N GLY A 172 -22.91 9.68 10.03
CA GLY A 172 -23.23 8.27 9.98
C GLY A 172 -23.19 7.80 8.54
N PHE A 173 -23.37 8.72 7.60
CA PHE A 173 -23.35 8.39 6.19
C PHE A 173 -22.62 9.47 5.39
N LEU A 174 -21.62 10.10 5.98
CA LEU A 174 -20.91 11.15 5.26
C LEU A 174 -19.97 10.55 4.21
N ALA A 175 -19.40 11.42 3.40
CA ALA A 175 -18.44 10.97 2.39
C ALA A 175 -17.05 10.66 2.95
N PRO A 176 -16.47 11.44 3.90
CA PRO A 176 -15.25 10.93 4.56
C PRO A 176 -15.48 9.69 5.40
N GLU A 177 -16.68 9.52 5.99
CA GLU A 177 -16.96 8.35 6.79
C GLU A 177 -17.10 7.09 5.94
N ARG A 178 -17.81 7.20 4.81
CA ARG A 178 -17.88 6.06 3.91
C ARG A 178 -16.56 5.81 3.19
N ALA A 179 -15.75 6.85 3.00
CA ALA A 179 -14.41 6.62 2.48
C ALA A 179 -13.52 5.93 3.51
N TRP A 180 -13.76 6.19 4.80
CA TRP A 180 -13.02 5.50 5.86
C TRP A 180 -13.36 4.02 5.90
N LEU A 181 -14.65 3.68 5.87
CA LEU A 181 -14.99 2.26 5.84
C LEU A 181 -14.75 1.62 4.48
N ASP A 182 -14.55 2.41 3.42
CA ASP A 182 -14.08 1.83 2.17
C ASP A 182 -12.57 1.62 2.22
N GLU A 183 -11.88 2.34 3.09
CA GLU A 183 -10.45 2.14 3.27
C GLU A 183 -10.18 0.94 4.18
N VAL A 184 -10.96 0.77 5.23
CA VAL A 184 -10.71 -0.30 6.19
C VAL A 184 -11.07 -1.66 5.59
N PHE A 185 -12.25 -1.76 4.97
CA PHE A 185 -12.64 -3.04 4.39
C PHE A 185 -12.03 -3.28 3.02
N GLY A 186 -11.86 -2.23 2.21
CA GLY A 186 -11.40 -2.39 0.85
C GLY A 186 -9.93 -2.68 0.67
N ASN A 187 -9.07 -1.73 1.04
CA ASN A 187 -7.64 -1.83 0.75
C ASN A 187 -6.83 -2.40 1.89
N LEU A 188 -7.32 -2.33 3.12
CA LEU A 188 -6.61 -2.91 4.25
C LEU A 188 -6.89 -4.40 4.43
N GLY A 189 -7.74 -4.99 3.59
CA GLY A 189 -7.99 -6.41 3.61
C GLY A 189 -8.97 -6.90 4.65
N TYR A 190 -9.43 -6.03 5.55
CA TYR A 190 -10.36 -6.45 6.60
C TYR A 190 -11.72 -6.81 6.01
N ALA A 191 -12.42 -7.69 6.73
CA ALA A 191 -13.68 -8.24 6.27
C ALA A 191 -14.79 -7.93 7.26
N ASP A 192 -15.96 -7.59 6.73
CA ASP A 192 -17.17 -7.41 7.52
C ASP A 192 -17.78 -8.78 7.77
N ALA A 193 -18.02 -9.12 9.04
CA ALA A 193 -18.53 -10.45 9.36
C ALA A 193 -20.00 -10.60 8.99
N LEU A 194 -20.75 -9.51 8.96
CA LEU A 194 -22.16 -9.59 8.61
C LEU A 194 -22.34 -9.70 7.10
N ARG A 195 -21.39 -9.17 6.33
CA ARG A 195 -21.49 -9.21 4.87
C ARG A 195 -20.89 -10.47 4.26
N GLU A 196 -20.13 -11.26 5.02
CA GLU A 196 -19.64 -12.53 4.51
C GLU A 196 -20.77 -13.54 4.40
N VAL A 197 -21.65 -13.58 5.40
CA VAL A 197 -22.75 -14.52 5.38
C VAL A 197 -23.91 -14.00 4.54
N SER A 198 -24.48 -12.87 4.94
CA SER A 198 -25.67 -12.33 4.30
C SER A 198 -25.26 -11.21 3.35
N ARG A 199 -25.83 -11.23 2.15
CA ARG A 199 -25.58 -10.18 1.17
C ARG A 199 -26.95 -9.66 0.74
N GLU A 200 -27.78 -9.35 1.73
CA GLU A 200 -29.14 -8.89 1.47
C GLU A 200 -29.38 -7.59 2.22
N GLY A 201 -30.38 -6.85 1.74
CA GLY A 201 -30.77 -5.60 2.36
C GLY A 201 -31.70 -5.82 3.53
N ASP A 202 -32.18 -4.70 4.08
CA ASP A 202 -33.09 -4.64 5.23
C ASP A 202 -32.53 -5.37 6.44
N GLN A 203 -31.24 -5.21 6.67
CA GLN A 203 -30.57 -5.67 7.89
C GLN A 203 -29.96 -4.44 8.55
N PHE A 204 -30.62 -3.96 9.60
CA PHE A 204 -30.26 -2.72 10.26
C PHE A 204 -29.96 -2.97 11.72
N SER A 205 -29.23 -2.03 12.31
CA SER A 205 -28.77 -2.14 13.68
C SER A 205 -29.31 -1.05 14.59
N TRP A 206 -29.30 0.19 14.13
CA TRP A 206 -29.69 1.34 14.94
C TRP A 206 -30.99 1.92 14.43
N TRP A 207 -31.79 2.44 15.36
CA TRP A 207 -33.01 3.15 15.04
C TRP A 207 -33.12 4.35 15.98
N PRO A 208 -33.44 5.53 15.46
CA PRO A 208 -33.70 6.67 16.34
C PRO A 208 -34.99 6.45 17.13
N ASP A 209 -35.07 7.15 18.27
CA ASP A 209 -36.10 6.88 19.27
C ASP A 209 -37.48 7.37 18.85
N SER A 210 -37.59 8.06 17.72
CA SER A 210 -38.90 8.34 17.12
C SER A 210 -39.51 7.03 16.64
N GLU A 211 -40.74 6.76 17.05
CA GLU A 211 -41.38 5.48 16.75
C GLU A 211 -41.79 5.36 15.29
N GLN A 212 -41.92 6.49 14.58
CA GLN A 212 -42.24 6.46 13.15
C GLN A 212 -41.14 5.79 12.34
N ALA A 213 -39.88 6.03 12.72
CA ALA A 213 -38.79 5.28 12.12
C ALA A 213 -38.80 3.83 12.57
N GLU A 214 -39.33 3.56 13.76
CA GLU A 214 -39.26 2.23 14.35
C GLU A 214 -40.23 1.25 13.72
N MET A 215 -41.51 1.60 13.54
CA MET A 215 -42.43 0.58 13.05
C MET A 215 -42.40 0.42 11.53
N LEU A 216 -41.77 1.35 10.81
CA LEU A 216 -41.69 1.28 9.35
C LEU A 216 -40.28 0.93 8.88
N ASN A 217 -39.38 0.62 9.83
CA ASN A 217 -38.00 0.17 9.59
C ASN A 217 -37.20 1.21 8.81
N LEU A 218 -37.07 2.40 9.41
CA LEU A 218 -36.19 3.45 8.90
C LEU A 218 -34.94 3.44 9.75
N GLY A 219 -33.99 2.57 9.38
CA GLY A 219 -32.88 2.25 10.24
C GLY A 219 -31.50 2.55 9.66
N TRP A 220 -30.50 2.13 10.41
CA TRP A 220 -29.09 2.31 10.10
C TRP A 220 -28.37 1.02 10.49
N ARG A 221 -27.18 0.80 9.93
CA ARG A 221 -26.35 -0.32 10.34
C ARG A 221 -25.04 0.23 10.85
N PHE A 222 -24.88 0.27 12.17
CA PHE A 222 -23.76 0.93 12.80
C PHE A 222 -22.71 -0.04 13.34
N ASP A 223 -23.09 -1.07 14.08
CA ASP A 223 -22.08 -1.94 14.68
C ASP A 223 -21.72 -3.09 13.75
N TYR A 224 -20.42 -3.36 13.68
CA TYR A 224 -19.86 -4.36 12.80
C TYR A 224 -18.98 -5.30 13.62
N GLN A 225 -18.60 -6.42 13.01
CA GLN A 225 -17.48 -7.22 13.52
C GLN A 225 -16.40 -7.23 12.44
N VAL A 226 -15.43 -6.35 12.59
CA VAL A 226 -14.35 -6.21 11.62
C VAL A 226 -13.35 -7.34 11.87
N LEU A 227 -13.00 -8.06 10.82
CA LEU A 227 -12.18 -9.26 10.91
C LEU A 227 -10.90 -9.11 10.12
N THR A 228 -9.81 -9.63 10.70
CA THR A 228 -8.57 -9.84 9.96
C THR A 228 -8.80 -10.83 8.81
N PRO A 229 -7.98 -10.77 7.75
CA PRO A 229 -8.26 -11.61 6.56
C PRO A 229 -8.19 -13.11 6.78
N GLY A 230 -7.54 -13.58 7.84
CA GLY A 230 -7.47 -15.02 8.07
C GLY A 230 -8.78 -15.63 8.54
N LEU A 231 -9.72 -14.80 8.99
CA LEU A 231 -10.98 -15.28 9.55
C LEU A 231 -12.17 -15.05 8.63
N ARG A 232 -11.96 -14.72 7.37
CA ARG A 232 -13.10 -14.46 6.51
C ARG A 232 -13.80 -15.72 6.04
N ARG A 233 -13.18 -16.89 6.16
CA ARG A 233 -13.80 -18.13 5.71
C ARG A 233 -14.40 -18.93 6.85
N PHE A 234 -14.19 -18.52 8.09
CA PHE A 234 -14.75 -19.24 9.22
C PHE A 234 -16.15 -18.78 9.59
N VAL A 235 -16.66 -17.74 8.95
CA VAL A 235 -17.88 -17.08 9.39
C VAL A 235 -19.07 -17.89 8.90
N ARG A 236 -19.74 -18.61 9.80
CA ARG A 236 -20.91 -19.38 9.42
C ARG A 236 -22.18 -18.54 9.34
N ASN A 237 -22.58 -17.92 10.45
CA ASN A 237 -23.94 -17.38 10.56
C ASN A 237 -23.91 -16.05 11.30
N ALA A 238 -24.15 -14.96 10.57
CA ALA A 238 -24.20 -13.64 11.18
C ALA A 238 -25.62 -13.11 11.05
N LYS A 239 -26.17 -12.61 12.15
CA LYS A 239 -27.55 -12.14 12.11
C LYS A 239 -27.76 -11.04 13.14
N LEU A 240 -28.64 -10.11 12.79
CA LEU A 240 -29.09 -9.02 13.64
C LEU A 240 -30.53 -9.29 14.06
N PRO A 241 -30.78 -9.68 15.32
CA PRO A 241 -32.16 -9.85 15.77
C PRO A 241 -32.91 -8.54 15.83
N ARG A 242 -34.05 -8.50 15.12
CA ARG A 242 -34.84 -7.28 15.01
C ARG A 242 -35.60 -6.99 16.30
N GLN A 243 -36.41 -7.94 16.75
CA GLN A 243 -37.37 -7.72 17.83
C GLN A 243 -36.76 -7.64 19.23
N PRO A 244 -35.96 -8.63 19.73
CA PRO A 244 -35.65 -8.53 21.19
C PRO A 244 -34.48 -7.59 21.48
N ARG A 245 -34.71 -6.29 21.32
CA ARG A 245 -33.67 -5.31 21.56
C ARG A 245 -33.82 -4.68 22.94
N PHE A 246 -32.71 -4.14 23.44
CA PHE A 246 -32.65 -3.62 24.80
C PHE A 246 -32.07 -2.22 24.86
N SER A 247 -31.86 -1.58 23.71
CA SER A 247 -31.40 -0.21 23.62
C SER A 247 -31.81 0.32 22.24
N GLN A 248 -31.21 1.43 21.83
CA GLN A 248 -31.41 1.91 20.46
C GLN A 248 -30.73 1.00 19.44
N HIS A 249 -29.80 0.16 19.87
CA HIS A 249 -29.06 -0.75 19.01
C HIS A 249 -29.60 -2.16 19.11
N ALA A 250 -29.52 -2.86 18.04
CA ALA A 250 -29.83 -4.29 18.01
C ALA A 250 -28.56 -5.10 18.22
N PRO A 251 -28.65 -6.29 18.80
CA PRO A 251 -27.44 -7.12 18.95
C PRO A 251 -26.99 -7.70 17.61
N LEU A 252 -25.72 -8.09 17.58
CA LEU A 252 -25.09 -8.68 16.40
C LEU A 252 -24.50 -10.03 16.79
N ILE A 253 -25.14 -11.12 16.38
CA ILE A 253 -24.77 -12.46 16.79
C ILE A 253 -24.08 -13.13 15.61
N VAL A 254 -22.79 -13.42 15.74
CA VAL A 254 -22.02 -14.01 14.66
C VAL A 254 -21.44 -15.34 15.14
N ASP A 255 -21.66 -16.40 14.34
CA ASP A 255 -21.23 -17.76 14.62
C ASP A 255 -20.10 -18.10 13.66
N TYR A 256 -18.95 -18.47 14.22
CA TYR A 256 -17.73 -18.81 13.51
C TYR A 256 -17.44 -20.30 13.63
N ASP A 257 -16.69 -20.81 12.65
CA ASP A 257 -16.13 -22.16 12.66
C ASP A 257 -14.88 -22.29 13.50
N TRP A 258 -14.48 -21.25 14.21
CA TRP A 258 -13.28 -21.27 15.01
C TRP A 258 -13.53 -22.02 16.31
N GLN A 259 -12.49 -22.65 16.83
CA GLN A 259 -12.55 -23.33 18.12
C GLN A 259 -11.72 -22.52 19.10
N LEU A 260 -12.40 -21.79 19.98
CA LEU A 260 -11.73 -20.86 20.88
C LEU A 260 -11.05 -21.62 22.01
N SER A 261 -9.78 -21.31 22.24
CA SER A 261 -8.98 -21.94 23.27
C SER A 261 -8.52 -20.88 24.27
N ILE A 262 -7.65 -21.30 25.19
CA ILE A 262 -7.15 -20.42 26.23
C ILE A 262 -6.19 -19.40 25.62
N GLY B 1 -12.16 -34.30 10.19
CA GLY B 1 -13.22 -34.49 9.21
C GLY B 1 -12.80 -34.13 7.80
N PRO B 2 -12.94 -32.85 7.45
CA PRO B 2 -12.53 -32.41 6.11
C PRO B 2 -11.01 -32.27 6.01
N ALA B 3 -10.48 -32.70 4.87
CA ALA B 3 -9.05 -32.64 4.62
C ALA B 3 -8.81 -32.45 3.12
N MET B 4 -7.63 -31.92 2.81
CA MET B 4 -7.22 -31.74 1.42
C MET B 4 -5.71 -31.90 1.37
N ARG B 5 -5.21 -32.47 0.28
CA ARG B 5 -3.77 -32.66 0.12
C ARG B 5 -3.35 -32.16 -1.26
N ILE B 6 -2.33 -31.32 -1.30
CA ILE B 6 -1.80 -30.80 -2.54
C ILE B 6 -0.31 -31.11 -2.61
N ILE B 7 0.11 -31.73 -3.73
CA ILE B 7 1.49 -32.09 -4.00
C ILE B 7 1.95 -31.30 -5.21
N SER B 8 3.08 -30.63 -5.10
CA SER B 8 3.56 -29.68 -6.10
C SER B 8 4.96 -30.02 -6.55
N VAL B 9 5.19 -31.29 -6.93
CA VAL B 9 6.52 -31.74 -7.26
C VAL B 9 6.95 -31.21 -8.63
N ASN B 10 8.22 -30.83 -8.73
CA ASN B 10 8.86 -30.43 -9.97
C ASN B 10 9.57 -31.64 -10.55
N VAL B 11 9.41 -31.88 -11.85
CA VAL B 11 9.77 -33.16 -12.45
C VAL B 11 11.00 -33.11 -13.34
N ASN B 12 11.42 -31.92 -13.79
CA ASN B 12 12.54 -31.73 -14.73
C ASN B 12 12.38 -32.60 -15.97
N GLY B 13 11.27 -32.40 -16.68
CA GLY B 13 10.91 -33.28 -17.78
C GLY B 13 10.08 -34.43 -17.26
N ILE B 14 8.86 -34.58 -17.80
CA ILE B 14 7.94 -35.57 -17.25
C ILE B 14 8.32 -36.99 -17.68
N GLN B 15 9.05 -37.13 -18.80
CA GLN B 15 9.38 -38.47 -19.28
C GLN B 15 10.49 -39.10 -18.44
N ALA B 16 11.49 -38.31 -18.05
CA ALA B 16 12.58 -38.82 -17.23
C ALA B 16 12.09 -39.19 -15.83
N ALA B 17 11.24 -38.35 -15.24
CA ALA B 17 10.68 -38.65 -13.93
C ALA B 17 9.68 -39.80 -14.00
N ALA B 18 9.02 -39.99 -15.15
CA ALA B 18 8.14 -41.13 -15.31
C ALA B 18 8.93 -42.42 -15.48
N GLU B 19 10.11 -42.33 -16.10
CA GLU B 19 11.01 -43.48 -16.12
C GLU B 19 11.55 -43.79 -14.73
N ARG B 20 11.80 -42.77 -13.92
CA ARG B 20 12.25 -43.00 -12.55
C ARG B 20 11.11 -43.31 -11.58
N GLY B 21 9.87 -43.42 -12.06
CA GLY B 21 8.80 -43.97 -11.27
C GLY B 21 7.93 -42.97 -10.54
N LEU B 22 7.60 -41.86 -11.19
CA LEU B 22 6.80 -40.82 -10.54
C LEU B 22 5.35 -41.25 -10.38
N LEU B 23 4.75 -41.79 -11.44
CA LEU B 23 3.30 -41.95 -11.50
C LEU B 23 2.81 -43.07 -10.59
N SER B 24 3.60 -44.13 -10.44
CA SER B 24 3.25 -45.18 -9.50
C SER B 24 3.47 -44.74 -8.05
N TRP B 25 4.25 -43.68 -7.85
CA TRP B 25 4.36 -43.08 -6.52
C TRP B 25 3.20 -42.12 -6.26
N LEU B 26 2.86 -41.29 -7.25
CA LEU B 26 1.77 -40.33 -7.09
C LEU B 26 0.42 -41.00 -6.98
N GLN B 27 0.26 -42.20 -7.54
CA GLN B 27 -0.98 -42.95 -7.41
C GLN B 27 -1.22 -43.40 -5.98
N ALA B 28 -0.17 -43.56 -5.18
CA ALA B 28 -0.27 -44.12 -3.84
C ALA B 28 -0.03 -43.08 -2.75
N GLN B 29 -0.43 -41.82 -2.98
CA GLN B 29 -0.29 -40.77 -1.99
C GLN B 29 -1.61 -40.13 -1.59
N ASN B 30 -2.70 -40.39 -2.33
CA ASN B 30 -4.05 -39.87 -2.08
C ASN B 30 -4.05 -38.34 -2.07
N ALA B 31 -3.59 -37.77 -3.18
CA ALA B 31 -3.58 -36.33 -3.37
C ALA B 31 -4.85 -35.89 -4.09
N ASP B 32 -5.39 -34.76 -3.66
CA ASP B 32 -6.53 -34.21 -4.36
C ASP B 32 -6.11 -33.53 -5.66
N VAL B 33 -5.13 -32.64 -5.59
CA VAL B 33 -4.61 -31.94 -6.75
C VAL B 33 -3.09 -32.12 -6.77
N ILE B 34 -2.56 -32.60 -7.89
CA ILE B 34 -1.13 -32.72 -8.11
C ILE B 34 -0.72 -31.64 -9.10
N CYS B 35 0.32 -30.88 -8.75
CA CYS B 35 0.71 -29.68 -9.48
C CYS B 35 2.11 -29.87 -10.06
N LEU B 36 2.20 -30.31 -11.32
CA LEU B 36 3.49 -30.60 -11.94
C LEU B 36 4.00 -29.38 -12.68
N GLN B 37 5.28 -29.07 -12.49
CA GLN B 37 5.92 -27.98 -13.20
C GLN B 37 7.11 -28.53 -13.98
N ASP B 38 7.52 -27.74 -14.98
CA ASP B 38 8.61 -28.07 -15.92
C ASP B 38 8.37 -29.44 -16.56
N THR B 39 7.26 -29.53 -17.29
CA THR B 39 6.83 -30.80 -17.88
C THR B 39 7.74 -31.21 -19.03
N ARG B 40 8.21 -30.23 -19.81
CA ARG B 40 9.03 -30.43 -21.01
C ARG B 40 8.36 -31.34 -22.03
N ALA B 41 7.06 -31.12 -22.24
CA ALA B 41 6.32 -31.88 -23.23
C ALA B 41 5.10 -31.07 -23.64
N SER B 42 4.68 -31.25 -24.89
CA SER B 42 3.48 -30.61 -25.38
C SER B 42 2.24 -31.37 -24.91
N ALA B 43 1.09 -30.70 -24.99
CA ALA B 43 -0.16 -31.29 -24.55
C ALA B 43 -0.63 -32.42 -25.46
N PHE B 44 -0.09 -32.53 -26.67
CA PHE B 44 -0.37 -33.69 -27.51
C PHE B 44 0.42 -34.91 -27.05
N ASP B 45 1.42 -34.71 -26.17
CA ASP B 45 2.16 -35.83 -25.63
C ASP B 45 1.64 -36.32 -24.27
N LEU B 46 0.84 -35.52 -23.57
CA LEU B 46 0.34 -35.93 -22.26
C LEU B 46 -1.01 -36.63 -22.29
N ASP B 47 -1.71 -36.66 -23.43
CA ASP B 47 -2.90 -37.50 -23.50
C ASP B 47 -2.58 -38.95 -23.88
N ASP B 48 -1.29 -39.27 -24.02
CA ASP B 48 -0.80 -40.63 -24.02
C ASP B 48 -1.26 -41.33 -22.73
N PRO B 49 -1.82 -42.54 -22.84
CA PRO B 49 -2.31 -43.23 -21.63
C PRO B 49 -1.22 -43.79 -20.72
N SER B 50 0.05 -43.40 -20.88
CA SER B 50 1.05 -43.73 -19.88
C SER B 50 1.08 -42.66 -18.79
N PHE B 51 0.83 -41.40 -19.14
CA PHE B 51 0.84 -40.32 -18.16
C PHE B 51 -0.48 -40.21 -17.41
N GLN B 52 -1.52 -40.89 -17.84
CA GLN B 52 -2.85 -40.72 -17.26
C GLN B 52 -2.95 -41.54 -15.97
N LEU B 53 -2.94 -40.85 -14.84
CA LEU B 53 -3.38 -41.50 -13.60
C LEU B 53 -4.89 -41.71 -13.66
N ASP B 54 -5.37 -42.76 -13.01
CA ASP B 54 -6.79 -43.05 -13.03
C ASP B 54 -7.49 -42.45 -11.80
N GLY B 55 -8.69 -41.92 -12.04
CA GLY B 55 -9.35 -41.13 -11.02
C GLY B 55 -8.87 -39.71 -10.98
N TYR B 56 -8.17 -39.26 -12.02
CA TYR B 56 -7.62 -37.92 -12.10
C TYR B 56 -7.87 -37.36 -13.49
N PHE B 57 -8.11 -36.06 -13.55
CA PHE B 57 -8.21 -35.33 -14.80
C PHE B 57 -6.92 -34.55 -14.99
N LEU B 58 -6.28 -34.76 -16.13
CA LEU B 58 -4.99 -34.14 -16.45
C LEU B 58 -5.20 -32.98 -17.40
N TYR B 59 -4.87 -31.78 -16.93
CA TYR B 59 -4.93 -30.57 -17.75
C TYR B 59 -3.51 -30.04 -17.90
N ALA B 60 -3.14 -29.63 -19.11
CA ALA B 60 -1.75 -29.33 -19.36
C ALA B 60 -1.60 -28.11 -20.24
N CYS B 61 -0.63 -27.27 -19.91
CA CYS B 61 -0.26 -26.10 -20.70
C CYS B 61 1.15 -26.33 -21.21
N ASP B 62 1.36 -26.11 -22.50
CA ASP B 62 2.64 -26.34 -23.13
C ASP B 62 3.35 -25.01 -23.40
N ALA B 63 4.62 -25.10 -23.76
CA ALA B 63 5.32 -23.95 -24.29
C ALA B 63 5.27 -23.98 -25.82
N GLU B 64 5.62 -22.87 -26.44
CA GLU B 64 5.69 -22.84 -27.89
C GLU B 64 6.88 -23.64 -28.40
N LEU B 65 8.01 -23.60 -27.70
CA LEU B 65 9.08 -24.56 -27.88
C LEU B 65 8.96 -25.57 -26.74
N PRO B 66 8.58 -26.83 -27.04
CA PRO B 66 8.12 -27.74 -25.97
C PRO B 66 9.19 -28.17 -24.98
N GLU B 67 10.47 -27.97 -25.27
CA GLU B 67 11.51 -28.29 -24.30
C GLU B 67 11.80 -27.15 -23.33
N GLN B 68 11.18 -25.98 -23.54
CA GLN B 68 11.56 -24.79 -22.80
C GLN B 68 10.77 -24.65 -21.50
N GLY B 69 9.51 -25.08 -21.50
CA GLY B 69 8.67 -24.96 -20.33
C GLY B 69 7.74 -26.14 -20.14
N GLY B 70 6.46 -25.88 -19.93
CA GLY B 70 5.49 -26.94 -19.79
C GLY B 70 5.05 -27.11 -18.36
N VAL B 71 3.77 -27.41 -18.15
CA VAL B 71 3.11 -27.34 -16.85
C VAL B 71 1.87 -28.24 -16.91
N ALA B 72 1.59 -28.99 -15.83
CA ALA B 72 0.41 -29.84 -15.82
C ALA B 72 -0.24 -29.85 -14.44
N LEU B 73 -1.47 -30.33 -14.40
CA LEU B 73 -2.29 -30.32 -13.20
C LEU B 73 -3.20 -31.53 -13.24
N TYR B 74 -3.02 -32.44 -12.27
CA TYR B 74 -3.96 -33.54 -12.05
C TYR B 74 -4.95 -33.12 -10.99
N SER B 75 -6.22 -33.41 -11.22
CA SER B 75 -7.27 -33.04 -10.30
C SER B 75 -8.16 -34.23 -10.00
N ARG B 76 -8.52 -34.40 -8.73
CA ARG B 76 -9.46 -35.44 -8.35
C ARG B 76 -10.84 -35.16 -8.94
N LEU B 77 -11.43 -34.01 -8.59
CA LEU B 77 -12.70 -33.57 -9.13
C LEU B 77 -12.44 -32.73 -10.37
N GLN B 78 -13.41 -32.73 -11.27
CA GLN B 78 -13.32 -31.88 -12.45
C GLN B 78 -13.57 -30.44 -12.03
N PRO B 79 -12.65 -29.51 -12.32
CA PRO B 79 -12.81 -28.13 -11.83
C PRO B 79 -13.94 -27.41 -12.53
N LYS B 80 -14.30 -26.25 -11.97
CA LYS B 80 -15.24 -25.37 -12.65
C LYS B 80 -14.59 -24.78 -13.89
N ALA B 81 -13.35 -24.35 -13.80
CA ALA B 81 -12.72 -23.73 -14.97
C ALA B 81 -11.21 -23.89 -14.93
N VAL B 82 -10.62 -24.37 -16.01
CA VAL B 82 -9.17 -24.51 -16.14
C VAL B 82 -8.70 -23.51 -17.17
N ILE B 83 -8.00 -22.47 -16.72
CA ILE B 83 -7.52 -21.42 -17.60
C ILE B 83 -6.00 -21.48 -17.62
N SER B 84 -5.42 -20.82 -18.62
CA SER B 84 -3.97 -20.89 -18.83
C SER B 84 -3.43 -19.50 -19.12
N GLY B 85 -2.19 -19.28 -18.71
CA GLY B 85 -1.52 -18.02 -18.96
C GLY B 85 -1.86 -16.95 -17.95
N LEU B 86 -1.00 -15.92 -17.91
CA LEU B 86 -1.18 -14.79 -17.01
C LEU B 86 -1.49 -13.48 -17.73
N GLY B 87 -1.14 -13.37 -19.02
CA GLY B 87 -1.36 -12.14 -19.73
C GLY B 87 -0.08 -11.49 -20.22
N PHE B 88 0.96 -11.51 -19.40
CA PHE B 88 2.22 -10.95 -19.84
C PHE B 88 3.06 -12.01 -20.56
N GLU B 89 4.04 -11.53 -21.33
CA GLU B 89 4.64 -12.31 -22.41
C GLU B 89 5.55 -13.43 -21.90
N THR B 90 6.31 -13.19 -20.83
CA THR B 90 7.22 -14.21 -20.33
C THR B 90 6.55 -15.26 -19.45
N ALA B 91 5.22 -15.34 -19.47
CA ALA B 91 4.47 -16.44 -18.87
C ALA B 91 3.55 -17.13 -19.86
N ASP B 92 2.88 -16.37 -20.73
CA ASP B 92 1.84 -16.94 -21.58
C ASP B 92 2.45 -17.75 -22.73
N ARG B 93 3.57 -17.28 -23.29
CA ARG B 93 4.14 -17.93 -24.46
C ARG B 93 4.91 -19.19 -24.06
N TYR B 94 5.53 -19.21 -22.89
CA TYR B 94 6.49 -20.25 -22.54
C TYR B 94 5.92 -21.28 -21.58
N GLY B 95 4.61 -21.27 -21.33
CA GLY B 95 3.95 -22.28 -20.54
C GLY B 95 4.38 -22.34 -19.09
N ARG B 96 4.05 -21.31 -18.31
CA ARG B 96 4.51 -21.23 -16.93
C ARG B 96 3.39 -20.97 -15.94
N TYR B 97 2.14 -21.20 -16.33
CA TYR B 97 1.02 -20.95 -15.42
C TYR B 97 -0.18 -21.76 -15.87
N LEU B 98 -0.85 -22.41 -14.93
CA LEU B 98 -2.11 -23.07 -15.23
C LEU B 98 -2.99 -23.03 -13.98
N GLN B 99 -4.22 -22.56 -14.14
CA GLN B 99 -5.10 -22.28 -13.01
C GLN B 99 -6.34 -23.15 -13.08
N ALA B 100 -6.52 -24.01 -12.08
CA ALA B 100 -7.77 -24.73 -11.91
C ALA B 100 -8.66 -23.94 -10.97
N ASP B 101 -9.96 -23.97 -11.23
CA ASP B 101 -10.95 -23.14 -10.57
C ASP B 101 -12.03 -24.05 -10.03
N PHE B 102 -12.20 -24.00 -8.70
CA PHE B 102 -13.10 -24.82 -7.89
C PHE B 102 -14.13 -23.89 -7.23
N ASP B 103 -14.85 -24.42 -6.24
CA ASP B 103 -16.00 -23.76 -5.63
C ASP B 103 -15.68 -22.41 -5.00
N LYS B 104 -14.90 -22.40 -3.93
CA LYS B 104 -14.45 -21.14 -3.35
C LYS B 104 -12.98 -20.86 -3.55
N VAL B 105 -12.17 -21.87 -3.86
CA VAL B 105 -10.73 -21.74 -3.93
C VAL B 105 -10.32 -22.00 -5.36
N SER B 106 -9.08 -21.66 -5.69
CA SER B 106 -8.52 -21.94 -7.00
C SER B 106 -7.06 -22.31 -6.82
N ILE B 107 -6.60 -23.29 -7.59
CA ILE B 107 -5.27 -23.86 -7.39
C ILE B 107 -4.47 -23.66 -8.66
N ALA B 108 -3.35 -22.95 -8.55
CA ALA B 108 -2.58 -22.55 -9.71
C ALA B 108 -1.17 -23.11 -9.63
N THR B 109 -0.78 -23.77 -10.70
CA THR B 109 0.58 -24.24 -10.94
C THR B 109 1.37 -23.13 -11.57
N LEU B 110 2.63 -23.00 -11.16
CA LEU B 110 3.46 -21.87 -11.52
C LEU B 110 4.89 -22.32 -11.73
N LEU B 111 5.49 -21.92 -12.84
CA LEU B 111 6.87 -22.21 -13.16
C LEU B 111 7.59 -20.90 -13.44
N LEU B 112 8.89 -20.87 -13.19
CA LEU B 112 9.69 -19.69 -13.41
C LEU B 112 10.92 -20.02 -14.25
N PRO B 113 11.46 -19.04 -14.96
CA PRO B 113 12.84 -19.19 -15.45
C PRO B 113 13.80 -19.28 -14.29
N SER B 114 14.72 -20.25 -14.36
CA SER B 114 15.56 -20.57 -13.22
C SER B 114 16.57 -19.48 -12.91
N GLY B 115 17.03 -18.76 -13.94
CA GLY B 115 18.02 -17.72 -13.76
C GLY B 115 19.44 -18.21 -13.60
N GLN B 116 19.65 -19.51 -13.52
CA GLN B 116 20.97 -20.10 -13.31
C GLN B 116 21.66 -20.44 -14.62
N SER B 117 21.08 -20.08 -15.77
CA SER B 117 21.70 -20.33 -17.06
C SER B 117 22.75 -19.27 -17.37
N GLY B 118 22.32 -18.01 -17.46
CA GLY B 118 23.21 -16.91 -17.77
C GLY B 118 22.62 -15.59 -17.32
N ASP B 119 23.07 -14.51 -17.95
CA ASP B 119 22.59 -13.19 -17.58
C ASP B 119 21.27 -12.86 -18.30
N GLU B 120 21.08 -13.42 -19.50
CA GLU B 120 19.82 -13.25 -20.21
C GLU B 120 18.68 -13.96 -19.47
N SER B 121 18.96 -15.14 -18.93
CA SER B 121 17.97 -15.85 -18.12
C SER B 121 17.68 -15.10 -16.82
N LEU B 122 18.67 -14.40 -16.28
CA LEU B 122 18.44 -13.62 -15.06
C LEU B 122 17.63 -12.36 -15.34
N ASN B 123 17.83 -11.76 -16.52
CA ASN B 123 17.01 -10.61 -16.90
C ASN B 123 15.56 -11.03 -17.17
N GLN B 124 15.38 -12.18 -17.83
CA GLN B 124 14.04 -12.71 -18.04
C GLN B 124 13.37 -13.08 -16.71
N LYS B 125 14.16 -13.58 -15.76
CA LYS B 125 13.65 -13.91 -14.44
C LYS B 125 13.20 -12.65 -13.69
N PHE B 126 14.00 -11.58 -13.76
CA PHE B 126 13.64 -10.33 -13.09
C PHE B 126 12.40 -9.69 -13.70
N LYS B 127 12.27 -9.72 -15.03
CA LYS B 127 11.07 -9.15 -15.61
C LYS B 127 9.84 -10.02 -15.36
N PHE B 128 10.03 -11.35 -15.24
CA PHE B 128 8.94 -12.22 -14.80
C PHE B 128 8.49 -11.87 -13.40
N MET B 129 9.45 -11.70 -12.49
CA MET B 129 9.15 -11.39 -11.10
C MET B 129 8.42 -10.06 -10.96
N ASP B 130 8.83 -9.05 -11.75
CA ASP B 130 8.14 -7.76 -11.69
C ASP B 130 6.74 -7.82 -12.28
N ASP B 131 6.57 -8.46 -13.45
CA ASP B 131 5.23 -8.55 -14.03
C ASP B 131 4.31 -9.45 -13.22
N PHE B 132 4.87 -10.45 -12.55
CA PHE B 132 4.08 -11.33 -11.69
C PHE B 132 3.66 -10.62 -10.42
N THR B 133 4.51 -9.75 -9.88
CA THR B 133 4.09 -8.91 -8.75
C THR B 133 3.00 -7.92 -9.19
N HIS B 134 3.10 -7.42 -10.42
CA HIS B 134 2.06 -6.55 -10.97
C HIS B 134 0.74 -7.31 -11.14
N TYR B 135 0.81 -8.59 -11.47
CA TYR B 135 -0.39 -9.42 -11.52
C TYR B 135 -0.97 -9.64 -10.12
N LEU B 136 -0.10 -9.98 -9.16
CA LEU B 136 -0.54 -10.32 -7.81
C LEU B 136 -1.08 -9.11 -7.06
N SER B 137 -0.68 -7.90 -7.45
CA SER B 137 -1.26 -6.69 -6.86
C SER B 137 -2.74 -6.56 -7.22
N LYS B 138 -3.11 -7.00 -8.42
CA LYS B 138 -4.50 -6.88 -8.86
C LYS B 138 -5.37 -8.01 -8.34
N GLN B 139 -4.79 -9.06 -7.77
CA GLN B 139 -5.57 -10.21 -7.35
C GLN B 139 -6.23 -10.04 -5.99
N ARG B 140 -5.84 -9.01 -5.23
CA ARG B 140 -6.39 -8.83 -3.90
C ARG B 140 -7.80 -8.25 -3.91
N ARG B 141 -8.29 -7.78 -5.07
CA ARG B 141 -9.63 -7.24 -5.14
C ARG B 141 -10.69 -8.31 -5.37
N LYS B 142 -10.30 -9.54 -5.69
CA LYS B 142 -11.27 -10.59 -5.96
C LYS B 142 -11.35 -11.55 -4.77
N ARG B 143 -12.46 -12.30 -4.72
CA ARG B 143 -12.78 -13.13 -3.58
C ARG B 143 -12.50 -14.61 -3.80
N ARG B 144 -12.24 -15.01 -5.04
CA ARG B 144 -11.73 -16.34 -5.31
C ARG B 144 -10.36 -16.52 -4.67
N GLU B 145 -10.26 -17.46 -3.74
CA GLU B 145 -8.99 -17.74 -3.08
C GLU B 145 -8.04 -18.44 -4.05
N TYR B 146 -6.75 -18.29 -3.80
CA TYR B 146 -5.74 -18.84 -4.69
C TYR B 146 -4.73 -19.65 -3.90
N ILE B 147 -4.19 -20.68 -4.56
CA ILE B 147 -3.10 -21.49 -4.03
C ILE B 147 -2.09 -21.60 -5.17
N TYR B 148 -1.02 -20.81 -5.11
CA TYR B 148 0.00 -20.81 -6.16
C TYR B 148 1.06 -21.83 -5.77
N CYS B 149 1.06 -22.97 -6.46
CA CYS B 149 2.05 -24.01 -6.21
C CYS B 149 3.21 -23.77 -7.17
N GLY B 150 4.22 -23.04 -6.72
CA GLY B 150 5.21 -22.55 -7.65
C GLY B 150 6.64 -22.94 -7.37
N SER B 151 7.32 -23.48 -8.38
CA SER B 151 8.77 -23.64 -8.35
C SER B 151 9.39 -22.28 -8.66
N LEU B 152 9.55 -21.46 -7.62
CA LEU B 152 9.96 -20.08 -7.81
C LEU B 152 11.45 -19.93 -8.10
N TYR B 153 12.25 -20.96 -7.83
CA TYR B 153 13.71 -20.97 -7.95
C TYR B 153 14.39 -19.86 -7.15
N VAL B 154 13.76 -19.36 -6.09
CA VAL B 154 14.28 -18.25 -5.30
C VAL B 154 14.12 -18.63 -3.84
N ALA B 155 15.22 -18.61 -3.09
CA ALA B 155 15.13 -18.77 -1.66
C ALA B 155 14.74 -17.46 -1.00
N HIS B 156 14.12 -17.58 0.18
CA HIS B 156 13.58 -16.42 0.88
C HIS B 156 14.54 -15.87 1.93
N GLN B 157 14.97 -16.68 2.87
CA GLN B 157 15.81 -16.21 3.96
C GLN B 157 16.90 -17.23 4.24
N LYS B 158 17.70 -16.93 5.26
CA LYS B 158 18.96 -17.64 5.48
C LYS B 158 18.77 -19.06 5.97
N MET B 159 17.55 -19.40 6.41
CA MET B 159 17.23 -20.75 6.84
C MET B 159 16.85 -21.64 5.65
N ASP B 160 16.55 -21.03 4.50
CA ASP B 160 16.15 -21.77 3.31
C ASP B 160 17.33 -22.17 2.44
N VAL B 161 18.56 -21.84 2.83
CA VAL B 161 19.76 -22.26 2.13
C VAL B 161 20.74 -22.85 3.14
N LYS B 162 21.70 -23.60 2.63
CA LYS B 162 22.81 -24.10 3.43
C LYS B 162 24.06 -23.32 3.07
N ASN B 163 24.72 -22.77 4.10
CA ASN B 163 25.92 -21.93 3.98
C ASN B 163 25.64 -20.70 3.10
N TRP B 164 24.80 -19.82 3.65
CA TRP B 164 24.38 -18.62 2.93
C TRP B 164 25.50 -17.63 2.70
N ARG B 165 26.60 -17.73 3.45
CA ARG B 165 27.72 -16.81 3.26
C ARG B 165 28.47 -17.05 1.95
N GLU B 166 28.32 -18.24 1.36
CA GLU B 166 28.86 -18.51 0.05
C GLU B 166 27.78 -18.71 -1.01
N CYS B 167 26.58 -18.17 -0.79
CA CYS B 167 25.48 -18.28 -1.73
C CYS B 167 24.88 -16.93 -2.11
N GLN B 168 25.45 -15.82 -1.63
CA GLN B 168 24.86 -14.51 -1.88
C GLN B 168 25.00 -14.03 -3.33
N GLN B 169 25.86 -14.66 -4.12
CA GLN B 169 26.07 -14.24 -5.49
C GLN B 169 25.54 -15.22 -6.51
N MET B 170 25.11 -16.40 -6.10
CA MET B 170 24.49 -17.31 -7.05
C MET B 170 23.01 -16.96 -7.22
N PRO B 171 22.47 -17.09 -8.43
CA PRO B 171 21.04 -16.83 -8.63
C PRO B 171 20.18 -17.85 -7.90
N GLY B 172 19.21 -17.34 -7.15
CA GLY B 172 18.48 -18.12 -6.18
C GLY B 172 18.54 -17.55 -4.77
N PHE B 173 19.55 -16.72 -4.49
CA PHE B 173 19.69 -16.09 -3.18
C PHE B 173 20.16 -14.65 -3.34
N LEU B 174 19.81 -14.01 -4.45
CA LEU B 174 20.24 -12.63 -4.67
C LEU B 174 19.43 -11.67 -3.82
N ALA B 175 19.93 -10.44 -3.70
CA ALA B 175 19.25 -9.42 -2.91
C ALA B 175 17.98 -8.86 -3.55
N PRO B 176 17.90 -8.60 -4.88
CA PRO B 176 16.57 -8.30 -5.44
C PRO B 176 15.61 -9.48 -5.39
N GLU B 177 16.12 -10.71 -5.42
CA GLU B 177 15.26 -11.89 -5.36
C GLU B 177 14.65 -12.07 -3.98
N ARG B 178 15.47 -11.95 -2.93
CA ARG B 178 14.94 -12.02 -1.57
C ARG B 178 14.10 -10.80 -1.24
N ALA B 179 14.41 -9.66 -1.86
CA ALA B 179 13.55 -8.48 -1.75
C ALA B 179 12.18 -8.75 -2.35
N TRP B 180 12.15 -9.45 -3.48
CA TRP B 180 10.88 -9.83 -4.11
C TRP B 180 10.07 -10.77 -3.23
N LEU B 181 10.72 -11.77 -2.63
CA LEU B 181 9.97 -12.71 -1.79
C LEU B 181 9.46 -12.07 -0.51
N ASP B 182 10.28 -11.28 0.18
CA ASP B 182 9.71 -10.67 1.38
C ASP B 182 8.88 -9.42 1.06
N GLU B 183 8.78 -9.03 -0.21
CA GLU B 183 7.73 -8.09 -0.59
C GLU B 183 6.43 -8.84 -0.88
N VAL B 184 6.51 -10.06 -1.42
CA VAL B 184 5.30 -10.84 -1.66
C VAL B 184 4.73 -11.39 -0.36
N PHE B 185 5.56 -12.06 0.44
CA PHE B 185 5.06 -12.62 1.69
C PHE B 185 4.87 -11.55 2.76
N GLY B 186 5.68 -10.50 2.75
CA GLY B 186 5.63 -9.51 3.81
C GLY B 186 4.53 -8.49 3.67
N ASN B 187 4.57 -7.69 2.61
CA ASN B 187 3.67 -6.56 2.48
C ASN B 187 2.37 -6.89 1.77
N LEU B 188 2.37 -7.91 0.90
CA LEU B 188 1.16 -8.28 0.17
C LEU B 188 0.31 -9.30 0.92
N GLY B 189 0.72 -9.71 2.12
CA GLY B 189 -0.08 -10.56 2.97
C GLY B 189 -0.07 -12.03 2.64
N TYR B 190 0.60 -12.44 1.55
CA TYR B 190 0.62 -13.84 1.17
C TYR B 190 1.45 -14.68 2.13
N ALA B 191 1.19 -15.98 2.14
CA ALA B 191 1.70 -16.86 3.16
C ALA B 191 2.39 -18.07 2.54
N ASP B 192 3.56 -18.40 3.08
CA ASP B 192 4.26 -19.62 2.73
C ASP B 192 3.65 -20.77 3.50
N ALA B 193 3.09 -21.76 2.78
CA ALA B 193 2.39 -22.85 3.44
C ALA B 193 3.35 -23.78 4.19
N LEU B 194 4.61 -23.81 3.80
CA LEU B 194 5.57 -24.64 4.51
C LEU B 194 6.04 -23.98 5.80
N ARG B 195 5.94 -22.64 5.89
CA ARG B 195 6.34 -21.93 7.09
C ARG B 195 5.18 -21.64 8.03
N GLU B 196 3.93 -21.86 7.61
CA GLU B 196 2.79 -21.60 8.48
C GLU B 196 2.64 -22.68 9.54
N VAL B 197 3.27 -23.84 9.36
CA VAL B 197 3.22 -24.92 10.34
C VAL B 197 4.61 -25.27 10.86
N SER B 198 5.58 -25.50 9.98
CA SER B 198 6.90 -26.00 10.39
C SER B 198 7.90 -24.87 10.29
N ARG B 199 8.20 -24.26 11.45
CA ARG B 199 9.21 -23.21 11.54
C ARG B 199 10.52 -23.86 12.00
N GLU B 200 11.10 -24.65 11.10
CA GLU B 200 12.30 -25.41 11.43
C GLU B 200 13.31 -25.26 10.30
N GLY B 201 14.58 -25.38 10.64
CA GLY B 201 15.64 -25.41 9.66
C GLY B 201 15.79 -26.79 9.04
N ASP B 202 16.74 -26.87 8.10
CA ASP B 202 17.12 -28.10 7.38
C ASP B 202 15.95 -28.74 6.65
N GLN B 203 15.10 -27.90 6.06
CA GLN B 203 14.03 -28.36 5.17
C GLN B 203 14.32 -27.77 3.79
N PHE B 204 14.86 -28.61 2.91
CA PHE B 204 15.33 -28.18 1.60
C PHE B 204 14.57 -28.90 0.51
N SER B 205 14.58 -28.29 -0.67
CA SER B 205 13.82 -28.77 -1.81
C SER B 205 14.68 -29.12 -3.01
N TRP B 206 15.69 -28.31 -3.30
CA TRP B 206 16.51 -28.50 -4.49
C TRP B 206 17.92 -28.90 -4.10
N TRP B 207 18.54 -29.73 -4.94
CA TRP B 207 19.93 -30.09 -4.79
C TRP B 207 20.58 -30.13 -6.17
N PRO B 208 21.80 -29.61 -6.31
CA PRO B 208 22.53 -29.77 -7.56
C PRO B 208 22.95 -31.23 -7.74
N ASP B 209 23.28 -31.58 -8.98
CA ASP B 209 23.48 -32.98 -9.33
C ASP B 209 24.84 -33.51 -8.89
N SER B 210 25.66 -32.70 -8.23
CA SER B 210 26.86 -33.20 -7.56
C SER B 210 26.46 -34.12 -6.42
N GLU B 211 27.06 -35.30 -6.38
CA GLU B 211 26.71 -36.29 -5.36
C GLU B 211 27.24 -35.91 -3.98
N GLN B 212 28.30 -35.11 -3.91
CA GLN B 212 28.79 -34.65 -2.61
C GLN B 212 27.83 -33.64 -2.00
N ALA B 213 27.11 -32.89 -2.84
CA ALA B 213 26.09 -31.99 -2.34
C ALA B 213 24.90 -32.78 -1.78
N GLU B 214 24.50 -33.84 -2.47
CA GLU B 214 23.39 -34.67 -2.01
C GLU B 214 23.74 -35.48 -0.76
N MET B 215 25.01 -35.84 -0.58
CA MET B 215 25.39 -36.69 0.55
C MET B 215 25.38 -35.93 1.86
N LEU B 216 25.80 -34.67 1.85
CA LEU B 216 25.98 -33.89 3.07
C LEU B 216 24.90 -32.82 3.24
N ASN B 217 23.83 -32.89 2.42
CA ASN B 217 22.65 -32.00 2.46
C ASN B 217 23.06 -30.54 2.27
N LEU B 218 23.62 -30.26 1.09
CA LEU B 218 23.91 -28.89 0.66
C LEU B 218 22.79 -28.44 -0.28
N GLY B 219 21.66 -28.06 0.33
CA GLY B 219 20.43 -27.89 -0.40
C GLY B 219 19.97 -26.45 -0.55
N TRP B 220 18.77 -26.32 -1.12
CA TRP B 220 18.10 -25.07 -1.36
C TRP B 220 16.61 -25.31 -1.15
N ARG B 221 15.84 -24.24 -0.99
CA ARG B 221 14.38 -24.37 -0.93
C ARG B 221 13.79 -23.45 -1.99
N PHE B 222 13.30 -24.04 -3.07
CA PHE B 222 12.87 -23.31 -4.25
C PHE B 222 11.38 -23.34 -4.50
N ASP B 223 10.70 -24.47 -4.32
CA ASP B 223 9.28 -24.52 -4.60
C ASP B 223 8.48 -24.28 -3.32
N TYR B 224 7.43 -23.47 -3.46
CA TYR B 224 6.61 -23.00 -2.37
C TYR B 224 5.16 -23.24 -2.71
N GLN B 225 4.30 -23.18 -1.71
CA GLN B 225 2.86 -23.03 -1.92
C GLN B 225 2.44 -21.70 -1.34
N VAL B 226 2.33 -20.69 -2.19
CA VAL B 226 1.97 -19.35 -1.78
C VAL B 226 0.46 -19.27 -1.63
N LEU B 227 0.00 -18.71 -0.51
CA LEU B 227 -1.40 -18.73 -0.14
C LEU B 227 -1.93 -17.32 0.02
N THR B 228 -3.14 -17.09 -0.46
CA THR B 228 -3.90 -15.89 -0.12
C THR B 228 -4.14 -15.84 1.39
N PRO B 229 -4.30 -14.64 1.97
CA PRO B 229 -4.36 -14.53 3.44
C PRO B 229 -5.54 -15.23 4.11
N GLY B 230 -6.59 -15.59 3.38
CA GLY B 230 -7.68 -16.30 4.00
C GLY B 230 -7.40 -17.76 4.30
N LEU B 231 -6.31 -18.30 3.76
CA LEU B 231 -5.99 -19.72 3.88
C LEU B 231 -4.82 -20.01 4.80
N ARG B 232 -4.36 -19.03 5.58
CA ARG B 232 -3.20 -19.30 6.42
C ARG B 232 -3.52 -20.11 7.66
N ARG B 233 -4.79 -20.21 8.04
CA ARG B 233 -5.17 -20.96 9.24
C ARG B 233 -5.63 -22.37 8.93
N PHE B 234 -5.67 -22.76 7.66
CA PHE B 234 -6.12 -24.09 7.30
C PHE B 234 -4.98 -25.08 7.11
N VAL B 235 -3.73 -24.63 7.19
CA VAL B 235 -2.59 -25.49 6.93
C VAL B 235 -2.37 -26.42 8.11
N ARG B 236 -2.66 -27.71 7.93
CA ARG B 236 -2.31 -28.68 8.95
C ARG B 236 -0.85 -29.11 8.86
N ASN B 237 -0.47 -29.73 7.75
CA ASN B 237 0.81 -30.46 7.72
C ASN B 237 1.51 -30.23 6.40
N ALA B 238 2.64 -29.54 6.42
CA ALA B 238 3.44 -29.33 5.23
C ALA B 238 4.77 -30.02 5.41
N LYS B 239 5.19 -30.78 4.40
CA LYS B 239 6.43 -31.52 4.51
C LYS B 239 7.07 -31.70 3.15
N LEU B 240 8.40 -31.63 3.13
CA LEU B 240 9.23 -31.94 1.96
C LEU B 240 9.87 -33.30 2.19
N PRO B 241 9.42 -34.37 1.51
CA PRO B 241 10.06 -35.68 1.66
C PRO B 241 11.48 -35.67 1.11
N ARG B 242 12.41 -36.08 1.96
CA ARG B 242 13.83 -36.02 1.63
C ARG B 242 14.21 -37.12 0.63
N GLN B 243 13.87 -38.37 0.96
CA GLN B 243 14.36 -39.52 0.22
C GLN B 243 13.66 -39.81 -1.12
N PRO B 244 12.30 -39.93 -1.22
CA PRO B 244 11.78 -40.41 -2.53
C PRO B 244 11.77 -39.33 -3.63
N ARG B 245 12.93 -39.11 -4.22
CA ARG B 245 13.13 -38.06 -5.20
C ARG B 245 13.01 -38.60 -6.62
N PHE B 246 12.55 -37.74 -7.52
CA PHE B 246 12.34 -38.13 -8.91
C PHE B 246 12.89 -37.12 -9.90
N SER B 247 13.57 -36.09 -9.42
CA SER B 247 14.22 -35.07 -10.23
C SER B 247 15.30 -34.43 -9.36
N GLN B 248 15.80 -33.27 -9.79
CA GLN B 248 16.63 -32.47 -8.90
C GLN B 248 15.83 -31.87 -7.75
N HIS B 249 14.50 -31.82 -7.88
CA HIS B 249 13.60 -31.29 -6.88
C HIS B 249 12.95 -32.40 -6.07
N ALA B 250 12.60 -32.09 -4.86
CA ALA B 250 11.85 -32.91 -3.95
C ALA B 250 10.39 -32.47 -3.91
N PRO B 251 9.44 -33.36 -3.66
CA PRO B 251 8.03 -32.94 -3.64
C PRO B 251 7.70 -32.12 -2.40
N LEU B 252 6.56 -31.41 -2.48
CA LEU B 252 6.06 -30.58 -1.40
C LEU B 252 4.62 -30.98 -1.12
N ILE B 253 4.39 -31.68 -0.03
CA ILE B 253 3.08 -32.24 0.30
C ILE B 253 2.49 -31.41 1.42
N VAL B 254 1.40 -30.69 1.13
CA VAL B 254 0.76 -29.84 2.13
C VAL B 254 -0.67 -30.31 2.32
N ASP B 255 -1.05 -30.55 3.58
CA ASP B 255 -2.36 -31.02 3.98
C ASP B 255 -3.08 -29.85 4.63
N TYR B 256 -4.22 -29.49 4.05
CA TYR B 256 -5.07 -28.38 4.46
C TYR B 256 -6.34 -28.90 5.13
N ASP B 257 -6.93 -28.05 5.96
CA ASP B 257 -8.24 -28.28 6.57
C ASP B 257 -9.39 -27.91 5.65
N TRP B 258 -9.11 -27.56 4.41
CA TRP B 258 -10.15 -27.15 3.48
C TRP B 258 -10.86 -28.39 2.93
N GLN B 259 -12.12 -28.21 2.56
CA GLN B 259 -12.91 -29.26 1.92
C GLN B 259 -13.12 -28.83 0.48
N LEU B 260 -12.38 -29.45 -0.43
CA LEU B 260 -12.41 -29.05 -1.83
C LEU B 260 -13.70 -29.51 -2.48
N SER B 261 -14.32 -28.61 -3.24
CA SER B 261 -15.59 -28.91 -3.88
C SER B 261 -15.52 -28.63 -5.38
N ILE B 262 -16.64 -28.70 -6.06
CA ILE B 262 -16.67 -28.46 -7.49
C ILE B 262 -16.68 -26.96 -7.73
N HIS C 1 -48.35 -14.06 -25.66
CA HIS C 1 -47.36 -14.83 -26.45
C HIS C 1 -47.32 -16.30 -25.98
N SER C 2 -46.69 -16.57 -24.84
CA SER C 2 -46.54 -17.91 -24.24
C SER C 2 -46.34 -17.79 -22.71
N LEU C 3 -45.59 -18.68 -22.05
CA LEU C 3 -45.68 -19.03 -20.63
C LEU C 3 -45.71 -17.89 -19.60
N GLN C 4 -45.18 -16.73 -19.92
CA GLN C 4 -45.14 -15.60 -18.99
C GLN C 4 -46.48 -14.91 -18.76
N ASP C 5 -47.41 -14.93 -19.71
CA ASP C 5 -48.76 -14.38 -19.51
C ASP C 5 -49.56 -15.22 -18.50
N PRO C 6 -49.75 -16.55 -18.67
CA PRO C 6 -50.35 -17.41 -17.65
C PRO C 6 -49.68 -17.31 -16.26
N TYR C 7 -48.36 -17.15 -16.22
CA TYR C 7 -47.59 -16.99 -14.98
C TYR C 7 -47.94 -15.68 -14.28
N LEU C 8 -47.86 -14.53 -14.97
CA LEU C 8 -48.16 -13.24 -14.36
C LEU C 8 -49.63 -13.05 -14.04
N ASN C 9 -50.55 -13.55 -14.87
CA ASN C 9 -51.98 -13.47 -14.56
C ASN C 9 -52.34 -14.22 -13.28
N THR C 10 -51.67 -15.33 -12.96
CA THR C 10 -51.87 -16.02 -11.68
C THR C 10 -51.44 -15.16 -10.49
N LEU C 11 -50.27 -14.52 -10.58
CA LEU C 11 -49.73 -13.63 -9.55
C LEU C 11 -50.57 -12.37 -9.33
N ARG C 12 -51.30 -11.89 -10.36
CA ARG C 12 -52.33 -10.86 -10.22
C ARG C 12 -53.50 -11.34 -9.36
N LYS C 13 -54.18 -12.40 -9.80
CA LYS C 13 -55.52 -12.77 -9.31
C LYS C 13 -55.50 -13.55 -8.00
N GLU C 14 -54.40 -14.22 -7.69
CA GLU C 14 -54.13 -14.77 -6.34
C GLU C 14 -53.44 -13.75 -5.42
N ARG C 15 -53.15 -12.53 -5.92
CA ARG C 15 -52.59 -11.36 -5.22
C ARG C 15 -51.39 -11.68 -4.32
N VAL C 16 -50.26 -11.99 -4.96
CA VAL C 16 -49.07 -12.60 -4.33
C VAL C 16 -47.99 -11.53 -4.15
N PRO C 17 -47.34 -11.34 -2.98
CA PRO C 17 -46.33 -10.27 -2.86
C PRO C 17 -45.02 -10.59 -3.59
N VAL C 18 -45.00 -10.38 -4.92
CA VAL C 18 -43.82 -10.59 -5.78
C VAL C 18 -42.67 -9.68 -5.41
N SER C 19 -41.51 -10.00 -5.95
CA SER C 19 -40.29 -9.22 -5.83
C SER C 19 -39.58 -9.26 -7.17
N ILE C 20 -39.47 -8.10 -7.81
CA ILE C 20 -38.90 -7.99 -9.15
C ILE C 20 -37.46 -7.54 -9.03
N TYR C 21 -36.54 -8.37 -9.53
CA TYR C 21 -35.12 -8.06 -9.54
C TYR C 21 -34.73 -7.59 -10.92
N LEU C 22 -34.12 -6.41 -11.00
CA LEU C 22 -33.82 -5.74 -12.24
C LEU C 22 -32.50 -6.25 -12.83
N VAL C 23 -32.11 -5.69 -13.98
CA VAL C 23 -30.89 -6.11 -14.65
C VAL C 23 -29.67 -5.67 -13.86
N ASN C 24 -29.72 -4.48 -13.27
CA ASN C 24 -28.66 -3.99 -12.40
C ASN C 24 -28.77 -4.53 -10.98
N GLY C 25 -29.69 -5.45 -10.71
CA GLY C 25 -29.76 -6.13 -9.43
C GLY C 25 -30.40 -5.31 -8.33
N ILE C 26 -31.65 -4.90 -8.51
CA ILE C 26 -32.37 -4.12 -7.52
C ILE C 26 -33.74 -4.76 -7.32
N LYS C 27 -34.05 -5.13 -6.09
CA LYS C 27 -35.32 -5.77 -5.81
C LYS C 27 -36.40 -4.75 -5.50
N LEU C 28 -37.58 -4.99 -6.06
CA LEU C 28 -38.76 -4.16 -5.88
C LEU C 28 -39.85 -5.08 -5.37
N GLN C 29 -40.17 -5.00 -4.08
CA GLN C 29 -41.28 -5.77 -3.54
C GLN C 29 -42.59 -5.06 -3.82
N GLY C 30 -43.64 -5.85 -4.00
CA GLY C 30 -44.97 -5.30 -4.16
C GLY C 30 -45.86 -6.29 -4.87
N GLN C 31 -46.94 -5.78 -5.41
CA GLN C 31 -47.93 -6.58 -6.10
C GLN C 31 -47.98 -6.16 -7.57
N ILE C 32 -48.71 -6.90 -8.39
CA ILE C 32 -48.86 -6.59 -9.81
C ILE C 32 -50.29 -6.09 -10.03
N GLU C 33 -50.45 -4.81 -10.37
CA GLU C 33 -51.73 -4.27 -10.83
C GLU C 33 -52.16 -4.94 -12.13
N SER C 34 -51.38 -4.73 -13.20
CA SER C 34 -51.69 -5.29 -14.51
C SER C 34 -50.41 -5.28 -15.33
N PHE C 35 -50.47 -5.81 -16.54
CA PHE C 35 -49.33 -5.85 -17.43
C PHE C 35 -49.80 -6.00 -18.87
N ASP C 36 -48.90 -5.75 -19.80
CA ASP C 36 -49.00 -6.19 -21.19
C ASP C 36 -47.58 -6.50 -21.66
N GLN C 37 -47.32 -6.53 -22.96
CA GLN C 37 -45.94 -6.67 -23.45
C GLN C 37 -45.11 -5.44 -23.08
N PHE C 38 -43.95 -5.71 -22.50
CA PHE C 38 -42.94 -4.81 -21.92
C PHE C 38 -43.49 -3.72 -20.99
N VAL C 39 -44.54 -3.98 -20.21
CA VAL C 39 -44.78 -3.21 -18.99
C VAL C 39 -45.15 -4.20 -17.89
N ILE C 40 -44.84 -3.86 -16.65
CA ILE C 40 -45.44 -4.43 -15.44
C ILE C 40 -45.75 -3.24 -14.54
N LEU C 41 -46.97 -3.14 -14.02
CA LEU C 41 -47.30 -2.13 -13.02
C LEU C 41 -47.09 -2.73 -11.64
N LEU C 42 -46.08 -2.23 -10.94
CA LEU C 42 -45.71 -2.72 -9.63
C LEU C 42 -46.53 -1.96 -8.59
N LYS C 43 -47.27 -2.68 -7.78
CA LYS C 43 -48.23 -2.09 -6.85
C LYS C 43 -47.56 -1.86 -5.50
N ASN C 44 -47.63 -0.62 -5.04
CA ASN C 44 -47.14 -0.22 -3.72
C ASN C 44 -48.00 0.97 -3.30
N THR C 45 -47.48 1.78 -2.37
CA THR C 45 -48.07 3.09 -2.11
C THR C 45 -48.19 3.92 -3.39
N VAL C 46 -47.13 3.91 -4.21
CA VAL C 46 -47.16 4.52 -5.53
C VAL C 46 -46.96 3.42 -6.57
N SER C 47 -47.88 3.36 -7.52
CA SER C 47 -47.84 2.37 -8.59
C SER C 47 -46.72 2.74 -9.56
N GLN C 48 -45.83 1.80 -9.82
CA GLN C 48 -44.72 2.00 -10.73
C GLN C 48 -44.99 1.37 -12.08
N MET C 49 -44.34 1.91 -13.10
CA MET C 49 -44.39 1.39 -14.46
C MET C 49 -42.99 0.85 -14.76
N VAL C 50 -42.82 -0.45 -14.56
CA VAL C 50 -41.52 -1.10 -14.69
C VAL C 50 -41.43 -1.69 -16.09
N TYR C 51 -40.37 -1.37 -16.81
CA TYR C 51 -40.15 -1.95 -18.12
C TYR C 51 -39.65 -3.39 -18.00
N LYS C 52 -40.21 -4.29 -18.82
CA LYS C 52 -39.81 -5.70 -18.78
C LYS C 52 -38.41 -5.92 -19.26
N HIS C 53 -37.94 -5.10 -20.19
CA HIS C 53 -36.59 -5.33 -20.67
C HIS C 53 -35.53 -4.96 -19.65
N ALA C 54 -35.90 -4.28 -18.57
CA ALA C 54 -34.98 -3.97 -17.49
C ALA C 54 -35.13 -4.92 -16.32
N ILE C 55 -35.89 -6.00 -16.47
CA ILE C 55 -36.15 -6.96 -15.41
C ILE C 55 -35.31 -8.21 -15.65
N SER C 56 -34.61 -8.67 -14.62
CA SER C 56 -33.95 -9.98 -14.70
C SER C 56 -34.88 -11.09 -14.25
N THR C 57 -35.33 -11.06 -13.00
CA THR C 57 -36.18 -12.14 -12.47
C THR C 57 -37.43 -11.57 -11.81
N VAL C 58 -38.50 -12.36 -11.87
CA VAL C 58 -39.70 -12.20 -11.04
C VAL C 58 -39.69 -13.34 -10.04
N VAL C 59 -39.64 -13.03 -8.76
CA VAL C 59 -39.62 -14.02 -7.68
C VAL C 59 -40.88 -13.87 -6.84
N PRO C 60 -41.79 -14.85 -6.84
CA PRO C 60 -42.91 -14.88 -5.91
C PRO C 60 -42.40 -15.04 -4.50
N SER C 61 -43.20 -14.67 -3.50
CA SER C 61 -42.88 -14.92 -2.10
C SER C 61 -43.58 -16.16 -1.53
N ARG C 62 -44.68 -16.59 -2.14
CA ARG C 62 -45.31 -17.84 -1.80
C ARG C 62 -45.30 -18.77 -3.00
N PRO C 63 -45.11 -20.07 -2.80
CA PRO C 63 -45.16 -21.02 -3.92
C PRO C 63 -46.55 -21.10 -4.54
N VAL C 64 -46.57 -20.87 -5.85
CA VAL C 64 -47.74 -20.69 -6.71
C VAL C 64 -47.67 -21.60 -7.94
N ARG C 65 -48.83 -22.01 -8.48
CA ARG C 65 -48.95 -22.90 -9.66
C ARG C 65 -48.12 -24.18 -9.50
N HIS D 1 -47.76 -2.29 -25.77
CA HIS D 1 -48.00 -0.85 -25.79
C HIS D 1 -49.48 -0.54 -25.59
N SER D 2 -50.27 -1.58 -25.34
CA SER D 2 -51.70 -1.40 -25.11
C SER D 2 -52.01 -0.87 -23.73
N LEU D 3 -51.01 -0.80 -22.84
CA LEU D 3 -51.20 -0.27 -21.51
C LEU D 3 -50.07 0.67 -21.11
N GLN D 4 -49.05 0.82 -21.97
CA GLN D 4 -48.00 1.81 -21.76
C GLN D 4 -48.51 3.23 -22.04
N ASP D 5 -49.08 3.42 -23.23
CA ASP D 5 -49.52 4.75 -23.65
C ASP D 5 -50.65 5.36 -22.83
N PRO D 6 -51.69 4.63 -22.35
CA PRO D 6 -52.63 5.29 -21.42
C PRO D 6 -52.00 5.73 -20.11
N TYR D 7 -51.04 4.97 -19.59
CA TYR D 7 -50.38 5.35 -18.35
C TYR D 7 -49.53 6.60 -18.55
N LEU D 8 -48.75 6.65 -19.63
CA LEU D 8 -47.93 7.82 -19.87
C LEU D 8 -48.77 9.04 -20.26
N ASN D 9 -49.90 8.84 -20.93
CA ASN D 9 -50.73 9.98 -21.30
C ASN D 9 -51.50 10.51 -20.10
N THR D 10 -51.88 9.63 -19.16
CA THR D 10 -52.47 10.09 -17.91
C THR D 10 -51.45 10.81 -17.04
N LEU D 11 -50.20 10.34 -17.05
CA LEU D 11 -49.13 11.05 -16.34
C LEU D 11 -48.82 12.39 -17.00
N ARG D 12 -49.04 12.50 -18.31
CA ARG D 12 -48.77 13.75 -19.01
C ARG D 12 -49.88 14.78 -18.79
N LYS D 13 -51.16 14.37 -18.95
CA LYS D 13 -52.25 15.34 -18.93
C LYS D 13 -52.45 15.94 -17.55
N GLU D 14 -52.29 15.15 -16.49
CA GLU D 14 -52.39 15.69 -15.15
C GLU D 14 -51.11 16.36 -14.68
N ARG D 15 -50.02 16.21 -15.45
CA ARG D 15 -48.72 16.85 -15.21
C ARG D 15 -48.15 16.52 -13.83
N VAL D 16 -48.06 15.23 -13.54
CA VAL D 16 -47.50 14.78 -12.26
C VAL D 16 -45.98 14.83 -12.33
N PRO D 17 -45.30 15.42 -11.35
CA PRO D 17 -43.84 15.33 -11.32
C PRO D 17 -43.40 13.90 -11.03
N VAL D 18 -42.52 13.39 -11.90
CA VAL D 18 -42.16 11.98 -11.87
C VAL D 18 -40.71 11.84 -11.41
N SER D 19 -40.36 10.61 -11.08
CA SER D 19 -38.97 10.21 -10.83
C SER D 19 -38.70 9.04 -11.77
N ILE D 20 -38.04 9.33 -12.88
CA ILE D 20 -37.75 8.32 -13.89
C ILE D 20 -36.36 7.75 -13.64
N TYR D 21 -36.30 6.45 -13.40
CA TYR D 21 -35.06 5.77 -13.06
C TYR D 21 -34.47 5.10 -14.29
N LEU D 22 -33.17 5.22 -14.44
CA LEU D 22 -32.49 4.64 -15.59
C LEU D 22 -32.01 3.23 -15.29
N VAL D 23 -31.47 2.57 -16.31
CA VAL D 23 -31.06 1.18 -16.17
C VAL D 23 -29.76 1.07 -15.39
N ASN D 24 -29.00 2.16 -15.26
CA ASN D 24 -27.83 2.21 -14.40
C ASN D 24 -28.10 2.87 -13.05
N GLY D 25 -29.38 3.07 -12.72
CA GLY D 25 -29.75 3.54 -11.39
C GLY D 25 -29.80 5.04 -11.20
N ILE D 26 -29.77 5.81 -12.28
CA ILE D 26 -29.76 7.27 -12.19
C ILE D 26 -31.19 7.77 -12.14
N LYS D 27 -31.52 8.53 -11.10
CA LYS D 27 -32.84 9.13 -10.97
C LYS D 27 -32.87 10.47 -11.69
N LEU D 28 -33.89 10.69 -12.50
CA LEU D 28 -34.12 11.97 -13.15
C LEU D 28 -35.50 12.46 -12.74
N GLN D 29 -35.64 13.77 -12.59
CA GLN D 29 -36.90 14.35 -12.14
C GLN D 29 -37.35 15.42 -13.13
N GLY D 30 -38.63 15.76 -13.04
CA GLY D 30 -39.26 16.65 -13.99
C GLY D 30 -40.67 16.19 -14.29
N GLN D 31 -41.18 16.51 -15.48
CA GLN D 31 -42.51 16.05 -15.85
C GLN D 31 -42.53 15.67 -17.33
N ILE D 32 -43.44 14.77 -17.67
CA ILE D 32 -43.51 14.16 -18.99
C ILE D 32 -44.25 15.11 -19.92
N GLU D 33 -43.68 15.39 -21.09
CA GLU D 33 -44.31 16.30 -22.03
C GLU D 33 -44.67 15.65 -23.36
N SER D 34 -43.96 14.61 -23.77
CA SER D 34 -44.18 13.96 -25.04
C SER D 34 -43.58 12.56 -24.99
N PHE D 35 -44.34 11.57 -25.47
CA PHE D 35 -43.83 10.21 -25.57
C PHE D 35 -44.13 9.66 -26.96
N ASP D 36 -43.11 9.10 -27.59
CA ASP D 36 -43.20 8.41 -28.86
C ASP D 36 -43.13 6.92 -28.60
N GLN D 37 -42.98 6.12 -29.66
CA GLN D 37 -42.65 4.71 -29.51
C GLN D 37 -41.34 4.51 -28.77
N PHE D 38 -40.36 5.38 -29.00
CA PHE D 38 -39.00 5.17 -28.53
C PHE D 38 -38.54 6.16 -27.47
N VAL D 39 -39.06 7.38 -27.45
CA VAL D 39 -38.51 8.42 -26.58
C VAL D 39 -39.58 8.92 -25.61
N ILE D 40 -39.10 9.53 -24.53
CA ILE D 40 -39.92 10.26 -23.56
C ILE D 40 -39.24 11.60 -23.32
N LEU D 41 -40.00 12.69 -23.41
CA LEU D 41 -39.44 14.02 -23.22
C LEU D 41 -39.70 14.48 -21.79
N LEU D 42 -38.68 14.34 -20.95
CA LEU D 42 -38.68 14.92 -19.62
C LEU D 42 -38.52 16.43 -19.73
N LYS D 43 -39.15 17.15 -18.82
CA LYS D 43 -39.04 18.60 -18.79
C LYS D 43 -38.71 19.06 -17.39
N ASN D 44 -37.74 19.97 -17.31
CA ASN D 44 -37.19 20.62 -16.13
C ASN D 44 -36.79 21.99 -16.64
N THR D 45 -35.77 22.63 -16.04
CA THR D 45 -35.21 23.86 -16.58
C THR D 45 -34.78 23.77 -18.05
N VAL D 46 -34.47 22.57 -18.55
CA VAL D 46 -34.32 22.33 -19.99
C VAL D 46 -35.23 21.17 -20.38
N SER D 47 -35.20 20.80 -21.66
CA SER D 47 -36.04 19.73 -22.19
C SER D 47 -35.13 18.63 -22.76
N GLN D 48 -35.16 17.46 -22.12
CA GLN D 48 -34.33 16.34 -22.52
C GLN D 48 -35.04 15.46 -23.54
N MET D 49 -34.38 14.36 -23.90
CA MET D 49 -34.98 13.29 -24.69
C MET D 49 -34.39 11.99 -24.17
N VAL D 50 -35.07 11.33 -23.24
CA VAL D 50 -34.59 10.06 -22.72
C VAL D 50 -35.09 8.97 -23.66
N TYR D 51 -34.34 7.88 -23.74
CA TYR D 51 -34.70 6.75 -24.59
C TYR D 51 -35.33 5.65 -23.76
N LYS D 52 -36.33 4.97 -24.35
CA LYS D 52 -37.02 3.93 -23.62
C LYS D 52 -36.22 2.66 -23.46
N HIS D 53 -35.12 2.48 -24.19
CA HIS D 53 -34.23 1.34 -23.98
C HIS D 53 -33.15 1.63 -22.95
N ALA D 54 -33.37 2.58 -22.06
CA ALA D 54 -32.49 2.83 -20.94
C ALA D 54 -33.25 3.09 -19.66
N ILE D 55 -34.57 2.98 -19.65
CA ILE D 55 -35.41 3.31 -18.51
C ILE D 55 -35.78 2.02 -17.80
N SER D 56 -35.62 2.00 -16.48
CA SER D 56 -36.06 0.87 -15.67
C SER D 56 -37.48 1.05 -15.17
N THR D 57 -37.73 2.11 -14.40
CA THR D 57 -39.05 2.38 -13.84
C THR D 57 -39.42 3.83 -14.12
N VAL D 58 -40.72 4.11 -14.05
CA VAL D 58 -41.26 5.47 -14.11
C VAL D 58 -42.11 5.66 -12.86
N VAL D 59 -41.66 6.51 -11.95
CA VAL D 59 -42.28 6.62 -10.63
C VAL D 59 -42.89 8.01 -10.46
N PRO D 60 -44.22 8.13 -10.43
CA PRO D 60 -44.83 9.42 -10.10
C PRO D 60 -44.69 9.75 -8.63
N SER D 61 -44.98 11.02 -8.30
CA SER D 61 -44.83 11.46 -6.91
C SER D 61 -46.15 11.38 -6.17
N ARG D 62 -47.26 11.55 -6.86
CA ARG D 62 -48.56 11.39 -6.23
C ARG D 62 -49.31 10.23 -6.87
N PRO D 63 -50.10 9.48 -6.09
CA PRO D 63 -50.78 8.30 -6.64
C PRO D 63 -51.90 8.70 -7.59
N VAL D 64 -51.87 8.13 -8.80
CA VAL D 64 -52.92 8.33 -9.79
C VAL D 64 -53.47 6.97 -10.19
N ARG D 65 -54.69 7.00 -10.73
CA ARG D 65 -55.35 5.80 -11.22
C ARG D 65 -55.26 5.78 -12.75
N LEU D 66 -55.96 4.82 -13.36
CA LEU D 66 -55.91 4.59 -14.80
C LEU D 66 -57.34 4.66 -15.34
N PRO D 67 -57.59 5.48 -16.38
CA PRO D 67 -58.95 5.62 -16.94
C PRO D 67 -59.40 4.39 -17.72
N HIS E 1 -41.82 6.65 -34.05
CA HIS E 1 -40.85 7.27 -34.95
C HIS E 1 -41.15 8.75 -35.16
N SER E 2 -42.33 9.17 -34.72
CA SER E 2 -42.87 10.47 -35.05
C SER E 2 -42.23 11.62 -34.29
N LEU E 3 -41.36 11.36 -33.33
CA LEU E 3 -40.98 12.48 -32.48
C LEU E 3 -39.48 12.57 -32.21
N GLN E 4 -38.73 11.48 -32.43
CA GLN E 4 -37.29 11.50 -32.21
C GLN E 4 -36.57 12.34 -33.28
N ASP E 5 -36.84 12.05 -34.55
CA ASP E 5 -36.22 12.69 -35.69
C ASP E 5 -36.47 14.19 -35.82
N PRO E 6 -37.68 14.75 -35.56
CA PRO E 6 -37.77 16.22 -35.54
C PRO E 6 -36.98 16.86 -34.41
N TYR E 7 -36.87 16.20 -33.25
CA TYR E 7 -36.07 16.74 -32.16
C TYR E 7 -34.60 16.79 -32.53
N LEU E 8 -34.09 15.70 -33.13
CA LEU E 8 -32.69 15.69 -33.53
C LEU E 8 -32.42 16.63 -34.71
N ASN E 9 -33.40 16.79 -35.61
CA ASN E 9 -33.23 17.76 -36.69
C ASN E 9 -33.23 19.20 -36.16
N THR E 10 -34.07 19.48 -35.16
CA THR E 10 -34.11 20.81 -34.57
C THR E 10 -32.82 21.10 -33.80
N LEU E 11 -32.24 20.09 -33.17
CA LEU E 11 -30.92 20.27 -32.56
C LEU E 11 -29.81 20.30 -33.60
N ARG E 12 -30.08 19.87 -34.84
CA ARG E 12 -29.07 19.97 -35.89
C ARG E 12 -29.08 21.34 -36.56
N LYS E 13 -30.26 21.95 -36.73
CA LYS E 13 -30.39 23.23 -37.42
C LYS E 13 -29.65 24.34 -36.69
N GLU E 14 -29.99 24.55 -35.42
CA GLU E 14 -29.48 25.69 -34.66
C GLU E 14 -28.08 25.48 -34.11
N ARG E 15 -27.45 24.32 -34.43
CA ARG E 15 -26.13 23.87 -33.96
C ARG E 15 -25.89 24.15 -32.47
N VAL E 16 -26.88 23.83 -31.66
CA VAL E 16 -26.81 24.03 -30.21
C VAL E 16 -25.81 23.04 -29.61
N PRO E 17 -24.93 23.47 -28.72
CA PRO E 17 -24.00 22.53 -28.09
C PRO E 17 -24.73 21.61 -27.11
N VAL E 18 -24.74 20.32 -27.42
CA VAL E 18 -25.52 19.33 -26.69
C VAL E 18 -24.59 18.37 -25.99
N SER E 19 -25.18 17.59 -25.08
CA SER E 19 -24.47 16.57 -24.33
C SER E 19 -25.25 15.28 -24.43
N ILE E 20 -24.63 14.25 -25.01
CA ILE E 20 -25.19 12.91 -25.04
C ILE E 20 -24.71 12.16 -23.81
N TYR E 21 -25.65 11.72 -22.98
CA TYR E 21 -25.33 10.88 -21.84
C TYR E 21 -25.52 9.42 -22.23
N LEU E 22 -24.46 8.64 -22.11
CA LEU E 22 -24.46 7.23 -22.41
C LEU E 22 -25.01 6.43 -21.22
N VAL E 23 -25.19 5.12 -21.43
CA VAL E 23 -25.89 4.29 -20.45
C VAL E 23 -25.04 3.98 -19.22
N ASN E 24 -23.75 4.34 -19.21
CA ASN E 24 -22.92 4.14 -18.05
C ASN E 24 -22.49 5.45 -17.39
N GLY E 25 -23.13 6.57 -17.75
CA GLY E 25 -22.87 7.83 -17.09
C GLY E 25 -21.92 8.76 -17.81
N ILE E 26 -21.44 8.37 -18.99
CA ILE E 26 -20.46 9.16 -19.73
C ILE E 26 -21.20 10.25 -20.48
N LYS E 27 -20.79 11.50 -20.29
CA LYS E 27 -21.33 12.61 -21.06
C LYS E 27 -20.36 12.98 -22.19
N LEU E 28 -20.93 13.30 -23.34
CA LEU E 28 -20.14 13.67 -24.52
C LEU E 28 -20.76 14.94 -25.10
N GLN E 29 -20.05 16.06 -24.94
CA GLN E 29 -20.51 17.32 -25.51
C GLN E 29 -20.10 17.44 -26.97
N GLY E 30 -20.80 18.29 -27.69
CA GLY E 30 -20.47 18.57 -29.07
C GLY E 30 -21.68 19.08 -29.83
N GLN E 31 -21.61 18.95 -31.14
CA GLN E 31 -22.73 19.25 -32.04
C GLN E 31 -23.04 18.03 -32.90
N ILE E 32 -24.28 17.96 -33.35
CA ILE E 32 -24.80 16.80 -34.05
C ILE E 32 -24.63 17.04 -35.55
N GLU E 33 -23.71 16.29 -36.16
CA GLU E 33 -23.51 16.38 -37.61
C GLU E 33 -24.71 15.81 -38.36
N SER E 34 -24.97 14.52 -38.19
CA SER E 34 -26.08 13.85 -38.85
C SER E 34 -26.43 12.61 -38.04
N PHE E 35 -27.45 11.89 -38.49
CA PHE E 35 -27.96 10.74 -37.74
C PHE E 35 -28.82 9.86 -38.63
N ASP E 36 -28.93 8.59 -38.24
CA ASP E 36 -29.94 7.65 -38.75
C ASP E 36 -30.61 7.07 -37.52
N GLN E 37 -31.40 6.01 -37.66
CA GLN E 37 -32.07 5.39 -36.53
C GLN E 37 -31.19 4.41 -35.76
N PHE E 38 -29.90 4.29 -36.10
CA PHE E 38 -28.99 3.46 -35.33
C PHE E 38 -27.70 4.17 -34.97
N VAL E 39 -27.55 5.45 -35.29
CA VAL E 39 -26.25 6.09 -35.29
C VAL E 39 -26.45 7.60 -35.23
N ILE E 40 -25.58 8.27 -34.46
CA ILE E 40 -25.56 9.73 -34.31
C ILE E 40 -24.09 10.17 -34.34
N LEU E 41 -23.75 11.04 -35.28
CA LEU E 41 -22.41 11.62 -35.30
C LEU E 41 -22.32 12.78 -34.34
N LEU E 42 -21.10 13.12 -33.93
CA LEU E 42 -20.90 14.19 -32.96
C LEU E 42 -19.69 15.03 -33.36
N LYS E 43 -19.85 16.35 -33.34
CA LYS E 43 -18.82 17.30 -33.76
C LYS E 43 -18.16 17.88 -32.52
N ASN E 44 -17.05 17.28 -32.12
CA ASN E 44 -16.05 17.91 -31.27
C ASN E 44 -14.83 18.19 -32.15
N THR E 45 -13.67 18.42 -31.51
CA THR E 45 -12.40 18.49 -32.22
C THR E 45 -12.18 17.27 -33.12
N VAL E 46 -12.52 16.08 -32.64
CA VAL E 46 -12.62 14.91 -33.48
C VAL E 46 -14.09 14.67 -33.80
N SER E 47 -14.35 13.92 -34.87
CA SER E 47 -15.70 13.59 -35.29
C SER E 47 -15.91 12.10 -35.05
N GLN E 48 -16.74 11.77 -34.07
CA GLN E 48 -16.95 10.40 -33.64
C GLN E 48 -18.35 9.93 -34.00
N MET E 49 -18.55 8.63 -33.81
CA MET E 49 -19.78 7.93 -34.18
C MET E 49 -20.35 7.25 -32.95
N VAL E 50 -21.60 7.55 -32.61
CA VAL E 50 -22.25 7.02 -31.41
C VAL E 50 -23.41 6.13 -31.86
N TYR E 51 -23.56 4.98 -31.20
CA TYR E 51 -24.70 4.12 -31.45
C TYR E 51 -25.86 4.49 -30.54
N LYS E 52 -27.09 4.33 -31.05
CA LYS E 52 -28.23 4.81 -30.28
C LYS E 52 -28.60 3.89 -29.13
N HIS E 53 -28.20 2.61 -29.18
CA HIS E 53 -28.56 1.70 -28.10
C HIS E 53 -27.74 1.95 -26.84
N ALA E 54 -26.60 2.62 -26.96
CA ALA E 54 -25.80 2.98 -25.82
C ALA E 54 -26.10 4.37 -25.31
N ILE E 55 -27.05 5.08 -25.91
CA ILE E 55 -27.41 6.44 -25.51
C ILE E 55 -28.51 6.38 -24.47
N SER E 56 -28.31 7.06 -23.35
CA SER E 56 -29.39 7.21 -22.38
C SER E 56 -30.20 8.47 -22.66
N THR E 57 -29.56 9.64 -22.60
CA THR E 57 -30.27 10.90 -22.84
C THR E 57 -29.51 11.75 -23.85
N VAL E 58 -30.21 12.72 -24.43
CA VAL E 58 -29.61 13.79 -25.22
C VAL E 58 -30.16 15.11 -24.68
N VAL E 59 -29.31 15.89 -24.03
CA VAL E 59 -29.72 17.13 -23.38
C VAL E 59 -29.09 18.30 -24.13
N PRO E 60 -29.82 19.39 -24.37
CA PRO E 60 -29.20 20.59 -24.91
C PRO E 60 -28.77 21.52 -23.78
N SER E 61 -28.03 22.56 -24.15
CA SER E 61 -27.64 23.60 -23.20
C SER E 61 -28.50 24.85 -23.29
N ARG E 62 -29.08 25.13 -24.46
CA ARG E 62 -30.05 26.19 -24.65
C ARG E 62 -31.45 25.59 -24.73
N PRO E 63 -32.47 26.28 -24.22
CA PRO E 63 -33.85 25.78 -24.37
C PRO E 63 -34.29 25.83 -25.83
N VAL E 64 -34.69 24.67 -26.35
CA VAL E 64 -34.99 24.52 -27.75
C VAL E 64 -36.50 24.29 -27.89
N ARG E 65 -37.04 24.62 -29.06
CA ARG E 65 -38.46 24.58 -29.33
C ARG E 65 -38.76 23.67 -30.52
N LEU E 66 -39.77 22.82 -30.35
CA LEU E 66 -40.16 21.87 -31.39
C LEU E 66 -41.17 22.49 -32.34
N PRO E 67 -41.10 22.16 -33.64
CA PRO E 67 -42.09 22.65 -34.60
C PRO E 67 -43.46 21.99 -34.44
N SER F 2 -28.47 5.58 -44.75
CA SER F 2 -27.61 5.21 -43.64
C SER F 2 -26.23 5.79 -43.80
N LEU F 3 -25.67 6.27 -42.69
CA LEU F 3 -24.31 6.80 -42.66
C LEU F 3 -23.36 5.89 -41.88
N GLN F 4 -23.88 4.85 -41.24
CA GLN F 4 -23.07 3.90 -40.49
C GLN F 4 -22.10 3.16 -41.39
N ASP F 5 -22.64 2.45 -42.39
CA ASP F 5 -21.79 1.70 -43.31
C ASP F 5 -20.95 2.55 -44.28
N PRO F 6 -21.39 3.70 -44.80
CA PRO F 6 -20.41 4.58 -45.47
C PRO F 6 -19.35 5.14 -44.52
N TYR F 7 -19.68 5.35 -43.25
CA TYR F 7 -18.67 5.80 -42.29
C TYR F 7 -17.64 4.71 -42.03
N LEU F 8 -18.09 3.46 -41.92
CA LEU F 8 -17.16 2.36 -41.68
C LEU F 8 -16.35 2.05 -42.95
N ASN F 9 -16.94 2.26 -44.13
CA ASN F 9 -16.18 2.12 -45.37
C ASN F 9 -15.12 3.20 -45.48
N THR F 10 -15.44 4.43 -45.05
CA THR F 10 -14.45 5.50 -45.04
C THR F 10 -13.33 5.22 -44.04
N LEU F 11 -13.66 4.60 -42.91
CA LEU F 11 -12.62 4.21 -41.96
C LEU F 11 -11.76 3.06 -42.46
N ARG F 12 -12.33 2.15 -43.24
CA ARG F 12 -11.57 1.00 -43.71
C ARG F 12 -10.70 1.32 -44.92
N LYS F 13 -11.29 1.96 -45.94
CA LYS F 13 -10.56 2.20 -47.19
C LYS F 13 -9.42 3.18 -47.01
N GLU F 14 -9.54 4.13 -46.09
CA GLU F 14 -8.44 5.01 -45.75
C GLU F 14 -7.50 4.38 -44.71
N ARG F 15 -7.93 3.28 -44.08
CA ARG F 15 -7.19 2.55 -43.04
C ARG F 15 -6.81 3.49 -41.88
N VAL F 16 -7.81 3.91 -41.13
CA VAL F 16 -7.58 4.84 -40.02
C VAL F 16 -7.50 4.04 -38.73
N PRO F 17 -6.50 4.29 -37.87
CA PRO F 17 -6.41 3.56 -36.61
C PRO F 17 -7.48 3.98 -35.61
N VAL F 18 -8.67 3.40 -35.75
CA VAL F 18 -9.82 3.78 -34.94
C VAL F 18 -9.68 3.27 -33.52
N SER F 19 -10.47 3.84 -32.62
CA SER F 19 -10.57 3.42 -31.23
C SER F 19 -12.04 3.17 -30.93
N ILE F 20 -12.36 1.91 -30.63
CA ILE F 20 -13.72 1.52 -30.31
C ILE F 20 -13.86 1.52 -28.79
N TYR F 21 -14.78 2.34 -28.29
CA TYR F 21 -15.12 2.38 -26.88
C TYR F 21 -16.38 1.57 -26.65
N LEU F 22 -16.30 0.59 -25.75
CA LEU F 22 -17.40 -0.32 -25.50
C LEU F 22 -18.35 0.28 -24.47
N VAL F 23 -19.46 -0.42 -24.22
CA VAL F 23 -20.53 0.11 -23.38
C VAL F 23 -20.23 0.04 -21.90
N ASN F 24 -19.08 -0.51 -21.51
CA ASN F 24 -18.64 -0.53 -20.13
C ASN F 24 -17.35 0.23 -19.90
N GLY F 25 -16.81 0.87 -20.93
CA GLY F 25 -15.65 1.72 -20.80
C GLY F 25 -14.37 1.20 -21.42
N ILE F 26 -14.39 0.03 -22.02
CA ILE F 26 -13.17 -0.59 -22.54
C ILE F 26 -12.80 0.08 -23.85
N LYS F 27 -11.56 0.54 -23.94
CA LYS F 27 -11.02 1.19 -25.13
C LYS F 27 -10.18 0.20 -25.92
N LEU F 28 -10.43 0.11 -27.23
CA LEU F 28 -9.78 -0.88 -28.09
C LEU F 28 -9.29 -0.20 -29.35
N GLN F 29 -7.97 -0.06 -29.51
CA GLN F 29 -7.42 0.53 -30.72
C GLN F 29 -7.26 -0.53 -31.80
N GLY F 30 -7.23 -0.07 -33.03
CA GLY F 30 -6.85 -0.94 -34.13
C GLY F 30 -7.45 -0.48 -35.44
N GLN F 31 -7.23 -1.29 -36.46
CA GLN F 31 -7.77 -1.05 -37.79
C GLN F 31 -8.92 -2.01 -38.05
N ILE F 32 -9.76 -1.68 -39.03
CA ILE F 32 -10.95 -2.49 -39.30
C ILE F 32 -10.68 -3.40 -40.49
N GLU F 33 -10.92 -4.70 -40.31
CA GLU F 33 -10.87 -5.64 -41.43
C GLU F 33 -12.17 -5.62 -42.22
N SER F 34 -13.29 -5.82 -41.55
CA SER F 34 -14.57 -5.94 -42.22
C SER F 34 -15.68 -5.56 -41.24
N PHE F 35 -16.91 -5.52 -41.75
CA PHE F 35 -18.06 -5.21 -40.92
C PHE F 35 -19.30 -5.83 -41.55
N ASP F 36 -20.23 -6.20 -40.69
CA ASP F 36 -21.51 -6.78 -41.10
C ASP F 36 -22.60 -5.99 -40.39
N GLN F 37 -23.83 -6.50 -40.46
CA GLN F 37 -24.95 -5.90 -39.76
C GLN F 37 -24.79 -6.00 -38.24
N PHE F 38 -24.10 -7.04 -37.77
CA PHE F 38 -24.04 -7.36 -36.36
C PHE F 38 -22.65 -7.26 -35.74
N VAL F 39 -21.61 -7.02 -36.53
CA VAL F 39 -20.25 -7.22 -36.03
C VAL F 39 -19.29 -6.29 -36.75
N ILE F 40 -18.29 -5.79 -36.00
CA ILE F 40 -17.11 -5.14 -36.56
C ILE F 40 -15.93 -6.07 -36.27
N LEU F 41 -14.88 -5.98 -37.07
CA LEU F 41 -13.66 -6.76 -36.86
C LEU F 41 -12.48 -5.82 -36.72
N LEU F 42 -11.77 -5.94 -35.61
CA LEU F 42 -10.67 -5.04 -35.30
C LEU F 42 -9.36 -5.82 -35.46
N LYS F 43 -8.44 -5.27 -36.25
CA LYS F 43 -7.21 -5.97 -36.61
C LYS F 43 -6.02 -5.36 -35.89
N ASN F 44 -5.24 -6.22 -35.24
CA ASN F 44 -4.10 -5.86 -34.41
C ASN F 44 -3.10 -7.02 -34.39
N THR F 45 -2.34 -7.13 -33.30
CA THR F 45 -1.52 -8.30 -33.01
C THR F 45 -2.29 -9.62 -33.24
N VAL F 46 -3.56 -9.66 -32.86
CA VAL F 46 -4.45 -10.74 -33.27
C VAL F 46 -5.81 -10.12 -33.62
N SER F 47 -6.42 -10.61 -34.70
CA SER F 47 -7.67 -10.06 -35.20
C SER F 47 -8.85 -10.57 -34.36
N GLN F 48 -9.72 -9.66 -33.95
CA GLN F 48 -10.84 -10.00 -33.09
C GLN F 48 -12.15 -9.53 -33.70
N MET F 49 -13.24 -10.18 -33.31
CA MET F 49 -14.57 -9.68 -33.63
C MET F 49 -15.14 -8.96 -32.42
N VAL F 50 -15.83 -7.85 -32.66
CA VAL F 50 -16.50 -7.09 -31.63
C VAL F 50 -17.96 -7.00 -32.03
N TYR F 51 -18.84 -7.51 -31.18
CA TYR F 51 -20.27 -7.42 -31.43
C TYR F 51 -20.73 -5.97 -31.35
N LYS F 52 -21.69 -5.63 -32.21
CA LYS F 52 -22.06 -4.24 -32.41
C LYS F 52 -22.92 -3.71 -31.28
N HIS F 53 -23.69 -4.59 -30.62
CA HIS F 53 -24.48 -4.20 -29.46
C HIS F 53 -23.65 -4.02 -28.19
N ALA F 54 -22.33 -4.13 -28.26
CA ALA F 54 -21.47 -3.87 -27.12
C ALA F 54 -20.66 -2.60 -27.28
N ILE F 55 -20.82 -1.89 -28.40
CA ILE F 55 -20.02 -0.71 -28.73
C ILE F 55 -20.76 0.53 -28.30
N SER F 56 -20.09 1.41 -27.55
CA SER F 56 -20.64 2.73 -27.29
C SER F 56 -20.30 3.68 -28.44
N THR F 57 -19.00 3.92 -28.67
CA THR F 57 -18.58 4.87 -29.71
C THR F 57 -17.42 4.33 -30.52
N VAL F 58 -17.18 4.98 -31.66
CA VAL F 58 -16.02 4.73 -32.52
C VAL F 58 -15.38 6.08 -32.83
N VAL F 59 -14.10 6.23 -32.52
CA VAL F 59 -13.39 7.49 -32.64
C VAL F 59 -12.20 7.30 -33.58
N PRO F 60 -12.12 8.01 -34.70
CA PRO F 60 -10.92 7.92 -35.54
C PRO F 60 -9.75 8.69 -34.93
N SER F 61 -8.55 8.36 -35.39
CA SER F 61 -7.36 9.02 -34.90
C SER F 61 -7.12 10.35 -35.61
N ARG F 62 -6.94 10.32 -36.92
CA ARG F 62 -6.84 11.59 -37.63
C ARG F 62 -8.24 12.07 -38.02
N PRO F 63 -8.47 13.38 -38.04
CA PRO F 63 -9.79 13.90 -38.44
C PRO F 63 -10.02 13.67 -39.93
N VAL F 64 -10.93 12.74 -40.24
CA VAL F 64 -11.23 12.39 -41.62
C VAL F 64 -12.57 13.02 -42.00
N ARG F 65 -12.81 13.09 -43.29
CA ARG F 65 -14.05 13.62 -43.85
C ARG F 65 -14.91 12.48 -44.38
N LEU F 66 -16.15 12.81 -44.72
CA LEU F 66 -17.13 11.82 -45.14
C LEU F 66 -17.10 11.62 -46.65
N HIS G 1 -32.78 -20.42 -33.94
CA HIS G 1 -33.16 -21.42 -32.94
C HIS G 1 -32.83 -22.82 -33.40
N SER G 2 -31.70 -22.98 -34.12
CA SER G 2 -31.26 -24.31 -34.51
C SER G 2 -30.73 -25.12 -33.34
N LEU G 3 -30.31 -24.44 -32.28
CA LEU G 3 -29.62 -25.08 -31.16
C LEU G 3 -30.10 -24.59 -29.80
N GLN G 4 -31.02 -23.61 -29.77
CA GLN G 4 -31.54 -23.07 -28.52
C GLN G 4 -32.36 -24.11 -27.75
N ASP G 5 -33.30 -24.77 -28.43
CA ASP G 5 -34.30 -25.62 -27.79
C ASP G 5 -33.84 -27.00 -27.30
N PRO G 6 -33.07 -27.83 -28.05
CA PRO G 6 -32.79 -29.18 -27.53
C PRO G 6 -31.86 -29.20 -26.33
N TYR G 7 -31.00 -28.20 -26.16
CA TYR G 7 -30.13 -28.14 -25.00
C TYR G 7 -30.94 -27.90 -23.73
N LEU G 8 -31.88 -26.97 -23.79
CA LEU G 8 -32.73 -26.71 -22.63
C LEU G 8 -33.75 -27.82 -22.41
N ASN G 9 -34.22 -28.48 -23.47
CA ASN G 9 -35.08 -29.64 -23.27
C ASN G 9 -34.32 -30.82 -22.67
N THR G 10 -33.03 -30.96 -22.99
CA THR G 10 -32.27 -32.03 -22.37
C THR G 10 -31.96 -31.71 -20.92
N LEU G 11 -31.79 -30.42 -20.59
CA LEU G 11 -31.66 -30.05 -19.18
C LEU G 11 -32.98 -30.17 -18.44
N ARG G 12 -34.11 -30.06 -19.14
CA ARG G 12 -35.42 -30.12 -18.51
C ARG G 12 -35.88 -31.55 -18.28
N LYS G 13 -35.75 -32.40 -19.30
CA LYS G 13 -36.29 -33.76 -19.22
C LYS G 13 -35.44 -34.65 -18.32
N GLU G 14 -34.12 -34.49 -18.35
CA GLU G 14 -33.23 -35.27 -17.51
C GLU G 14 -33.24 -34.78 -16.06
N ARG G 15 -33.83 -33.60 -15.81
CA ARG G 15 -33.89 -32.94 -14.49
C ARG G 15 -32.49 -32.71 -13.93
N VAL G 16 -31.60 -32.22 -14.78
CA VAL G 16 -30.24 -31.89 -14.36
C VAL G 16 -30.28 -30.61 -13.52
N PRO G 17 -29.65 -30.58 -12.34
CA PRO G 17 -29.49 -29.31 -11.62
C PRO G 17 -28.59 -28.37 -12.40
N VAL G 18 -29.12 -27.21 -12.75
CA VAL G 18 -28.47 -26.29 -13.66
C VAL G 18 -28.19 -24.99 -12.91
N SER G 19 -27.25 -24.21 -13.42
CA SER G 19 -26.85 -22.95 -12.81
C SER G 19 -26.83 -21.88 -13.88
N ILE G 20 -27.64 -20.84 -13.70
CA ILE G 20 -27.77 -19.75 -14.65
C ILE G 20 -26.97 -18.55 -14.13
N TYR G 21 -26.03 -18.07 -14.93
CA TYR G 21 -25.28 -16.87 -14.59
C TYR G 21 -25.88 -15.70 -15.38
N LEU G 22 -26.32 -14.68 -14.65
CA LEU G 22 -26.99 -13.55 -15.24
C LEU G 22 -26.00 -12.55 -15.81
N VAL G 23 -26.53 -11.52 -16.47
CA VAL G 23 -25.70 -10.47 -17.05
C VAL G 23 -25.18 -9.53 -15.97
N ASN G 24 -25.80 -9.51 -14.80
CA ASN G 24 -25.23 -8.83 -13.65
C ASN G 24 -24.02 -9.59 -13.11
N GLY G 25 -24.04 -10.92 -13.18
CA GLY G 25 -23.06 -11.77 -12.54
C GLY G 25 -23.64 -12.67 -11.48
N ILE G 26 -24.95 -12.67 -11.31
CA ILE G 26 -25.60 -13.42 -10.24
C ILE G 26 -25.73 -14.88 -10.64
N LYS G 27 -25.35 -15.78 -9.74
CA LYS G 27 -25.42 -17.22 -9.96
C LYS G 27 -26.72 -17.74 -9.38
N LEU G 28 -27.74 -17.83 -10.22
CA LEU G 28 -28.94 -18.57 -9.86
C LEU G 28 -28.68 -20.05 -10.06
N GLN G 29 -29.35 -20.89 -9.28
CA GLN G 29 -29.20 -22.33 -9.47
C GLN G 29 -30.47 -23.05 -9.07
N GLY G 30 -30.89 -23.97 -9.93
CA GLY G 30 -32.12 -24.70 -9.71
C GLY G 30 -32.34 -25.75 -10.78
N GLN G 31 -33.58 -25.89 -11.24
CA GLN G 31 -33.89 -26.83 -12.31
C GLN G 31 -34.85 -26.15 -13.29
N ILE G 32 -34.78 -26.55 -14.55
CA ILE G 32 -35.60 -25.95 -15.58
C ILE G 32 -36.94 -26.68 -15.63
N GLU G 33 -38.00 -26.02 -15.19
CA GLU G 33 -39.34 -26.57 -15.34
C GLU G 33 -39.82 -26.45 -16.77
N SER G 34 -39.81 -25.25 -17.33
CA SER G 34 -40.27 -24.99 -18.71
C SER G 34 -39.68 -23.71 -19.26
N PHE G 35 -39.76 -23.53 -20.57
CA PHE G 35 -39.25 -22.34 -21.24
C PHE G 35 -39.96 -22.07 -22.56
N ASP G 36 -39.76 -20.87 -23.11
CA ASP G 36 -40.34 -20.43 -24.39
C ASP G 36 -39.38 -19.49 -25.17
N GLN G 37 -39.90 -18.65 -26.07
CA GLN G 37 -39.08 -17.73 -26.86
C GLN G 37 -38.42 -16.61 -26.01
N PHE G 38 -38.78 -16.41 -24.73
CA PHE G 38 -38.39 -15.25 -23.92
C PHE G 38 -38.08 -15.51 -22.43
N VAL G 39 -38.48 -16.62 -21.82
CA VAL G 39 -38.23 -16.91 -20.39
C VAL G 39 -37.86 -18.36 -20.09
N ILE G 40 -37.20 -18.55 -18.95
CA ILE G 40 -36.92 -19.83 -18.27
C ILE G 40 -37.69 -19.81 -16.95
N LEU G 41 -38.48 -20.83 -16.65
CA LEU G 41 -39.05 -21.04 -15.32
C LEU G 41 -38.08 -21.92 -14.53
N LEU G 42 -37.65 -21.49 -13.35
CA LEU G 42 -36.57 -22.10 -12.58
C LEU G 42 -37.13 -22.64 -11.28
N LYS G 43 -36.91 -23.93 -11.02
CA LYS G 43 -37.46 -24.57 -9.83
C LYS G 43 -36.44 -24.56 -8.70
N ASN G 44 -36.86 -24.04 -7.56
CA ASN G 44 -36.11 -24.05 -6.32
C ASN G 44 -37.18 -24.07 -5.23
N THR G 45 -36.85 -23.53 -4.04
CA THR G 45 -37.85 -23.21 -3.01
C THR G 45 -39.12 -22.57 -3.57
N VAL G 46 -38.98 -21.61 -4.48
CA VAL G 46 -40.11 -21.03 -5.19
C VAL G 46 -39.72 -20.88 -6.66
N SER G 47 -40.70 -20.98 -7.55
CA SER G 47 -40.49 -20.86 -8.99
C SER G 47 -40.25 -19.41 -9.42
N GLN G 48 -39.00 -19.05 -9.68
CA GLN G 48 -38.68 -17.83 -10.42
C GLN G 48 -39.05 -17.97 -11.89
N MET G 49 -39.28 -16.84 -12.54
CA MET G 49 -39.25 -16.70 -13.99
C MET G 49 -38.09 -15.79 -14.38
N VAL G 50 -37.15 -16.27 -15.20
CA VAL G 50 -35.97 -15.52 -15.58
C VAL G 50 -36.07 -15.19 -17.06
N TYR G 51 -35.93 -13.91 -17.41
CA TYR G 51 -35.97 -13.46 -18.79
C TYR G 51 -34.67 -13.80 -19.49
N LYS G 52 -34.77 -14.23 -20.74
CA LYS G 52 -33.56 -14.63 -21.45
C LYS G 52 -32.65 -13.47 -21.81
N HIS G 53 -33.16 -12.23 -21.79
CA HIS G 53 -32.28 -11.10 -22.09
C HIS G 53 -31.43 -10.69 -20.89
N ALA G 54 -31.53 -11.38 -19.77
CA ALA G 54 -30.62 -11.18 -18.66
C ALA G 54 -29.73 -12.37 -18.42
N ILE G 55 -30.04 -13.53 -19.00
CA ILE G 55 -29.20 -14.70 -18.85
C ILE G 55 -27.94 -14.54 -19.69
N SER G 56 -26.78 -14.69 -19.04
CA SER G 56 -25.53 -14.68 -19.77
C SER G 56 -25.11 -16.11 -20.13
N THR G 57 -25.01 -17.00 -19.15
CA THR G 57 -24.70 -18.40 -19.43
C THR G 57 -25.64 -19.34 -18.69
N VAL G 58 -25.75 -20.56 -19.22
CA VAL G 58 -26.51 -21.65 -18.61
C VAL G 58 -25.58 -22.85 -18.50
N VAL G 59 -25.25 -23.25 -17.27
CA VAL G 59 -24.18 -24.19 -16.98
C VAL G 59 -24.76 -25.42 -16.29
N PRO G 60 -24.74 -26.60 -16.91
CA PRO G 60 -25.21 -27.80 -16.21
C PRO G 60 -24.18 -28.30 -15.21
N SER G 61 -24.68 -29.11 -14.27
CA SER G 61 -23.79 -29.78 -13.32
C SER G 61 -23.26 -31.10 -13.90
N ARG G 62 -24.14 -31.90 -14.49
CA ARG G 62 -23.66 -33.03 -15.27
C ARG G 62 -23.80 -32.74 -16.75
N PRO G 63 -22.87 -33.19 -17.59
CA PRO G 63 -22.93 -32.83 -19.02
C PRO G 63 -24.06 -33.54 -19.73
N VAL G 64 -24.59 -32.87 -20.76
CA VAL G 64 -25.74 -33.36 -21.50
C VAL G 64 -25.38 -33.48 -22.97
N ARG G 65 -26.23 -34.20 -23.71
CA ARG G 65 -26.01 -34.49 -25.12
C ARG G 65 -27.29 -34.17 -25.89
N LEU G 66 -27.12 -33.59 -27.08
CA LEU G 66 -28.22 -33.36 -28.00
C LEU G 66 -28.84 -34.66 -28.47
N HIS H 1 -26.10 -12.21 -41.19
CA HIS H 1 -24.98 -13.01 -40.72
C HIS H 1 -24.02 -13.37 -41.86
N SER H 2 -23.84 -12.43 -42.79
CA SER H 2 -22.99 -12.66 -43.96
C SER H 2 -21.52 -12.76 -43.60
N LEU H 3 -21.10 -12.16 -42.50
CA LEU H 3 -19.71 -12.14 -42.09
C LEU H 3 -19.52 -12.67 -40.67
N GLN H 4 -20.60 -12.83 -39.91
CA GLN H 4 -20.51 -13.35 -38.56
C GLN H 4 -20.18 -14.84 -38.55
N ASP H 5 -20.61 -15.59 -39.56
CA ASP H 5 -20.37 -17.03 -39.53
C ASP H 5 -19.58 -17.61 -40.70
N PRO H 6 -18.50 -16.97 -41.19
CA PRO H 6 -17.33 -17.75 -41.57
C PRO H 6 -16.27 -17.72 -40.48
N TYR H 7 -16.49 -16.88 -39.47
CA TYR H 7 -15.48 -16.65 -38.44
C TYR H 7 -15.60 -17.67 -37.31
N LEU H 8 -16.81 -17.81 -36.75
CA LEU H 8 -17.04 -18.80 -35.71
C LEU H 8 -16.93 -20.22 -36.24
N ASN H 9 -17.27 -20.43 -37.51
CA ASN H 9 -17.11 -21.76 -38.11
C ASN H 9 -15.63 -22.10 -38.29
N THR H 10 -14.80 -21.10 -38.58
CA THR H 10 -13.36 -21.32 -38.67
C THR H 10 -12.77 -21.58 -37.28
N LEU H 11 -13.31 -20.90 -36.25
CA LEU H 11 -12.84 -21.19 -34.90
C LEU H 11 -13.30 -22.55 -34.40
N ARG H 12 -14.46 -23.03 -34.88
CA ARG H 12 -14.92 -24.37 -34.53
C ARG H 12 -14.11 -25.43 -35.25
N LYS H 13 -13.77 -25.18 -36.52
CA LYS H 13 -13.22 -26.23 -37.38
C LYS H 13 -11.77 -26.55 -37.03
N GLU H 14 -11.01 -25.56 -36.56
CA GLU H 14 -9.60 -25.76 -36.26
C GLU H 14 -9.33 -25.94 -34.78
N ARG H 15 -10.38 -25.94 -33.94
CA ARG H 15 -10.28 -26.05 -32.48
C ARG H 15 -9.38 -24.97 -31.89
N VAL H 16 -9.52 -23.75 -32.37
CA VAL H 16 -8.70 -22.64 -31.89
C VAL H 16 -9.21 -22.23 -30.51
N PRO H 17 -8.33 -22.09 -29.52
CA PRO H 17 -8.78 -21.62 -28.20
C PRO H 17 -9.13 -20.15 -28.25
N VAL H 18 -10.35 -19.83 -27.81
CA VAL H 18 -10.87 -18.47 -27.86
C VAL H 18 -11.06 -17.97 -26.44
N SER H 19 -11.03 -16.64 -26.31
CA SER H 19 -11.44 -15.94 -25.09
C SER H 19 -12.67 -15.11 -25.43
N ILE H 20 -13.78 -15.42 -24.79
CA ILE H 20 -15.02 -14.67 -24.94
C ILE H 20 -15.09 -13.68 -23.78
N TYR H 21 -14.86 -12.41 -24.08
CA TYR H 21 -15.07 -11.35 -23.11
C TYR H 21 -16.54 -10.98 -23.13
N LEU H 22 -17.20 -11.14 -21.99
CA LEU H 22 -18.61 -10.78 -21.87
C LEU H 22 -18.75 -9.27 -21.69
N VAL H 23 -19.99 -8.80 -21.62
CA VAL H 23 -20.21 -7.38 -21.34
C VAL H 23 -20.00 -7.04 -19.88
N ASN H 24 -19.90 -8.05 -19.00
CA ASN H 24 -19.45 -7.82 -17.64
C ASN H 24 -17.97 -7.48 -17.57
N GLY H 25 -17.19 -7.89 -18.56
CA GLY H 25 -15.77 -7.94 -18.43
C GLY H 25 -15.24 -9.29 -17.99
N ILE H 26 -16.14 -10.24 -17.70
CA ILE H 26 -15.74 -11.60 -17.42
C ILE H 26 -15.23 -12.24 -18.70
N LYS H 27 -14.00 -12.74 -18.68
CA LYS H 27 -13.41 -13.40 -19.83
C LYS H 27 -13.48 -14.91 -19.62
N LEU H 28 -13.84 -15.62 -20.67
CA LEU H 28 -14.10 -17.06 -20.61
C LEU H 28 -13.26 -17.74 -21.68
N GLN H 29 -12.27 -18.52 -21.27
CA GLN H 29 -11.52 -19.31 -22.23
C GLN H 29 -12.36 -20.49 -22.69
N GLY H 30 -11.95 -21.07 -23.82
CA GLY H 30 -12.61 -22.29 -24.25
C GLY H 30 -12.36 -22.53 -25.72
N GLN H 31 -13.24 -23.33 -26.32
CA GLN H 31 -13.18 -23.57 -27.74
C GLN H 31 -14.60 -23.79 -28.24
N ILE H 32 -14.90 -23.25 -29.41
CA ILE H 32 -16.26 -23.19 -29.90
C ILE H 32 -16.67 -24.55 -30.44
N GLU H 33 -17.71 -25.14 -29.85
CA GLU H 33 -18.16 -26.46 -30.24
C GLU H 33 -19.36 -26.40 -31.16
N SER H 34 -20.28 -25.47 -30.92
CA SER H 34 -21.42 -25.25 -31.79
C SER H 34 -21.93 -23.82 -31.60
N PHE H 35 -22.70 -23.35 -32.58
CA PHE H 35 -23.29 -22.03 -32.52
C PHE H 35 -24.47 -21.95 -33.48
N ASP H 36 -25.57 -21.40 -33.02
CA ASP H 36 -26.70 -21.03 -33.83
C ASP H 36 -26.68 -19.52 -34.05
N GLN H 37 -27.82 -18.96 -34.50
CA GLN H 37 -27.96 -17.52 -34.61
C GLN H 37 -27.81 -16.81 -33.26
N PHE H 38 -28.14 -17.47 -32.15
CA PHE H 38 -28.27 -16.78 -30.87
C PHE H 38 -27.27 -17.19 -29.80
N VAL H 39 -26.88 -18.46 -29.71
CA VAL H 39 -26.00 -18.88 -28.62
C VAL H 39 -24.75 -19.55 -29.17
N ILE H 40 -23.73 -19.64 -28.31
CA ILE H 40 -22.43 -20.22 -28.64
C ILE H 40 -22.03 -21.15 -27.50
N LEU H 41 -21.73 -22.40 -27.79
CA LEU H 41 -21.19 -23.30 -26.78
C LEU H 41 -19.68 -23.12 -26.68
N LEU H 42 -19.18 -23.04 -25.46
CA LEU H 42 -17.74 -23.14 -25.21
C LEU H 42 -17.49 -24.32 -24.26
N LYS H 43 -16.33 -24.95 -24.43
CA LYS H 43 -16.05 -26.23 -23.76
C LYS H 43 -14.65 -26.15 -23.14
N ASN H 44 -14.58 -25.64 -21.91
CA ASN H 44 -13.31 -25.65 -21.18
C ASN H 44 -13.15 -26.98 -20.47
N THR H 45 -14.00 -27.23 -19.46
CA THR H 45 -14.14 -28.54 -18.85
C THR H 45 -15.57 -29.05 -18.89
N VAL H 46 -16.55 -28.23 -18.57
CA VAL H 46 -17.97 -28.54 -18.74
C VAL H 46 -18.47 -27.65 -19.86
N SER H 47 -19.17 -28.24 -20.83
CA SER H 47 -19.66 -27.47 -21.97
C SER H 47 -20.81 -26.58 -21.53
N GLN H 48 -20.82 -25.34 -22.02
CA GLN H 48 -21.83 -24.39 -21.58
C GLN H 48 -22.27 -23.56 -22.77
N MET H 49 -23.47 -23.03 -22.69
CA MET H 49 -24.01 -22.13 -23.71
C MET H 49 -23.88 -20.69 -23.23
N VAL H 50 -23.57 -19.80 -24.18
CA VAL H 50 -23.39 -18.38 -23.90
C VAL H 50 -24.26 -17.61 -24.89
N TYR H 51 -25.13 -16.76 -24.37
CA TYR H 51 -25.95 -15.93 -25.23
C TYR H 51 -25.13 -14.82 -25.85
N LYS H 52 -25.35 -14.57 -27.16
CA LYS H 52 -24.55 -13.58 -27.87
C LYS H 52 -24.86 -12.15 -27.44
N HIS H 53 -26.02 -11.89 -26.85
CA HIS H 53 -26.27 -10.54 -26.35
C HIS H 53 -25.53 -10.25 -25.06
N ALA H 54 -24.96 -11.26 -24.43
CA ALA H 54 -24.06 -11.04 -23.30
C ALA H 54 -22.59 -11.08 -23.70
N ILE H 55 -22.29 -11.31 -24.96
CA ILE H 55 -20.90 -11.37 -25.43
C ILE H 55 -20.48 -10.01 -25.93
N SER H 56 -19.34 -9.51 -25.43
CA SER H 56 -18.76 -8.30 -26.00
C SER H 56 -17.82 -8.63 -27.16
N THR H 57 -16.74 -9.36 -26.89
CA THR H 57 -15.77 -9.69 -27.92
C THR H 57 -15.42 -11.18 -27.88
N VAL H 58 -15.09 -11.72 -29.05
CA VAL H 58 -14.60 -13.09 -29.20
C VAL H 58 -13.21 -12.99 -29.81
N VAL H 59 -12.16 -13.24 -29.02
CA VAL H 59 -10.81 -13.15 -29.56
C VAL H 59 -10.23 -14.56 -29.66
N PRO H 60 -9.35 -14.83 -30.60
CA PRO H 60 -8.58 -16.08 -30.58
C PRO H 60 -7.25 -15.90 -29.87
N SER H 61 -6.62 -17.04 -29.56
CA SER H 61 -5.36 -17.02 -28.82
C SER H 61 -4.14 -17.09 -29.73
N ARG H 62 -4.23 -17.84 -30.83
CA ARG H 62 -3.25 -17.74 -31.89
C ARG H 62 -3.93 -17.22 -33.15
N PRO H 63 -3.23 -16.44 -33.99
CA PRO H 63 -3.89 -15.75 -35.10
C PRO H 63 -4.41 -16.70 -36.17
N VAL H 64 -5.73 -16.74 -36.30
CA VAL H 64 -6.41 -17.40 -37.40
C VAL H 64 -7.03 -16.30 -38.25
N ARG H 65 -7.18 -16.57 -39.55
CA ARG H 65 -7.79 -15.62 -40.46
C ARG H 65 -8.87 -16.28 -41.30
N LEU H 66 -9.77 -15.45 -41.83
CA LEU H 66 -11.00 -15.91 -42.43
C LEU H 66 -10.74 -16.59 -43.77
N PRO H 67 -11.64 -17.49 -44.21
CA PRO H 67 -11.56 -18.03 -45.58
C PRO H 67 -11.78 -16.97 -46.66
N HIS I 1 40.62 -5.64 32.78
CA HIS I 1 41.38 -4.98 33.84
C HIS I 1 42.88 -5.01 33.54
N SER I 2 43.34 -6.08 32.89
CA SER I 2 44.74 -6.17 32.48
C SER I 2 44.99 -5.64 31.08
N LEU I 3 43.96 -5.56 30.24
CA LEU I 3 44.13 -5.10 28.87
C LEU I 3 43.22 -3.92 28.52
N GLN I 4 41.99 -3.90 29.04
CA GLN I 4 41.03 -2.88 28.62
C GLN I 4 41.40 -1.51 29.17
N ASP I 5 41.97 -1.44 30.39
CA ASP I 5 42.35 -0.15 30.94
C ASP I 5 43.56 0.45 30.23
N PRO I 6 44.68 -0.28 29.97
CA PRO I 6 45.73 0.33 29.14
C PRO I 6 45.31 0.56 27.70
N TYR I 7 44.39 -0.25 27.16
CA TYR I 7 43.95 -0.07 25.78
C TYR I 7 43.12 1.21 25.63
N LEU I 8 42.18 1.43 26.55
CA LEU I 8 41.40 2.66 26.51
C LEU I 8 42.22 3.86 26.95
N ASN I 9 43.26 3.66 27.76
CA ASN I 9 44.14 4.78 28.08
C ASN I 9 44.99 5.18 26.89
N THR I 10 45.45 4.19 26.11
CA THR I 10 46.16 4.48 24.86
C THR I 10 45.24 5.18 23.86
N LEU I 11 43.97 4.78 23.82
CA LEU I 11 43.02 5.50 22.99
C LEU I 11 42.63 6.86 23.57
N ARG I 12 42.89 7.10 24.86
CA ARG I 12 42.59 8.40 25.44
C ARG I 12 43.71 9.41 25.21
N LYS I 13 44.97 8.98 25.33
CA LYS I 13 46.12 9.86 25.17
C LYS I 13 46.20 10.44 23.76
N GLU I 14 46.43 9.59 22.77
CA GLU I 14 46.30 10.02 21.38
C GLU I 14 44.83 10.16 21.03
N ARG I 15 44.51 11.24 20.30
CA ARG I 15 43.13 11.55 19.95
C ARG I 15 42.73 10.70 18.75
N VAL I 16 42.54 9.42 18.98
CA VAL I 16 42.26 8.46 17.91
C VAL I 16 40.77 8.52 17.59
N PRO I 17 40.38 8.63 16.32
CA PRO I 17 38.95 8.59 15.97
C PRO I 17 38.36 7.19 16.16
N VAL I 18 38.02 6.88 17.41
CA VAL I 18 37.58 5.56 17.81
C VAL I 18 36.16 5.33 17.31
N SER I 19 35.79 4.06 17.17
CA SER I 19 34.44 3.66 16.80
C SER I 19 33.99 2.56 17.75
N ILE I 20 32.94 2.84 18.52
CA ILE I 20 32.36 1.87 19.44
C ILE I 20 31.18 1.20 18.74
N TYR I 21 31.23 -0.12 18.67
CA TYR I 21 30.12 -0.92 18.16
C TYR I 21 29.33 -1.48 19.33
N LEU I 22 28.05 -1.17 19.36
CA LEU I 22 27.14 -1.66 20.38
C LEU I 22 26.65 -3.06 20.03
N VAL I 23 25.97 -3.71 20.98
CA VAL I 23 25.58 -5.09 20.82
C VAL I 23 24.43 -5.27 19.84
N ASN I 24 23.75 -4.20 19.45
CA ASN I 24 22.72 -4.27 18.42
C ASN I 24 23.21 -3.78 17.07
N GLY I 25 24.51 -3.56 16.90
CA GLY I 25 25.08 -3.18 15.64
C GLY I 25 25.25 -1.69 15.42
N ILE I 26 24.92 -0.86 16.40
CA ILE I 26 25.02 0.58 16.25
C ILE I 26 26.48 1.00 16.29
N LYS I 27 26.90 1.82 15.33
CA LYS I 27 28.29 2.19 15.13
C LYS I 27 28.47 3.67 15.45
N LEU I 28 29.21 3.96 16.52
CA LEU I 28 29.36 5.33 17.01
C LEU I 28 30.81 5.76 16.85
N GLN I 29 31.08 6.67 15.91
CA GLN I 29 32.37 7.32 15.86
C GLN I 29 32.51 8.29 17.02
N GLY I 30 33.75 8.67 17.30
CA GLY I 30 33.99 9.72 18.26
C GLY I 30 35.40 9.64 18.81
N GLN I 31 35.58 10.26 19.96
CA GLN I 31 36.83 10.21 20.70
C GLN I 31 36.52 9.97 22.18
N ILE I 32 37.44 9.31 22.87
CA ILE I 32 37.21 8.88 24.25
C ILE I 32 37.66 10.01 25.19
N GLU I 33 36.69 10.65 25.84
CA GLU I 33 37.00 11.64 26.86
C GLU I 33 37.60 10.97 28.10
N SER I 34 36.81 10.10 28.74
CA SER I 34 37.25 9.41 29.95
C SER I 34 36.42 8.14 30.09
N PHE I 35 36.75 7.33 31.09
CA PHE I 35 36.07 6.08 31.34
C PHE I 35 36.30 5.66 32.78
N ASP I 36 35.66 4.55 33.15
CA ASP I 36 35.81 3.95 34.47
C ASP I 36 35.60 2.45 34.32
N GLN I 37 35.27 1.78 35.43
CA GLN I 37 34.96 0.36 35.39
C GLN I 37 33.72 0.04 34.56
N PHE I 38 32.77 0.96 34.49
CA PHE I 38 31.46 0.64 33.91
C PHE I 38 31.05 1.45 32.69
N VAL I 39 31.56 2.67 32.49
CA VAL I 39 31.01 3.53 31.46
C VAL I 39 32.16 4.22 30.72
N ILE I 40 31.84 4.75 29.55
CA ILE I 40 32.81 5.41 28.67
C ILE I 40 32.19 6.70 28.15
N LEU I 41 32.89 7.82 28.30
CA LEU I 41 32.47 9.07 27.70
C LEU I 41 32.99 9.15 26.27
N LEU I 42 32.14 9.60 25.35
CA LEU I 42 32.48 9.69 23.94
C LEU I 42 32.37 11.14 23.49
N LYS I 43 33.36 11.61 22.72
CA LYS I 43 33.42 13.00 22.30
C LYS I 43 33.03 13.13 20.83
N ASN I 44 32.02 13.97 20.58
CA ASN I 44 31.57 14.33 19.24
C ASN I 44 31.02 15.75 19.34
N THR I 45 30.13 16.13 18.44
CA THR I 45 29.39 17.39 18.57
C THR I 45 28.69 17.50 19.92
N VAL I 46 28.08 16.40 20.37
CA VAL I 46 27.63 16.27 21.74
C VAL I 46 28.46 15.20 22.43
N SER I 47 28.41 15.19 23.76
CA SER I 47 29.17 14.24 24.56
C SER I 47 28.26 13.10 24.98
N GLN I 48 28.63 11.88 24.62
CA GLN I 48 27.82 10.70 24.88
C GLN I 48 28.35 9.95 26.10
N MET I 49 27.47 9.12 26.66
CA MET I 49 27.75 8.30 27.83
C MET I 49 27.33 6.87 27.54
N VAL I 50 28.29 6.00 27.25
CA VAL I 50 27.95 4.66 26.80
C VAL I 50 28.42 3.63 27.82
N TYR I 51 27.47 2.84 28.33
CA TYR I 51 27.77 1.80 29.30
C TYR I 51 28.53 0.65 28.65
N LYS I 52 29.34 -0.04 29.45
CA LYS I 52 30.18 -1.10 28.90
C LYS I 52 29.39 -2.37 28.59
N HIS I 53 28.28 -2.62 29.27
CA HIS I 53 27.55 -3.87 29.03
C HIS I 53 26.81 -3.87 27.71
N ALA I 54 26.62 -2.71 27.07
CA ALA I 54 26.04 -2.66 25.74
C ALA I 54 27.08 -2.55 24.65
N ILE I 55 28.37 -2.47 24.98
CA ILE I 55 29.42 -2.34 23.99
C ILE I 55 29.81 -3.72 23.48
N SER I 56 29.75 -3.90 22.17
CA SER I 56 30.29 -5.12 21.57
C SER I 56 31.79 -5.01 21.35
N THR I 57 32.22 -4.07 20.49
CA THR I 57 33.63 -3.91 20.18
C THR I 57 34.02 -2.44 20.28
N VAL I 58 35.33 -2.21 20.42
CA VAL I 58 35.92 -0.87 20.42
C VAL I 58 37.08 -0.91 19.43
N VAL I 59 36.89 -0.33 18.25
CA VAL I 59 37.87 -0.41 17.17
C VAL I 59 38.47 0.98 16.96
N PRO I 60 39.77 1.08 16.72
CA PRO I 60 40.34 2.37 16.32
C PRO I 60 40.43 2.50 14.80
N SER I 61 40.42 3.76 14.34
CA SER I 61 40.58 4.02 12.92
C SER I 61 42.04 4.14 12.50
N ARG I 62 42.94 4.41 13.44
CA ARG I 62 44.37 4.43 13.19
C ARG I 62 45.03 3.33 14.02
N PRO I 63 45.90 2.51 13.42
CA PRO I 63 46.51 1.39 14.15
C PRO I 63 47.40 1.80 15.31
N VAL I 64 47.04 1.36 16.52
CA VAL I 64 47.79 1.68 17.73
C VAL I 64 48.45 0.42 18.26
N ARG I 65 49.25 0.55 19.32
CA ARG I 65 49.95 -0.58 19.90
C ARG I 65 50.05 -0.38 21.41
N LEU I 66 50.20 -1.49 22.13
CA LEU I 66 50.24 -1.47 23.57
C LEU I 66 51.68 -1.58 24.07
N PRO I 67 52.04 -0.86 25.15
CA PRO I 67 53.40 -0.95 25.69
C PRO I 67 53.67 -2.27 26.42
N SER J 2 32.34 5.52 39.70
CA SER J 2 33.23 6.61 40.07
C SER J 2 33.07 7.78 39.11
N LEU J 3 32.84 7.47 37.83
CA LEU J 3 32.60 8.47 36.81
C LEU J 3 31.14 8.60 36.43
N GLN J 4 30.33 7.58 36.77
CA GLN J 4 28.92 7.59 36.42
C GLN J 4 28.13 8.57 37.28
N ASP J 5 28.14 8.36 38.60
CA ASP J 5 27.31 9.16 39.50
C ASP J 5 27.66 10.65 39.63
N PRO J 6 28.90 11.14 39.41
CA PRO J 6 29.04 12.59 39.24
C PRO J 6 28.45 13.11 37.94
N TYR J 7 28.53 12.34 36.85
CA TYR J 7 27.95 12.77 35.58
C TYR J 7 26.44 12.84 35.66
N LEU J 8 25.82 11.84 36.28
CA LEU J 8 24.36 11.84 36.40
C LEU J 8 23.87 12.94 37.32
N ASN J 9 24.62 13.24 38.39
CA ASN J 9 24.28 14.36 39.26
C ASN J 9 24.39 15.70 38.53
N THR J 10 25.52 15.93 37.85
CA THR J 10 25.74 17.15 37.09
C THR J 10 24.70 17.31 35.98
N LEU J 11 24.21 16.21 35.42
CA LEU J 11 23.21 16.28 34.39
C LEU J 11 21.79 16.38 34.95
N ARG J 12 21.57 16.00 36.21
CA ARG J 12 20.21 16.04 36.76
C ARG J 12 19.94 17.27 37.61
N LYS J 13 20.96 18.04 38.01
CA LYS J 13 20.71 19.24 38.80
C LYS J 13 20.00 20.31 37.98
N GLU J 14 20.62 20.78 36.91
CA GLU J 14 20.06 21.88 36.14
C GLU J 14 19.04 21.44 35.09
N ARG J 15 18.61 20.17 35.14
CA ARG J 15 17.42 19.66 34.43
C ARG J 15 17.56 19.78 32.92
N VAL J 16 18.61 19.15 32.40
CA VAL J 16 18.82 19.08 30.95
C VAL J 16 17.85 18.06 30.36
N PRO J 17 17.09 18.39 29.33
CA PRO J 17 16.27 17.38 28.68
C PRO J 17 17.11 16.40 27.89
N VAL J 18 17.27 15.19 28.40
CA VAL J 18 18.20 14.24 27.81
C VAL J 18 17.43 13.12 27.12
N SER J 19 18.15 12.40 26.26
CA SER J 19 17.60 11.26 25.54
C SER J 19 18.37 10.03 25.98
N ILE J 20 17.67 9.07 26.59
CA ILE J 20 18.24 7.78 26.93
C ILE J 20 17.94 6.82 25.79
N TYR J 21 18.99 6.32 25.15
CA TYR J 21 18.86 5.34 24.09
C TYR J 21 19.04 3.95 24.69
N LEU J 22 18.06 3.08 24.48
CA LEU J 22 18.09 1.73 25.03
C LEU J 22 18.87 0.81 24.10
N VAL J 23 18.99 -0.46 24.49
CA VAL J 23 19.70 -1.44 23.65
C VAL J 23 18.83 -1.99 22.54
N ASN J 24 17.59 -1.54 22.44
CA ASN J 24 16.73 -1.85 21.30
C ASN J 24 16.84 -0.81 20.20
N GLY J 25 17.35 0.37 20.52
CA GLY J 25 17.24 1.53 19.66
C GLY J 25 16.20 2.53 20.11
N ILE J 26 15.47 2.23 21.20
CA ILE J 26 14.40 3.08 21.67
C ILE J 26 15.01 4.28 22.40
N LYS J 27 14.63 5.49 21.98
CA LYS J 27 15.06 6.69 22.66
C LYS J 27 13.94 7.25 23.53
N LEU J 28 14.33 7.81 24.66
CA LEU J 28 13.39 8.31 25.66
C LEU J 28 13.84 9.70 26.07
N GLN J 29 13.07 10.72 25.68
CA GLN J 29 13.39 12.10 26.04
C GLN J 29 12.78 12.41 27.41
N GLY J 30 13.45 13.27 28.16
CA GLY J 30 12.96 13.68 29.45
C GLY J 30 14.12 14.02 30.36
N GLN J 31 13.77 14.53 31.54
CA GLN J 31 14.80 14.88 32.52
C GLN J 31 14.87 13.83 33.62
N ILE J 32 16.07 13.62 34.15
CA ILE J 32 16.30 12.60 35.16
C ILE J 32 15.94 13.17 36.53
N GLU J 33 15.08 12.45 37.27
CA GLU J 33 14.69 12.87 38.60
C GLU J 33 15.54 12.22 39.69
N SER J 34 15.83 10.93 39.57
CA SER J 34 16.61 10.24 40.59
C SER J 34 17.35 9.07 39.96
N PHE J 35 18.34 8.56 40.67
CA PHE J 35 19.09 7.40 40.21
C PHE J 35 19.70 6.67 41.40
N ASP J 36 20.03 5.41 41.19
CA ASP J 36 20.70 4.60 42.20
C ASP J 36 21.57 3.59 41.45
N GLN J 37 21.98 2.52 42.15
CA GLN J 37 22.96 1.58 41.63
C GLN J 37 22.43 0.76 40.47
N PHE J 38 21.11 0.60 40.36
CA PHE J 38 20.54 -0.20 39.28
C PHE J 38 19.54 0.56 38.42
N VAL J 39 18.95 1.65 38.93
CA VAL J 39 17.82 2.26 38.24
C VAL J 39 18.13 3.72 37.90
N ILE J 40 17.53 4.17 36.80
CA ILE J 40 17.43 5.58 36.46
C ILE J 40 15.93 5.92 36.52
N LEU J 41 15.61 7.21 36.54
CA LEU J 41 14.21 7.63 36.59
C LEU J 41 14.06 8.85 35.70
N LEU J 42 13.23 8.72 34.66
CA LEU J 42 13.08 9.72 33.63
C LEU J 42 11.67 10.30 33.69
N LYS J 43 11.55 11.58 33.33
CA LYS J 43 10.26 12.28 33.34
C LYS J 43 10.09 13.06 32.05
N ASN J 44 9.10 12.66 31.24
CA ASN J 44 8.56 13.48 30.18
C ASN J 44 7.07 13.74 30.40
N THR J 45 6.27 12.69 30.58
CA THR J 45 4.86 12.82 30.90
C THR J 45 4.46 12.04 32.14
N VAL J 46 5.25 11.05 32.56
CA VAL J 46 5.01 10.32 33.80
C VAL J 46 6.37 9.80 34.26
N SER J 47 6.56 9.74 35.59
CA SER J 47 7.84 9.34 36.17
C SER J 47 7.98 7.83 36.05
N GLN J 48 8.44 7.39 34.88
CA GLN J 48 8.72 5.98 34.65
C GLN J 48 10.07 5.62 35.25
N MET J 49 10.33 4.31 35.33
CA MET J 49 11.59 3.79 35.83
C MET J 49 12.22 2.92 34.76
N VAL J 50 13.46 3.23 34.40
CA VAL J 50 14.19 2.51 33.36
C VAL J 50 15.40 1.84 34.01
N TYR J 51 15.53 0.53 33.81
CA TYR J 51 16.70 -0.17 34.32
C TYR J 51 17.93 0.16 33.49
N LYS J 52 19.08 0.16 34.14
CA LYS J 52 20.31 0.55 33.45
C LYS J 52 20.90 -0.55 32.59
N HIS J 53 20.56 -1.81 32.86
CA HIS J 53 20.99 -2.90 31.99
C HIS J 53 20.21 -2.98 30.69
N ALA J 54 19.24 -2.09 30.48
CA ALA J 54 18.61 -1.91 29.18
C ALA J 54 19.12 -0.69 28.43
N ILE J 55 19.84 0.20 29.11
CA ILE J 55 20.28 1.48 28.54
C ILE J 55 21.54 1.25 27.73
N SER J 56 21.55 1.70 26.47
CA SER J 56 22.78 1.74 25.70
C SER J 56 23.56 3.03 25.99
N THR J 57 22.95 4.18 25.70
CA THR J 57 23.62 5.47 25.90
C THR J 57 22.68 6.47 26.58
N VAL J 58 23.29 7.53 27.12
CA VAL J 58 22.59 8.70 27.65
C VAL J 58 23.18 9.94 27.00
N VAL J 59 22.38 10.65 26.21
CA VAL J 59 22.88 11.79 25.44
C VAL J 59 22.14 13.06 25.85
N PRO J 60 22.82 14.07 26.38
CA PRO J 60 22.14 15.32 26.72
C PRO J 60 22.02 16.26 25.52
N SER J 61 21.01 17.13 25.59
CA SER J 61 20.73 18.05 24.50
C SER J 61 21.68 19.24 24.52
N ARG J 62 21.66 20.01 25.59
CA ARG J 62 22.61 21.11 25.65
C ARG J 62 23.98 20.59 26.04
N PRO J 63 25.04 21.03 25.35
CA PRO J 63 26.39 20.56 25.66
C PRO J 63 26.86 21.12 26.99
N VAL J 64 26.89 20.24 28.01
CA VAL J 64 27.25 20.63 29.36
C VAL J 64 28.65 20.12 29.67
N ARG J 65 29.21 20.63 30.75
CA ARG J 65 30.54 20.28 31.20
C ARG J 65 30.46 19.43 32.46
N LEU J 66 31.61 19.01 32.96
CA LEU J 66 31.67 18.11 34.10
C LEU J 66 31.78 18.88 35.41
N HIS K 1 17.72 0.06 43.54
CA HIS K 1 18.18 -0.58 44.77
C HIS K 1 17.47 0.04 45.97
N SER K 2 17.96 1.19 46.42
CA SER K 2 17.23 1.94 47.45
C SER K 2 16.28 2.94 46.82
N LEU K 3 16.25 3.04 45.48
CA LEU K 3 15.28 3.86 44.78
C LEU K 3 14.25 3.02 44.05
N GLN K 4 14.55 1.75 43.79
CA GLN K 4 13.63 0.85 43.11
C GLN K 4 12.56 0.31 44.07
N ASP K 5 12.98 -0.02 45.29
CA ASP K 5 12.06 -0.63 46.26
C ASP K 5 10.94 0.31 46.72
N PRO K 6 11.15 1.60 47.06
CA PRO K 6 9.97 2.44 47.34
C PRO K 6 9.09 2.68 46.13
N TYR K 7 9.66 2.71 44.93
CA TYR K 7 8.87 2.92 43.72
C TYR K 7 7.94 1.73 43.46
N LEU K 8 8.49 0.52 43.51
CA LEU K 8 7.67 -0.67 43.29
C LEU K 8 6.71 -0.91 44.45
N ASN K 9 7.08 -0.53 45.68
CA ASN K 9 6.19 -0.72 46.81
C ASN K 9 5.03 0.28 46.76
N THR K 10 5.30 1.49 46.26
CA THR K 10 4.23 2.46 46.06
C THR K 10 3.30 2.04 44.94
N LEU K 11 3.85 1.40 43.89
CA LEU K 11 2.98 0.85 42.86
C LEU K 11 2.20 -0.36 43.36
N ARG K 12 2.72 -1.08 44.35
CA ARG K 12 2.00 -2.23 44.90
C ARG K 12 0.86 -1.79 45.81
N LYS K 13 1.12 -0.79 46.68
CA LYS K 13 0.11 -0.36 47.65
C LYS K 13 -1.11 0.28 47.00
N GLU K 14 -0.92 1.09 45.96
CA GLU K 14 -2.02 1.82 45.36
C GLU K 14 -2.75 1.00 44.29
N ARG K 15 -2.16 -0.15 43.90
CA ARG K 15 -2.62 -0.97 42.77
C ARG K 15 -2.73 -0.14 41.49
N VAL K 16 -1.68 0.61 41.20
CA VAL K 16 -1.62 1.36 39.94
C VAL K 16 -1.39 0.38 38.80
N PRO K 17 -2.15 0.46 37.71
CA PRO K 17 -1.87 -0.39 36.55
C PRO K 17 -0.57 0.04 35.87
N VAL K 18 0.34 -0.91 35.72
CA VAL K 18 1.65 -0.64 35.15
C VAL K 18 1.77 -1.33 33.81
N SER K 19 2.64 -0.77 32.97
CA SER K 19 3.06 -1.37 31.71
C SER K 19 4.54 -1.68 31.82
N ILE K 20 4.86 -2.96 31.95
CA ILE K 20 6.24 -3.43 31.98
C ILE K 20 6.67 -3.72 30.55
N TYR K 21 7.60 -2.93 30.04
CA TYR K 21 8.22 -3.21 28.76
C TYR K 21 9.38 -4.17 28.97
N LEU K 22 9.48 -5.16 28.10
CA LEU K 22 10.60 -6.08 28.20
C LEU K 22 11.72 -5.62 27.28
N VAL K 23 12.86 -6.31 27.38
CA VAL K 23 14.00 -5.96 26.54
C VAL K 23 13.89 -6.47 25.12
N ASN K 24 12.81 -7.18 24.78
CA ASN K 24 12.52 -7.53 23.40
C ASN K 24 11.30 -6.78 22.85
N GLY K 25 10.92 -5.68 23.50
CA GLY K 25 9.87 -4.83 23.00
C GLY K 25 8.46 -5.32 23.22
N ILE K 26 8.24 -6.21 24.18
CA ILE K 26 6.91 -6.72 24.50
C ILE K 26 6.37 -5.92 25.66
N LYS K 27 5.16 -5.37 25.51
CA LYS K 27 4.53 -4.56 26.54
C LYS K 27 3.54 -5.42 27.30
N LEU K 28 3.93 -5.85 28.50
CA LEU K 28 3.05 -6.51 29.45
C LEU K 28 2.33 -5.45 30.26
N GLN K 29 1.13 -5.77 30.70
CA GLN K 29 0.27 -4.73 31.28
C GLN K 29 -0.57 -5.35 32.39
N GLY K 30 -0.29 -4.97 33.62
CA GLY K 30 -0.98 -5.59 34.74
C GLY K 30 -0.84 -4.80 36.02
N GLN K 31 -0.88 -5.53 37.14
CA GLN K 31 -0.69 -4.94 38.45
C GLN K 31 0.40 -5.69 39.19
N ILE K 32 1.33 -4.95 39.80
CA ILE K 32 2.43 -5.54 40.55
C ILE K 32 1.86 -6.13 41.84
N GLU K 33 1.89 -7.45 41.97
CA GLU K 33 1.32 -8.05 43.17
C GLU K 33 2.34 -8.12 44.29
N SER K 34 3.54 -8.62 43.98
CA SER K 34 4.67 -8.59 44.90
C SER K 34 5.95 -8.67 44.09
N PHE K 35 7.08 -8.64 44.78
CA PHE K 35 8.39 -8.65 44.14
C PHE K 35 9.45 -9.04 45.15
N ASP K 36 10.69 -9.09 44.67
CA ASP K 36 11.86 -9.35 45.51
C ASP K 36 13.03 -8.62 44.88
N GLN K 37 14.25 -9.08 45.19
CA GLN K 37 15.44 -8.54 44.55
C GLN K 37 15.47 -8.84 43.06
N PHE K 38 14.97 -10.00 42.64
CA PHE K 38 15.21 -10.49 41.29
C PHE K 38 14.00 -10.68 40.40
N VAL K 39 12.79 -10.77 40.94
CA VAL K 39 11.62 -11.08 40.13
C VAL K 39 10.44 -10.23 40.60
N ILE K 40 9.56 -9.88 39.67
CA ILE K 40 8.33 -9.12 39.94
C ILE K 40 7.18 -9.92 39.36
N LEU K 41 6.20 -10.26 40.17
CA LEU K 41 5.04 -10.94 39.60
C LEU K 41 3.91 -9.95 39.39
N LEU K 42 3.33 -10.00 38.20
CA LEU K 42 2.22 -9.13 37.82
C LEU K 42 0.99 -9.97 37.58
N LYS K 43 -0.16 -9.33 37.72
CA LYS K 43 -1.45 -9.98 37.54
C LYS K 43 -2.26 -9.15 36.54
N ASN K 44 -2.57 -9.75 35.40
CA ASN K 44 -3.61 -9.25 34.50
C ASN K 44 -4.85 -10.14 34.61
N THR K 45 -4.70 -11.40 34.25
CA THR K 45 -5.68 -12.45 34.53
C THR K 45 -5.05 -13.66 35.21
N VAL K 46 -3.84 -14.06 34.83
CA VAL K 46 -3.08 -15.10 35.49
C VAL K 46 -1.83 -14.44 36.07
N SER K 47 -1.50 -14.77 37.31
CA SER K 47 -0.30 -14.24 37.93
C SER K 47 0.94 -14.83 37.26
N GLN K 48 1.89 -13.97 36.92
CA GLN K 48 3.10 -14.41 36.26
C GLN K 48 4.31 -13.71 36.84
N MET K 49 5.40 -14.46 36.95
CA MET K 49 6.67 -13.91 37.41
C MET K 49 7.45 -13.37 36.22
N VAL K 50 8.13 -12.24 36.43
CA VAL K 50 8.88 -11.57 35.38
C VAL K 50 10.25 -11.26 35.95
N TYR K 51 11.29 -11.84 35.35
CA TYR K 51 12.65 -11.57 35.81
C TYR K 51 13.06 -10.15 35.46
N LYS K 52 13.68 -9.48 36.45
CA LYS K 52 14.05 -8.09 36.29
C LYS K 52 15.14 -7.87 35.26
N HIS K 53 15.94 -8.89 34.96
CA HIS K 53 16.98 -8.73 33.94
C HIS K 53 16.41 -8.71 32.53
N ALA K 54 15.14 -9.05 32.36
CA ALA K 54 14.47 -8.91 31.09
C ALA K 54 13.49 -7.75 31.06
N ILE K 55 13.52 -6.88 32.06
CA ILE K 55 12.65 -5.70 32.11
C ILE K 55 13.45 -4.49 31.70
N SER K 56 12.89 -3.67 30.81
CA SER K 56 13.51 -2.43 30.40
C SER K 56 12.92 -1.23 31.14
N THR K 57 11.60 -1.07 31.07
CA THR K 57 10.94 0.12 31.59
C THR K 57 9.65 -0.27 32.29
N VAL K 58 9.40 0.31 33.46
CA VAL K 58 8.16 0.15 34.20
C VAL K 58 7.40 1.46 34.12
N VAL K 59 6.32 1.48 33.36
CA VAL K 59 5.53 2.69 33.11
C VAL K 59 4.21 2.57 33.85
N PRO K 60 3.91 3.46 34.80
CA PRO K 60 2.56 3.51 35.34
C PRO K 60 1.61 4.20 34.38
N SER K 61 0.35 3.77 34.41
CA SER K 61 -0.65 4.31 33.50
C SER K 61 -1.26 5.62 34.00
N ARG K 62 -0.94 6.03 35.21
CA ARG K 62 -1.39 7.28 35.80
C ARG K 62 -0.36 7.72 36.82
N PRO K 63 -0.19 9.02 37.04
CA PRO K 63 0.93 9.51 37.87
C PRO K 63 0.84 9.10 39.33
N VAL K 64 1.98 9.23 40.01
CA VAL K 64 2.19 8.70 41.35
C VAL K 64 3.16 9.63 42.07
N ARG K 65 3.23 9.49 43.40
CA ARG K 65 4.12 10.24 44.31
C ARG K 65 3.89 11.75 44.23
N SER L 2 12.48 -13.42 49.32
CA SER L 2 12.48 -13.90 47.94
C SER L 2 11.29 -14.80 47.66
N LEU L 3 10.65 -14.59 46.50
CA LEU L 3 9.54 -15.44 46.07
C LEU L 3 9.89 -16.22 44.81
N GLN L 4 11.18 -16.34 44.50
CA GLN L 4 11.72 -17.22 43.48
C GLN L 4 11.37 -18.67 43.80
N ASP L 5 11.94 -19.17 44.89
CA ASP L 5 11.87 -20.54 45.34
C ASP L 5 10.48 -21.02 45.77
N PRO L 6 9.63 -20.25 46.50
CA PRO L 6 8.27 -20.76 46.75
C PRO L 6 7.42 -20.88 45.51
N TYR L 7 7.54 -19.95 44.56
CA TYR L 7 6.76 -20.02 43.34
C TYR L 7 7.21 -21.18 42.46
N LEU L 8 8.53 -21.40 42.37
CA LEU L 8 9.02 -22.50 41.55
C LEU L 8 8.78 -23.86 42.20
N ASN L 9 8.90 -23.94 43.54
CA ASN L 9 8.54 -25.17 44.23
C ASN L 9 7.04 -25.47 44.15
N THR L 10 6.21 -24.43 44.12
CA THR L 10 4.79 -24.67 44.02
C THR L 10 4.41 -25.10 42.61
N LEU L 11 5.12 -24.61 41.59
CA LEU L 11 4.91 -25.14 40.24
C LEU L 11 5.47 -26.55 40.09
N ARG L 12 6.50 -26.89 40.85
CA ARG L 12 7.09 -28.23 40.79
C ARG L 12 6.23 -29.28 41.48
N LYS L 13 5.96 -29.09 42.78
CA LYS L 13 5.40 -30.16 43.60
C LYS L 13 3.92 -30.39 43.31
N GLU L 14 3.20 -29.36 42.88
CA GLU L 14 1.82 -29.50 42.46
C GLU L 14 1.71 -30.10 41.06
N ARG L 15 2.84 -30.12 40.32
CA ARG L 15 2.95 -30.65 38.95
C ARG L 15 1.98 -29.92 38.02
N VAL L 16 2.25 -28.63 37.84
CA VAL L 16 1.42 -27.74 37.03
C VAL L 16 2.13 -27.53 35.69
N PRO L 17 1.44 -27.70 34.56
CA PRO L 17 2.06 -27.40 33.27
C PRO L 17 2.30 -25.91 33.10
N VAL L 18 3.57 -25.54 32.96
CA VAL L 18 3.96 -24.14 32.83
C VAL L 18 4.34 -23.85 31.39
N SER L 19 4.25 -22.58 31.03
CA SER L 19 4.76 -22.06 29.77
C SER L 19 5.78 -20.98 30.09
N ILE L 20 6.97 -21.11 29.51
CA ILE L 20 8.10 -20.28 29.89
C ILE L 20 8.53 -19.48 28.67
N TYR L 21 8.37 -18.16 28.74
CA TYR L 21 8.71 -17.29 27.63
C TYR L 21 10.13 -16.78 27.82
N LEU L 22 10.94 -16.90 26.77
CA LEU L 22 12.35 -16.53 26.81
C LEU L 22 12.54 -15.07 26.43
N VAL L 23 13.80 -14.61 26.45
CA VAL L 23 14.11 -13.23 26.13
C VAL L 23 14.03 -12.94 24.65
N ASN L 24 14.06 -13.96 23.79
CA ASN L 24 13.87 -13.75 22.37
C ASN L 24 12.42 -13.96 21.91
N GLY L 25 11.54 -14.36 22.82
CA GLY L 25 10.13 -14.48 22.53
C GLY L 25 9.61 -15.90 22.40
N ILE L 26 10.44 -16.90 22.62
CA ILE L 26 10.09 -18.29 22.37
C ILE L 26 9.54 -18.91 23.64
N LYS L 27 8.37 -19.54 23.54
CA LYS L 27 7.75 -20.18 24.69
C LYS L 27 8.07 -21.67 24.72
N LEU L 28 8.29 -22.17 25.93
CA LEU L 28 8.68 -23.55 26.19
C LEU L 28 7.67 -24.09 27.20
N GLN L 29 6.80 -24.99 26.76
CA GLN L 29 5.72 -25.47 27.62
C GLN L 29 6.02 -26.89 28.09
N GLY L 30 5.99 -27.07 29.40
CA GLY L 30 6.32 -28.34 30.00
C GLY L 30 5.95 -28.39 31.47
N GLN L 31 6.75 -29.08 32.28
CA GLN L 31 6.55 -29.16 33.72
C GLN L 31 7.91 -29.06 34.40
N ILE L 32 8.00 -28.23 35.44
CA ILE L 32 9.27 -27.99 36.11
C ILE L 32 9.66 -29.23 36.88
N GLU L 33 10.64 -29.98 36.35
CA GLU L 33 11.15 -31.15 37.05
C GLU L 33 12.06 -30.76 38.20
N SER L 34 13.00 -29.84 37.96
CA SER L 34 13.88 -29.37 39.01
C SER L 34 14.34 -27.96 38.71
N PHE L 35 14.84 -27.27 39.73
CA PHE L 35 15.40 -25.95 39.51
C PHE L 35 16.50 -25.68 40.51
N ASP L 36 17.53 -24.98 40.07
CA ASP L 36 18.68 -24.58 40.86
C ASP L 36 18.68 -23.06 40.95
N GLN L 37 19.76 -22.49 41.48
CA GLN L 37 19.95 -21.05 41.48
C GLN L 37 20.13 -20.48 40.06
N PHE L 38 20.61 -21.29 39.11
CA PHE L 38 20.93 -20.81 37.77
C PHE L 38 20.13 -21.48 36.67
N VAL L 39 19.62 -22.69 36.88
CA VAL L 39 18.99 -23.45 35.80
C VAL L 39 17.57 -23.84 36.20
N ILE L 40 16.80 -24.23 35.20
CA ILE L 40 15.47 -24.83 35.35
C ILE L 40 15.40 -26.00 34.39
N LEU L 41 15.29 -27.21 34.94
CA LEU L 41 15.15 -28.42 34.14
C LEU L 41 13.67 -28.77 34.05
N LEU L 42 13.12 -28.73 32.84
CA LEU L 42 11.73 -29.07 32.61
C LEU L 42 11.62 -30.22 31.62
N LYS L 43 10.50 -30.92 31.67
CA LYS L 43 10.32 -32.17 30.94
C LYS L 43 9.03 -32.10 30.13
N ASN L 44 9.16 -32.07 28.81
CA ASN L 44 8.05 -32.36 27.91
C ASN L 44 8.24 -33.72 27.25
N THR L 45 9.35 -33.88 26.52
CA THR L 45 9.78 -35.17 25.99
C THR L 45 11.13 -35.59 26.56
N VAL L 46 12.11 -34.70 26.47
CA VAL L 46 13.42 -34.92 27.08
C VAL L 46 13.60 -33.90 28.19
N SER L 47 14.50 -34.20 29.11
CA SER L 47 14.84 -33.25 30.16
C SER L 47 15.65 -32.11 29.57
N GLN L 48 15.21 -30.89 29.84
CA GLN L 48 15.72 -29.70 29.16
C GLN L 48 16.17 -28.69 30.19
N MET L 49 17.44 -28.30 30.11
CA MET L 49 18.05 -27.36 31.03
C MET L 49 18.04 -25.98 30.42
N VAL L 50 17.28 -25.06 31.01
CA VAL L 50 17.15 -23.70 30.51
C VAL L 50 17.74 -22.76 31.55
N TYR L 51 18.66 -21.91 31.11
CA TYR L 51 19.31 -20.98 32.03
C TYR L 51 18.36 -19.87 32.43
N LYS L 52 18.51 -19.37 33.66
CA LYS L 52 17.64 -18.31 34.13
C LYS L 52 17.99 -16.95 33.54
N HIS L 53 19.18 -16.80 32.95
CA HIS L 53 19.48 -15.52 32.31
C HIS L 53 18.86 -15.39 30.92
N ALA L 54 18.13 -16.39 30.46
CA ALA L 54 17.34 -16.28 29.25
C ALA L 54 15.85 -16.30 29.52
N ILE L 55 15.43 -16.59 30.75
CA ILE L 55 14.02 -16.58 31.08
C ILE L 55 13.52 -15.15 31.14
N SER L 56 12.42 -14.89 30.43
CA SER L 56 11.71 -13.64 30.57
C SER L 56 10.54 -13.77 31.52
N THR L 57 9.59 -14.68 31.24
CA THR L 57 8.47 -14.92 32.14
C THR L 57 8.22 -16.41 32.29
N VAL L 58 7.56 -16.79 33.38
CA VAL L 58 7.07 -18.14 33.62
C VAL L 58 5.61 -18.04 34.02
N VAL L 59 4.70 -18.49 33.16
CA VAL L 59 3.27 -18.48 33.44
C VAL L 59 2.83 -19.91 33.74
N PRO L 60 1.87 -20.12 34.63
CA PRO L 60 1.28 -21.46 34.77
C PRO L 60 0.04 -21.59 33.91
N SER L 61 -0.47 -22.82 33.86
CA SER L 61 -1.79 -23.06 33.27
C SER L 61 -2.88 -23.11 34.34
N ARG L 62 -2.51 -23.46 35.56
CA ARG L 62 -3.39 -23.41 36.71
C ARG L 62 -2.78 -22.50 37.76
N PRO L 63 -3.51 -21.51 38.28
CA PRO L 63 -2.89 -20.53 39.18
C PRO L 63 -2.54 -21.14 40.54
N VAL L 64 -1.40 -20.71 41.06
CA VAL L 64 -0.82 -21.28 42.26
C VAL L 64 -0.80 -20.24 43.37
N ARG L 65 -0.66 -20.72 44.60
CA ARG L 65 -0.62 -19.88 45.79
C ARG L 65 0.73 -20.08 46.47
N LEU L 66 1.35 -18.98 46.89
CA LEU L 66 2.61 -19.04 47.61
C LEU L 66 2.38 -19.62 49.00
N PRO L 67 3.14 -20.64 49.42
CA PRO L 67 2.98 -21.25 50.75
C PRO L 67 3.56 -20.38 51.87
N HIS M 1 24.17 -24.34 39.07
CA HIS M 1 25.38 -24.31 39.89
C HIS M 1 25.58 -25.65 40.59
N SER M 2 24.62 -26.05 41.41
CA SER M 2 24.64 -27.33 42.10
C SER M 2 23.84 -28.40 41.39
N LEU M 3 23.31 -28.11 40.20
CA LEU M 3 22.50 -29.07 39.47
C LEU M 3 22.86 -29.19 38.00
N GLN M 4 23.52 -28.20 37.41
CA GLN M 4 23.88 -28.25 35.99
C GLN M 4 25.14 -29.06 35.71
N ASP M 5 26.05 -29.15 36.67
CA ASP M 5 27.30 -29.89 36.51
C ASP M 5 27.08 -31.40 36.36
N PRO M 6 26.28 -32.11 37.20
CA PRO M 6 26.06 -33.54 36.90
C PRO M 6 25.26 -33.78 35.63
N TYR M 7 24.39 -32.84 35.25
CA TYR M 7 23.65 -32.96 34.00
C TYR M 7 24.58 -32.89 32.80
N LEU M 8 25.52 -31.94 32.82
CA LEU M 8 26.49 -31.87 31.73
C LEU M 8 27.51 -32.99 31.77
N ASN M 9 27.86 -33.50 32.96
CA ASN M 9 28.71 -34.68 33.03
C ASN M 9 28.02 -35.90 32.45
N THR M 10 26.70 -36.02 32.63
CA THR M 10 25.95 -37.10 32.03
C THR M 10 25.90 -36.96 30.51
N LEU M 11 25.62 -35.74 30.02
CA LEU M 11 25.58 -35.49 28.58
C LEU M 11 26.94 -35.71 27.92
N ARG M 12 28.04 -35.55 28.67
CA ARG M 12 29.34 -35.90 28.12
C ARG M 12 29.62 -37.40 28.17
N LYS M 13 29.41 -38.03 29.34
CA LYS M 13 29.84 -39.41 29.56
C LYS M 13 29.03 -40.41 28.74
N GLU M 14 27.74 -40.16 28.55
CA GLU M 14 27.00 -41.05 27.66
C GLU M 14 27.17 -40.71 26.18
N ARG M 15 27.82 -39.58 25.86
CA ARG M 15 28.10 -39.11 24.50
C ARG M 15 26.81 -39.03 23.68
N VAL M 16 25.93 -38.12 24.10
CA VAL M 16 24.66 -37.91 23.42
C VAL M 16 24.78 -36.68 22.53
N PRO M 17 24.13 -36.65 21.38
CA PRO M 17 24.18 -35.45 20.53
C PRO M 17 23.25 -34.38 21.07
N VAL M 18 23.83 -33.37 21.71
CA VAL M 18 23.05 -32.26 22.24
C VAL M 18 22.79 -31.25 21.13
N SER M 19 21.85 -30.34 21.37
CA SER M 19 21.61 -29.19 20.51
C SER M 19 21.43 -27.98 21.43
N ILE M 20 22.30 -27.01 21.28
CA ILE M 20 22.33 -25.84 22.14
C ILE M 20 21.69 -24.67 21.40
N TYR M 21 20.62 -24.12 21.97
CA TYR M 21 19.94 -22.98 21.40
C TYR M 21 20.39 -21.74 22.17
N LEU M 22 20.91 -20.75 21.44
CA LEU M 22 21.52 -19.57 22.02
C LEU M 22 20.44 -18.55 22.39
N VAL M 23 20.86 -17.41 22.96
CA VAL M 23 19.90 -16.39 23.37
C VAL M 23 19.36 -15.57 22.21
N ASN M 24 19.91 -15.74 21.02
CA ASN M 24 19.35 -15.17 19.80
C ASN M 24 18.67 -16.22 18.93
N GLY M 25 18.49 -17.43 19.45
CA GLY M 25 17.75 -18.46 18.74
C GLY M 25 18.49 -19.13 17.61
N ILE M 26 19.66 -19.70 17.89
CA ILE M 26 20.46 -20.38 16.88
C ILE M 26 20.84 -21.75 17.42
N LYS M 27 20.51 -22.80 16.67
CA LYS M 27 20.76 -24.17 17.09
C LYS M 27 22.17 -24.58 16.68
N LEU M 28 22.97 -24.94 17.67
CA LEU M 28 24.31 -25.49 17.48
C LEU M 28 24.25 -26.94 17.94
N GLN M 29 24.22 -27.87 17.00
CA GLN M 29 24.01 -29.28 17.32
C GLN M 29 25.32 -30.04 17.20
N GLY M 30 25.66 -30.76 18.27
CA GLY M 30 26.94 -31.44 18.34
C GLY M 30 27.02 -32.35 19.55
N GLN M 31 28.16 -32.35 20.23
CA GLN M 31 28.37 -33.21 21.38
C GLN M 31 29.42 -32.61 22.31
N ILE M 32 29.11 -32.61 23.60
CA ILE M 32 29.86 -31.83 24.59
C ILE M 32 31.20 -32.51 24.87
N GLU M 33 32.29 -31.81 24.59
CA GLU M 33 33.62 -32.35 24.84
C GLU M 33 34.12 -32.05 26.25
N SER M 34 33.84 -30.84 26.76
CA SER M 34 34.19 -30.44 28.11
C SER M 34 33.34 -29.26 28.51
N PHE M 35 33.37 -28.93 29.79
CA PHE M 35 32.68 -27.73 30.25
C PHE M 35 33.36 -27.21 31.50
N ASP M 36 33.49 -25.88 31.59
CA ASP M 36 33.86 -25.19 32.80
C ASP M 36 32.61 -24.53 33.36
N GLN M 37 32.77 -23.72 34.40
CA GLN M 37 31.65 -22.94 34.93
C GLN M 37 31.36 -21.68 34.12
N PHE M 38 32.14 -21.40 33.06
CA PHE M 38 31.87 -20.31 32.14
C PHE M 38 31.70 -20.72 30.68
N VAL M 39 32.17 -21.89 30.27
CA VAL M 39 32.17 -22.27 28.86
C VAL M 39 31.69 -23.70 28.68
N ILE M 40 31.33 -24.02 27.44
CA ILE M 40 31.06 -25.38 26.99
C ILE M 40 31.84 -25.57 25.70
N LEU M 41 32.48 -26.72 25.53
CA LEU M 41 33.19 -27.03 24.29
C LEU M 41 32.43 -28.14 23.59
N LEU M 42 32.01 -27.88 22.35
CA LEU M 42 31.28 -28.91 21.60
C LEU M 42 32.01 -29.18 20.29
N LYS M 43 31.57 -30.23 19.59
CA LYS M 43 32.10 -30.49 18.27
C LYS M 43 31.06 -31.21 17.42
N ASN M 44 31.12 -30.95 16.12
CA ASN M 44 30.71 -31.91 15.11
C ASN M 44 31.77 -32.11 14.04
N THR M 45 32.44 -31.04 13.63
CA THR M 45 33.63 -31.08 12.78
C THR M 45 34.84 -30.47 13.46
N VAL M 46 34.71 -29.26 13.99
CA VAL M 46 35.79 -28.56 14.67
C VAL M 46 35.28 -28.08 16.03
N SER M 47 36.15 -28.18 17.03
CA SER M 47 35.77 -27.96 18.43
C SER M 47 35.53 -26.48 18.68
N GLN M 48 34.29 -26.13 19.04
CA GLN M 48 33.94 -24.78 19.41
C GLN M 48 33.97 -24.60 20.92
N MET M 49 34.23 -23.36 21.33
CA MET M 49 34.00 -22.93 22.71
C MET M 49 32.83 -21.96 22.68
N VAL M 50 31.66 -22.45 23.07
CA VAL M 50 30.46 -21.63 23.18
C VAL M 50 30.36 -21.11 24.61
N TYR M 51 30.16 -19.80 24.73
CA TYR M 51 30.04 -19.18 26.04
C TYR M 51 28.71 -19.54 26.69
N LYS M 52 28.74 -19.70 28.01
CA LYS M 52 27.57 -20.18 28.72
C LYS M 52 26.52 -19.09 28.90
N HIS M 53 26.95 -17.83 29.00
CA HIS M 53 26.01 -16.73 29.14
C HIS M 53 25.27 -16.40 27.85
N ALA M 54 25.68 -16.93 26.71
CA ALA M 54 24.95 -16.74 25.48
C ALA M 54 24.02 -17.89 25.15
N ILE M 55 23.89 -18.86 26.05
CA ILE M 55 23.10 -20.07 25.82
C ILE M 55 21.74 -19.91 26.49
N SER M 56 20.67 -20.22 25.76
CA SER M 56 19.35 -20.28 26.37
C SER M 56 19.02 -21.70 26.84
N THR M 57 19.00 -22.67 25.91
CA THR M 57 18.62 -24.03 26.26
C THR M 57 19.66 -25.02 25.77
N VAL M 58 19.76 -26.15 26.48
CA VAL M 58 20.61 -27.27 26.10
C VAL M 58 19.71 -28.50 25.97
N VAL M 59 19.28 -28.79 24.75
CA VAL M 59 18.29 -29.84 24.51
C VAL M 59 18.96 -31.11 24.00
N PRO M 60 18.92 -32.21 24.73
CA PRO M 60 19.46 -33.47 24.19
C PRO M 60 18.52 -34.07 23.15
N SER M 61 19.02 -35.10 22.46
CA SER M 61 18.27 -35.72 21.39
C SER M 61 17.49 -36.95 21.86
N ARG M 62 18.14 -37.84 22.56
CA ARG M 62 17.39 -38.91 23.19
C ARG M 62 17.27 -38.65 24.69
N PRO M 63 16.17 -39.06 25.33
CA PRO M 63 15.98 -38.74 26.75
C PRO M 63 16.94 -39.47 27.66
N VAL M 64 17.76 -38.70 28.38
CA VAL M 64 18.67 -39.21 29.38
C VAL M 64 18.25 -38.62 30.72
N ARG M 65 18.62 -39.31 31.80
CA ARG M 65 18.19 -38.93 33.14
C ARG M 65 19.40 -38.51 33.99
N LEU M 66 19.10 -37.80 35.08
CA LEU M 66 20.12 -37.34 36.01
C LEU M 66 20.34 -38.40 37.07
N PRO M 67 21.59 -38.86 37.30
CA PRO M 67 21.89 -39.89 38.30
C PRO M 67 21.64 -39.43 39.73
N HIS N 1 36.54 -20.40 34.41
CA HIS N 1 37.63 -19.78 33.65
C HIS N 1 38.90 -20.62 33.74
N SER N 2 38.76 -21.82 34.32
CA SER N 2 39.88 -22.73 34.42
C SER N 2 40.06 -23.57 33.15
N LEU N 3 39.18 -23.42 32.17
CA LEU N 3 39.27 -24.18 30.94
C LEU N 3 39.08 -23.34 29.68
N GLN N 4 38.71 -22.06 29.81
CA GLN N 4 38.67 -21.18 28.65
C GLN N 4 40.04 -20.55 28.40
N ASP N 5 40.84 -20.35 29.44
CA ASP N 5 42.16 -19.75 29.31
C ASP N 5 43.19 -20.65 28.61
N PRO N 6 43.28 -21.98 28.86
CA PRO N 6 44.16 -22.78 27.99
C PRO N 6 43.71 -22.83 26.54
N TYR N 7 42.40 -22.79 26.29
CA TYR N 7 41.90 -22.80 24.91
C TYR N 7 42.26 -21.50 24.19
N LEU N 8 42.01 -20.37 24.84
CA LEU N 8 42.34 -19.08 24.21
C LEU N 8 43.84 -18.81 24.22
N ASN N 9 44.62 -19.55 25.01
CA ASN N 9 46.06 -19.42 24.95
C ASN N 9 46.64 -20.26 23.83
N THR N 10 46.14 -21.48 23.64
CA THR N 10 46.62 -22.30 22.53
C THR N 10 46.02 -21.90 21.19
N LEU N 11 45.01 -21.02 21.17
CA LEU N 11 44.61 -20.43 19.89
C LEU N 11 45.57 -19.36 19.42
N ARG N 12 46.37 -18.78 20.32
CA ARG N 12 47.32 -17.76 19.89
C ARG N 12 48.77 -18.21 19.95
N LYS N 13 49.09 -19.30 20.67
CA LYS N 13 50.44 -19.85 20.57
C LYS N 13 50.69 -20.45 19.20
N GLU N 14 49.68 -21.08 18.62
CA GLU N 14 49.74 -21.57 17.25
C GLU N 14 49.25 -20.54 16.24
N ARG N 15 48.63 -19.46 16.70
CA ARG N 15 48.07 -18.37 15.88
C ARG N 15 47.07 -18.91 14.85
N VAL N 16 46.03 -19.56 15.35
CA VAL N 16 44.99 -20.10 14.47
C VAL N 16 44.06 -18.96 14.06
N PRO N 17 43.75 -18.79 12.77
CA PRO N 17 42.81 -17.74 12.39
C PRO N 17 41.38 -18.07 12.81
N VAL N 18 40.93 -17.40 13.86
CA VAL N 18 39.63 -17.72 14.46
C VAL N 18 38.54 -16.89 13.81
N SER N 19 37.33 -17.42 13.90
CA SER N 19 36.10 -16.71 13.56
C SER N 19 35.27 -16.62 14.82
N ILE N 20 35.03 -15.40 15.27
CA ILE N 20 34.38 -15.12 16.55
C ILE N 20 32.99 -14.58 16.29
N TYR N 21 31.99 -15.30 16.76
CA TYR N 21 30.58 -14.97 16.52
C TYR N 21 30.01 -14.28 17.75
N LEU N 22 29.50 -13.07 17.54
CA LEU N 22 28.98 -12.23 18.61
C LEU N 22 27.58 -12.69 19.02
N VAL N 23 27.01 -11.99 20.00
CA VAL N 23 25.74 -12.39 20.56
C VAL N 23 24.57 -11.93 19.68
N ASN N 24 24.82 -11.04 18.73
CA ASN N 24 23.84 -10.66 17.72
C ASN N 24 24.10 -11.32 16.37
N GLY N 25 24.97 -12.32 16.33
CA GLY N 25 25.21 -13.09 15.13
C GLY N 25 26.25 -12.56 14.18
N ILE N 26 27.02 -11.54 14.59
CA ILE N 26 28.00 -10.93 13.69
C ILE N 26 29.28 -11.76 13.70
N LYS N 27 29.71 -12.18 12.51
CA LYS N 27 30.91 -12.97 12.32
C LYS N 27 32.11 -12.06 12.15
N LEU N 28 32.96 -11.99 13.17
CA LEU N 28 34.24 -11.32 13.05
C LEU N 28 35.32 -12.37 12.78
N GLN N 29 36.39 -11.94 12.12
CA GLN N 29 37.47 -12.85 11.76
C GLN N 29 38.79 -12.24 12.17
N GLY N 30 39.76 -13.10 12.45
CA GLY N 30 41.08 -12.55 12.70
C GLY N 30 41.95 -13.55 13.44
N GLN N 31 42.86 -13.01 14.24
CA GLN N 31 43.74 -13.80 15.08
C GLN N 31 43.68 -13.24 16.49
N ILE N 32 43.51 -14.13 17.47
CA ILE N 32 43.52 -13.71 18.87
C ILE N 32 44.94 -13.30 19.26
N GLU N 33 45.06 -12.15 19.93
CA GLU N 33 46.35 -11.61 20.31
C GLU N 33 46.55 -11.64 21.82
N SER N 34 45.54 -11.29 22.60
CA SER N 34 45.63 -11.30 24.05
C SER N 34 44.22 -11.45 24.61
N PHE N 35 44.16 -11.98 25.83
CA PHE N 35 42.87 -12.15 26.49
C PHE N 35 43.01 -11.86 27.97
N ASP N 36 42.07 -11.08 28.48
CA ASP N 36 41.94 -10.72 29.89
C ASP N 36 40.78 -11.55 30.47
N GLN N 37 40.37 -11.23 31.70
CA GLN N 37 39.12 -11.75 32.23
C GLN N 37 37.92 -11.30 31.40
N PHE N 38 38.00 -10.09 30.85
CA PHE N 38 36.84 -9.43 30.24
C PHE N 38 36.94 -9.24 28.74
N VAL N 39 38.13 -9.05 28.18
CA VAL N 39 38.27 -8.65 26.78
C VAL N 39 39.12 -9.68 26.03
N ILE N 40 38.98 -9.65 24.69
CA ILE N 40 39.80 -10.40 23.76
C ILE N 40 40.23 -9.43 22.67
N LEU N 41 41.54 -9.31 22.45
CA LEU N 41 42.06 -8.41 21.42
C LEU N 41 42.14 -9.18 20.11
N LEU N 42 41.22 -8.90 19.20
CA LEU N 42 41.21 -9.54 17.89
C LEU N 42 42.12 -8.76 16.96
N LYS N 43 43.15 -9.43 16.43
CA LYS N 43 44.15 -8.79 15.59
C LYS N 43 43.84 -9.02 14.12
N ASN N 44 43.87 -7.94 13.35
CA ASN N 44 43.57 -7.93 11.93
C ASN N 44 44.39 -6.80 11.32
N THR N 45 43.94 -6.23 10.20
CA THR N 45 44.40 -4.93 9.72
C THR N 45 44.54 -3.90 10.85
N VAL N 46 43.51 -3.79 11.69
CA VAL N 46 43.64 -3.11 12.97
C VAL N 46 43.27 -4.10 14.08
N SER N 47 43.79 -3.85 15.27
CA SER N 47 43.59 -4.72 16.42
C SER N 47 42.49 -4.13 17.29
N GLN N 48 41.31 -4.73 17.22
CA GLN N 48 40.15 -4.25 17.96
C GLN N 48 39.98 -5.03 19.25
N MET N 49 39.15 -4.49 20.14
CA MET N 49 38.93 -5.06 21.47
C MET N 49 37.48 -5.52 21.57
N VAL N 50 37.27 -6.83 21.69
CA VAL N 50 35.94 -7.43 21.75
C VAL N 50 35.67 -7.85 23.18
N TYR N 51 34.58 -7.37 23.75
CA TYR N 51 34.22 -7.73 25.12
C TYR N 51 33.65 -9.14 25.18
N LYS N 52 33.95 -9.85 26.26
CA LYS N 52 33.47 -11.22 26.41
C LYS N 52 32.00 -11.31 26.76
N HIS N 53 31.35 -10.22 27.20
CA HIS N 53 29.92 -10.22 27.44
C HIS N 53 29.12 -9.86 26.20
N ALA N 54 29.70 -10.06 25.01
CA ALA N 54 28.98 -9.94 23.77
C ALA N 54 29.33 -11.04 22.80
N ILE N 55 30.12 -12.03 23.21
CA ILE N 55 30.58 -13.10 22.34
C ILE N 55 29.69 -14.32 22.55
N SER N 56 29.21 -14.91 21.46
CA SER N 56 28.50 -16.18 21.54
C SER N 56 29.46 -17.34 21.42
N THR N 57 30.17 -17.46 20.30
CA THR N 57 31.10 -18.56 20.10
C THR N 57 32.44 -18.07 19.59
N VAL N 58 33.46 -18.91 19.76
CA VAL N 58 34.80 -18.69 19.21
C VAL N 58 35.16 -19.97 18.47
N VAL N 59 35.16 -19.94 17.14
CA VAL N 59 35.48 -21.16 16.40
C VAL N 59 36.88 -20.98 15.80
N PRO N 60 37.68 -22.05 15.73
CA PRO N 60 38.91 -22.00 14.96
C PRO N 60 38.71 -22.52 13.55
N SER N 61 39.68 -22.20 12.69
CA SER N 61 39.65 -22.64 11.30
C SER N 61 40.24 -24.04 11.14
N ARG N 62 41.41 -24.26 11.71
CA ARG N 62 41.89 -25.63 11.74
C ARG N 62 41.64 -26.24 13.12
N PRO N 63 41.36 -27.54 13.19
CA PRO N 63 41.10 -28.16 14.51
C PRO N 63 42.37 -28.30 15.32
N VAL N 64 42.28 -27.95 16.61
CA VAL N 64 43.41 -28.02 17.52
C VAL N 64 43.05 -28.93 18.68
N ARG N 65 43.97 -29.08 19.63
CA ARG N 65 43.73 -29.89 20.82
C ARG N 65 44.45 -29.26 22.00
N LEU N 66 43.90 -29.50 23.19
CA LEU N 66 44.42 -28.89 24.42
C LEU N 66 45.64 -29.65 24.92
N GLY Q 1 13.23 13.82 -19.71
CA GLY Q 1 12.40 14.59 -18.81
C GLY Q 1 11.27 15.32 -19.51
N PRO Q 2 10.05 15.18 -19.00
CA PRO Q 2 8.91 15.90 -19.59
C PRO Q 2 8.98 17.38 -19.30
N ALA Q 3 8.34 18.15 -20.17
CA ALA Q 3 8.27 19.61 -20.02
C ALA Q 3 7.02 20.10 -20.71
N MET Q 4 6.02 20.51 -19.92
CA MET Q 4 4.77 21.04 -20.44
C MET Q 4 4.62 22.48 -19.98
N ARG Q 5 4.38 23.38 -20.92
CA ARG Q 5 4.31 24.81 -20.63
C ARG Q 5 2.88 25.30 -20.77
N ILE Q 6 2.36 25.86 -19.68
CA ILE Q 6 1.03 26.45 -19.65
C ILE Q 6 1.18 27.90 -19.22
N ILE Q 7 0.74 28.82 -20.07
CA ILE Q 7 0.81 30.24 -19.74
C ILE Q 7 -0.62 30.74 -19.60
N SER Q 8 -0.98 31.13 -18.39
CA SER Q 8 -2.29 31.68 -18.07
C SER Q 8 -2.16 33.18 -17.89
N VAL Q 9 -2.86 33.94 -18.72
CA VAL Q 9 -2.78 35.39 -18.69
C VAL Q 9 -4.18 35.99 -18.77
N ASN Q 10 -4.44 36.97 -17.93
CA ASN Q 10 -5.73 37.64 -17.84
C ASN Q 10 -5.56 38.97 -18.57
N VAL Q 11 -5.92 38.99 -19.85
CA VAL Q 11 -5.50 40.07 -20.74
C VAL Q 11 -6.34 41.33 -20.63
N ASN Q 12 -7.48 41.27 -19.94
CA ASN Q 12 -8.44 42.37 -19.79
C ASN Q 12 -8.85 42.94 -21.15
N GLY Q 13 -9.16 42.05 -22.08
CA GLY Q 13 -9.40 42.46 -23.45
C GLY Q 13 -8.28 42.03 -24.37
N ILE Q 14 -8.61 41.23 -25.38
CA ILE Q 14 -7.57 40.73 -26.29
C ILE Q 14 -7.18 41.81 -27.30
N GLN Q 15 -8.12 42.69 -27.65
CA GLN Q 15 -7.78 43.80 -28.53
C GLN Q 15 -7.00 44.87 -27.78
N ALA Q 16 -7.34 45.12 -26.52
CA ALA Q 16 -6.62 46.09 -25.71
C ALA Q 16 -5.22 45.62 -25.33
N ALA Q 17 -4.97 44.31 -25.36
CA ALA Q 17 -3.66 43.78 -25.02
C ALA Q 17 -2.83 43.41 -26.25
N ALA Q 18 -3.45 43.23 -27.41
CA ALA Q 18 -2.69 42.90 -28.62
C ALA Q 18 -1.92 44.09 -29.15
N GLU Q 19 -2.34 45.31 -28.80
CA GLU Q 19 -1.62 46.49 -29.25
C GLU Q 19 -0.34 46.71 -28.47
N ARG Q 20 -0.21 46.08 -27.29
CA ARG Q 20 1.03 46.15 -26.53
C ARG Q 20 2.05 45.10 -26.95
N GLY Q 21 1.68 44.18 -27.85
CA GLY Q 21 2.60 43.16 -28.31
C GLY Q 21 2.34 41.79 -27.73
N LEU Q 22 1.05 41.42 -27.62
CA LEU Q 22 0.68 40.16 -26.99
C LEU Q 22 1.05 38.96 -27.85
N LEU Q 23 0.59 38.95 -29.10
CA LEU Q 23 0.78 37.80 -29.97
C LEU Q 23 2.26 37.62 -30.34
N SER Q 24 2.98 38.74 -30.49
CA SER Q 24 4.39 38.67 -30.82
C SER Q 24 5.22 38.11 -29.67
N TRP Q 25 4.77 38.28 -28.42
CA TRP Q 25 5.49 37.68 -27.31
C TRP Q 25 5.05 36.24 -27.09
N LEU Q 26 3.77 35.95 -27.30
CA LEU Q 26 3.28 34.59 -27.09
C LEU Q 26 3.67 33.63 -28.21
N GLN Q 27 4.06 34.14 -29.37
CA GLN Q 27 4.49 33.24 -30.45
C GLN Q 27 5.90 32.73 -30.19
N ALA Q 28 6.72 33.48 -29.47
CA ALA Q 28 8.11 33.12 -29.26
C ALA Q 28 8.34 32.50 -27.90
N GLN Q 29 7.38 31.71 -27.41
CA GLN Q 29 7.52 30.98 -26.17
C GLN Q 29 7.51 29.48 -26.35
N ASN Q 30 6.99 28.99 -27.49
CA ASN Q 30 6.72 27.57 -27.78
C ASN Q 30 5.89 26.96 -26.65
N ALA Q 31 4.85 27.69 -26.24
CA ALA Q 31 3.98 27.28 -25.15
C ALA Q 31 3.05 26.18 -25.63
N ASP Q 32 2.79 25.21 -24.76
CA ASP Q 32 1.88 24.12 -25.09
C ASP Q 32 0.43 24.54 -24.95
N VAL Q 33 0.06 25.16 -23.83
CA VAL Q 33 -1.31 25.58 -23.58
C VAL Q 33 -1.32 27.05 -23.17
N ILE Q 34 -2.14 27.85 -23.86
CA ILE Q 34 -2.34 29.27 -23.57
C ILE Q 34 -3.76 29.44 -23.07
N CYS Q 35 -3.92 30.06 -21.90
CA CYS Q 35 -5.21 30.30 -21.27
C CYS Q 35 -5.43 31.81 -21.16
N LEU Q 36 -6.27 32.35 -22.05
CA LEU Q 36 -6.60 33.77 -22.07
C LEU Q 36 -7.88 33.99 -21.28
N GLN Q 37 -7.81 34.83 -20.24
CA GLN Q 37 -8.98 35.19 -19.47
C GLN Q 37 -9.44 36.61 -19.80
N ASP Q 38 -10.76 36.79 -19.78
CA ASP Q 38 -11.47 38.07 -19.90
C ASP Q 38 -11.13 38.77 -21.23
N THR Q 39 -11.55 38.11 -22.31
CA THR Q 39 -11.15 38.57 -23.65
C THR Q 39 -12.00 39.74 -24.13
N ARG Q 40 -13.22 39.88 -23.62
CA ARG Q 40 -14.24 40.84 -24.11
C ARG Q 40 -14.42 40.77 -25.63
N ALA Q 41 -14.48 39.56 -26.18
CA ALA Q 41 -14.52 39.42 -27.63
C ALA Q 41 -15.38 38.22 -27.98
N SER Q 42 -16.08 38.33 -29.11
CA SER Q 42 -16.94 37.28 -29.61
C SER Q 42 -16.10 36.20 -30.32
N ALA Q 43 -16.78 35.11 -30.68
CA ALA Q 43 -16.12 34.04 -31.42
C ALA Q 43 -15.78 34.47 -32.85
N PHE Q 44 -16.65 35.27 -33.47
CA PHE Q 44 -16.38 35.76 -34.81
C PHE Q 44 -15.27 36.80 -34.82
N ASP Q 45 -15.05 37.48 -33.69
CA ASP Q 45 -13.98 38.46 -33.61
C ASP Q 45 -12.61 37.79 -33.56
N LEU Q 46 -12.55 36.54 -33.08
CA LEU Q 46 -11.31 35.79 -33.08
C LEU Q 46 -11.06 35.04 -34.38
N ASP Q 47 -11.96 35.16 -35.37
CA ASP Q 47 -11.83 34.38 -36.60
C ASP Q 47 -10.79 34.96 -37.55
N ASP Q 48 -10.52 36.26 -37.47
CA ASP Q 48 -9.57 36.89 -38.39
C ASP Q 48 -8.14 36.48 -38.03
N PRO Q 49 -7.20 36.47 -38.99
CA PRO Q 49 -5.82 36.08 -38.67
C PRO Q 49 -5.03 37.15 -37.91
N SER Q 50 -5.62 38.30 -37.61
CA SER Q 50 -4.94 39.28 -36.77
C SER Q 50 -4.81 38.78 -35.33
N PHE Q 51 -5.82 38.03 -34.87
CA PHE Q 51 -5.76 37.43 -33.53
C PHE Q 51 -5.24 36.00 -33.55
N GLN Q 52 -5.15 35.38 -34.71
CA GLN Q 52 -4.71 34.00 -34.78
C GLN Q 52 -3.22 33.86 -34.52
N LEU Q 53 -2.85 32.72 -33.96
CA LEU Q 53 -1.46 32.30 -33.87
C LEU Q 53 -1.27 31.10 -34.79
N ASP Q 54 -0.31 31.20 -35.71
CA ASP Q 54 -0.10 30.18 -36.72
C ASP Q 54 0.56 28.95 -36.11
N GLY Q 55 -0.01 27.78 -36.39
CA GLY Q 55 0.42 26.55 -35.79
C GLY Q 55 -0.30 26.17 -34.50
N TYR Q 56 -0.93 27.13 -33.83
CA TYR Q 56 -1.69 26.88 -32.62
C TYR Q 56 -3.17 26.80 -32.95
N PHE Q 57 -3.81 25.71 -32.54
CA PHE Q 57 -5.26 25.63 -32.61
C PHE Q 57 -5.87 26.53 -31.54
N LEU Q 58 -6.99 27.15 -31.87
CA LEU Q 58 -7.65 28.10 -30.97
C LEU Q 58 -9.10 27.70 -30.75
N TYR Q 59 -9.50 27.61 -29.48
CA TYR Q 59 -10.89 27.39 -29.12
C TYR Q 59 -11.27 28.45 -28.09
N ALA Q 60 -12.37 29.16 -28.35
CA ALA Q 60 -12.74 30.28 -27.49
C ALA Q 60 -14.21 30.20 -27.15
N CYS Q 61 -14.54 30.68 -25.95
CA CYS Q 61 -15.93 30.74 -25.48
C CYS Q 61 -16.21 32.17 -25.05
N ASP Q 62 -17.16 32.82 -25.74
CA ASP Q 62 -17.49 34.20 -25.50
C ASP Q 62 -18.67 34.31 -24.54
N ALA Q 63 -19.07 35.55 -24.26
CA ALA Q 63 -20.26 35.83 -23.47
C ALA Q 63 -21.45 36.00 -24.41
N GLU Q 64 -22.64 36.15 -23.82
CA GLU Q 64 -23.80 36.54 -24.61
C GLU Q 64 -23.69 38.01 -25.01
N LEU Q 65 -23.60 38.89 -24.03
CA LEU Q 65 -23.19 40.27 -24.27
C LEU Q 65 -21.66 40.30 -24.24
N PRO Q 66 -21.00 40.53 -25.38
CA PRO Q 66 -19.55 40.26 -25.45
C PRO Q 66 -18.68 41.29 -24.75
N GLU Q 67 -19.26 42.32 -24.13
CA GLU Q 67 -18.46 43.29 -23.38
C GLU Q 67 -18.21 42.86 -21.94
N GLN Q 68 -18.61 41.65 -21.56
CA GLN Q 68 -18.55 41.26 -20.14
C GLN Q 68 -17.37 40.34 -19.85
N GLY Q 69 -17.01 39.47 -20.78
CA GLY Q 69 -15.93 38.53 -20.53
C GLY Q 69 -15.61 37.61 -21.69
N GLY Q 70 -15.42 36.33 -21.39
CA GLY Q 70 -15.05 35.35 -22.39
C GLY Q 70 -13.61 34.91 -22.25
N VAL Q 71 -13.38 33.61 -22.46
CA VAL Q 71 -12.06 33.01 -22.32
C VAL Q 71 -11.67 32.38 -23.64
N ALA Q 72 -10.37 32.08 -23.75
CA ALA Q 72 -9.83 31.47 -24.95
C ALA Q 72 -8.69 30.52 -24.59
N LEU Q 73 -8.40 29.60 -25.49
CA LEU Q 73 -7.42 28.55 -25.22
C LEU Q 73 -6.71 28.21 -26.52
N TYR Q 74 -5.38 28.37 -26.52
CA TYR Q 74 -4.54 27.94 -27.63
C TYR Q 74 -3.80 26.66 -27.26
N SER Q 75 -3.71 25.75 -28.23
CA SER Q 75 -2.88 24.56 -28.13
C SER Q 75 -2.61 24.03 -29.53
N ARG Q 76 -1.35 23.72 -29.81
CA ARG Q 76 -1.01 23.12 -31.10
C ARG Q 76 -1.40 21.65 -31.14
N LEU Q 77 -1.58 21.04 -29.98
CA LEU Q 77 -2.09 19.68 -29.88
C LEU Q 77 -3.60 19.70 -29.94
N GLN Q 78 -4.16 19.05 -30.97
CA GLN Q 78 -5.60 18.94 -31.09
C GLN Q 78 -6.12 18.00 -30.01
N PRO Q 79 -6.99 18.46 -29.12
CA PRO Q 79 -7.37 17.65 -27.95
C PRO Q 79 -8.33 16.54 -28.31
N LYS Q 80 -8.49 15.61 -27.36
CA LYS Q 80 -9.56 14.63 -27.46
C LYS Q 80 -10.92 15.31 -27.40
N ALA Q 81 -11.08 16.29 -26.51
CA ALA Q 81 -12.34 16.99 -26.37
C ALA Q 81 -12.10 18.42 -25.93
N VAL Q 82 -13.12 19.26 -26.09
CA VAL Q 82 -13.15 20.58 -25.48
C VAL Q 82 -14.60 20.89 -25.14
N ILE Q 83 -14.83 21.40 -23.93
CA ILE Q 83 -16.17 21.67 -23.43
C ILE Q 83 -16.22 23.08 -22.86
N SER Q 84 -17.40 23.67 -22.94
CA SER Q 84 -17.65 25.02 -22.45
C SER Q 84 -18.78 24.98 -21.44
N GLY Q 85 -18.73 25.88 -20.46
CA GLY Q 85 -19.79 25.97 -19.47
C GLY Q 85 -19.63 24.97 -18.35
N LEU Q 86 -19.82 25.44 -17.11
CA LEU Q 86 -19.71 24.57 -15.95
C LEU Q 86 -20.95 23.69 -15.78
N GLY Q 87 -22.12 24.21 -16.12
CA GLY Q 87 -23.35 23.47 -15.94
C GLY Q 87 -24.38 24.18 -15.10
N PHE Q 88 -24.30 25.51 -15.06
CA PHE Q 88 -25.34 26.32 -14.44
C PHE Q 88 -25.46 27.63 -15.21
N GLU Q 89 -26.25 28.55 -14.67
CA GLU Q 89 -26.73 29.69 -15.45
C GLU Q 89 -25.67 30.77 -15.59
N THR Q 90 -25.08 31.19 -14.47
CA THR Q 90 -24.17 32.33 -14.43
C THR Q 90 -22.74 31.99 -14.84
N ALA Q 91 -22.51 30.86 -15.50
CA ALA Q 91 -21.23 30.55 -16.11
C ALA Q 91 -21.31 30.36 -17.61
N ASP Q 92 -22.45 29.92 -18.14
CA ASP Q 92 -22.56 29.66 -19.57
C ASP Q 92 -22.86 30.94 -20.35
N ARG Q 93 -23.54 31.90 -19.73
CA ARG Q 93 -23.88 33.15 -20.39
C ARG Q 93 -22.78 34.20 -20.30
N TYR Q 94 -21.60 33.82 -19.84
CA TYR Q 94 -20.48 34.75 -19.70
C TYR Q 94 -19.19 34.27 -20.35
N GLY Q 95 -19.07 33.00 -20.68
CA GLY Q 95 -17.80 32.48 -21.18
C GLY Q 95 -16.75 32.40 -20.10
N ARG Q 96 -17.11 31.89 -18.92
CA ARG Q 96 -16.21 31.88 -17.77
C ARG Q 96 -15.59 30.52 -17.51
N TYR Q 97 -15.72 29.57 -18.43
CA TYR Q 97 -15.11 28.27 -18.24
C TYR Q 97 -14.90 27.61 -19.60
N LEU Q 98 -13.73 27.03 -19.80
CA LEU Q 98 -13.45 26.29 -21.02
C LEU Q 98 -12.41 25.23 -20.71
N GLN Q 99 -12.77 23.96 -20.85
CA GLN Q 99 -11.95 22.84 -20.44
C GLN Q 99 -11.54 22.03 -21.66
N ALA Q 100 -10.24 21.92 -21.89
CA ALA Q 100 -9.69 21.08 -22.95
C ALA Q 100 -9.28 19.76 -22.34
N ASP Q 101 -9.81 18.66 -22.90
CA ASP Q 101 -9.60 17.32 -22.39
C ASP Q 101 -8.63 16.60 -23.30
N PHE Q 102 -7.44 16.31 -22.79
CA PHE Q 102 -6.46 15.43 -23.40
C PHE Q 102 -6.57 14.07 -22.72
N ASP Q 103 -5.63 13.17 -23.01
CA ASP Q 103 -5.61 11.90 -22.28
C ASP Q 103 -4.93 12.11 -20.93
N LYS Q 104 -5.54 11.54 -19.89
CA LYS Q 104 -5.05 11.43 -18.51
C LYS Q 104 -5.02 12.76 -17.75
N VAL Q 105 -5.37 13.87 -18.41
CA VAL Q 105 -5.32 15.19 -17.80
C VAL Q 105 -6.30 16.09 -18.56
N SER Q 106 -6.77 17.14 -17.87
CA SER Q 106 -7.60 18.17 -18.48
C SER Q 106 -7.12 19.53 -18.01
N ILE Q 107 -7.09 20.50 -18.92
CA ILE Q 107 -6.61 21.84 -18.63
C ILE Q 107 -7.75 22.81 -18.92
N ALA Q 108 -8.18 23.54 -17.89
CA ALA Q 108 -9.38 24.35 -17.97
C ALA Q 108 -9.05 25.79 -17.62
N THR Q 109 -9.37 26.71 -18.53
CA THR Q 109 -9.31 28.13 -18.21
C THR Q 109 -10.61 28.58 -17.55
N LEU Q 110 -10.48 29.44 -16.55
CA LEU Q 110 -11.58 29.80 -15.65
C LEU Q 110 -11.55 31.30 -15.41
N LEU Q 111 -12.72 31.93 -15.46
CA LEU Q 111 -12.87 33.35 -15.22
C LEU Q 111 -13.91 33.58 -14.13
N LEU Q 112 -13.66 34.56 -13.27
CA LEU Q 112 -14.62 34.92 -12.23
C LEU Q 112 -14.98 36.39 -12.35
N PRO Q 113 -16.19 36.78 -11.94
CA PRO Q 113 -16.51 38.22 -11.88
C PRO Q 113 -15.70 38.89 -10.78
N SER Q 114 -15.44 40.19 -10.99
CA SER Q 114 -14.59 40.92 -10.05
C SER Q 114 -15.31 41.15 -8.72
N GLY Q 115 -16.58 41.53 -8.77
CA GLY Q 115 -17.34 41.75 -7.55
C GLY Q 115 -17.04 43.07 -6.87
N GLN Q 116 -16.50 44.05 -7.59
CA GLN Q 116 -16.10 45.32 -7.01
C GLN Q 116 -16.82 46.51 -7.64
N SER Q 117 -17.95 46.27 -8.30
CA SER Q 117 -18.75 47.32 -8.91
C SER Q 117 -20.17 47.32 -8.34
N GLY Q 118 -20.28 47.19 -7.03
CA GLY Q 118 -21.56 47.12 -6.36
C GLY Q 118 -21.76 45.78 -5.66
N ASP Q 119 -22.83 45.72 -4.87
CA ASP Q 119 -23.14 44.49 -4.13
C ASP Q 119 -23.80 43.44 -5.01
N GLU Q 120 -24.34 43.82 -6.17
CA GLU Q 120 -25.01 42.83 -7.03
C GLU Q 120 -23.99 41.90 -7.69
N SER Q 121 -22.83 42.44 -8.10
CA SER Q 121 -21.79 41.59 -8.65
C SER Q 121 -21.13 40.76 -7.55
N LEU Q 122 -21.09 41.27 -6.33
CA LEU Q 122 -20.57 40.50 -5.21
C LEU Q 122 -21.49 39.33 -4.86
N ASN Q 123 -22.81 39.56 -4.89
CA ASN Q 123 -23.74 38.46 -4.63
C ASN Q 123 -23.77 37.45 -5.78
N GLN Q 124 -23.61 37.92 -7.02
CA GLN Q 124 -23.51 37.01 -8.15
C GLN Q 124 -22.22 36.18 -8.08
N LYS Q 125 -21.14 36.81 -7.60
CA LYS Q 125 -19.88 36.11 -7.38
C LYS Q 125 -20.01 35.08 -6.26
N PHE Q 126 -20.80 35.40 -5.23
CA PHE Q 126 -21.05 34.44 -4.15
C PHE Q 126 -21.84 33.24 -4.65
N LYS Q 127 -22.86 33.48 -5.49
CA LYS Q 127 -23.60 32.41 -6.15
C LYS Q 127 -22.68 31.52 -6.99
N PHE Q 128 -21.80 32.16 -7.78
CA PHE Q 128 -20.85 31.44 -8.63
C PHE Q 128 -19.88 30.61 -7.81
N MET Q 129 -19.38 31.17 -6.70
CA MET Q 129 -18.45 30.45 -5.84
C MET Q 129 -19.12 29.27 -5.15
N ASP Q 130 -20.38 29.43 -4.73
CA ASP Q 130 -21.08 28.35 -4.05
C ASP Q 130 -21.36 27.18 -4.99
N ASP Q 131 -21.94 27.44 -6.17
CA ASP Q 131 -22.23 26.30 -7.02
C ASP Q 131 -20.99 25.80 -7.76
N PHE Q 132 -19.90 26.59 -7.79
CA PHE Q 132 -18.62 26.08 -8.25
C PHE Q 132 -17.99 25.14 -7.21
N THR Q 133 -18.19 25.44 -5.93
CA THR Q 133 -17.82 24.48 -4.88
C THR Q 133 -18.61 23.20 -5.00
N HIS Q 134 -19.91 23.31 -5.32
CA HIS Q 134 -20.72 22.12 -5.56
C HIS Q 134 -20.22 21.33 -6.77
N TYR Q 135 -19.79 22.04 -7.82
CA TYR Q 135 -19.24 21.38 -9.01
C TYR Q 135 -17.94 20.66 -8.71
N LEU Q 136 -17.05 21.30 -7.94
CA LEU Q 136 -15.79 20.64 -7.57
C LEU Q 136 -16.02 19.43 -6.67
N SER Q 137 -16.99 19.53 -5.76
CA SER Q 137 -17.34 18.39 -4.90
C SER Q 137 -17.93 17.25 -5.72
N LYS Q 138 -18.60 17.57 -6.82
CA LYS Q 138 -19.05 16.51 -7.73
C LYS Q 138 -17.87 15.92 -8.50
N GLN Q 139 -16.97 16.76 -9.00
CA GLN Q 139 -15.85 16.30 -9.81
C GLN Q 139 -14.74 15.62 -9.01
N ARG Q 140 -14.82 15.63 -7.68
CA ARG Q 140 -13.84 14.90 -6.86
C ARG Q 140 -13.84 13.40 -7.14
N ARG Q 141 -15.00 12.81 -7.40
CA ARG Q 141 -15.07 11.35 -7.47
C ARG Q 141 -14.60 10.81 -8.82
N LYS Q 142 -14.39 11.68 -9.80
CA LYS Q 142 -13.85 11.24 -11.07
C LYS Q 142 -12.36 10.91 -10.94
N ARG Q 143 -11.84 10.20 -11.94
CA ARG Q 143 -10.48 9.70 -11.87
C ARG Q 143 -9.48 10.67 -12.49
N ARG Q 144 -9.85 11.33 -13.58
CA ARG Q 144 -8.87 12.06 -14.38
C ARG Q 144 -8.49 13.38 -13.72
N GLU Q 145 -7.28 13.84 -14.06
CA GLU Q 145 -6.66 14.98 -13.40
C GLU Q 145 -7.08 16.27 -14.07
N TYR Q 146 -7.25 17.32 -13.26
CA TYR Q 146 -7.74 18.61 -13.74
C TYR Q 146 -6.72 19.71 -13.44
N ILE Q 147 -6.68 20.71 -14.32
CA ILE Q 147 -5.89 21.92 -14.13
C ILE Q 147 -6.80 23.10 -14.36
N TYR Q 148 -6.95 23.95 -13.35
CA TYR Q 148 -7.83 25.12 -13.44
C TYR Q 148 -6.97 26.38 -13.44
N CYS Q 149 -6.78 26.98 -14.61
CA CYS Q 149 -6.10 28.26 -14.75
C CYS Q 149 -7.13 29.35 -14.46
N GLY Q 150 -7.20 29.78 -13.21
CA GLY Q 150 -8.32 30.60 -12.78
C GLY Q 150 -7.99 31.96 -12.22
N SER Q 151 -8.71 32.99 -12.66
CA SER Q 151 -8.62 34.32 -12.09
C SER Q 151 -9.72 34.45 -11.04
N LEU Q 152 -9.42 33.98 -9.83
CA LEU Q 152 -10.44 33.88 -8.79
C LEU Q 152 -10.83 35.23 -8.20
N TYR Q 153 -9.97 36.25 -8.35
CA TYR Q 153 -10.13 37.59 -7.75
C TYR Q 153 -10.30 37.53 -6.23
N VAL Q 154 -9.72 36.51 -5.60
CA VAL Q 154 -9.84 36.27 -4.16
C VAL Q 154 -8.51 35.74 -3.66
N ALA Q 155 -7.98 36.34 -2.60
CA ALA Q 155 -6.79 35.83 -1.93
C ALA Q 155 -7.20 34.86 -0.82
N HIS Q 156 -6.27 33.95 -0.50
CA HIS Q 156 -6.53 32.83 0.40
C HIS Q 156 -6.54 33.23 1.88
N GLN Q 157 -5.49 33.89 2.35
CA GLN Q 157 -5.27 34.01 3.79
C GLN Q 157 -4.44 35.27 4.06
N LYS Q 158 -3.89 35.35 5.28
CA LYS Q 158 -3.49 36.63 5.86
C LYS Q 158 -2.24 37.19 5.21
N MET Q 159 -1.23 36.35 4.98
CA MET Q 159 0.07 36.80 4.48
C MET Q 159 0.13 36.84 2.96
N ASP Q 160 -1.00 36.97 2.27
CA ASP Q 160 -1.01 36.89 0.81
C ASP Q 160 -0.75 38.25 0.17
N VAL Q 161 -1.53 39.26 0.53
CA VAL Q 161 -1.47 40.56 -0.13
C VAL Q 161 -0.78 41.55 0.79
N LYS Q 162 -0.34 42.67 0.19
CA LYS Q 162 0.27 43.77 0.90
C LYS Q 162 -0.81 44.52 1.66
N ASN Q 163 -0.41 45.14 2.79
CA ASN Q 163 -1.18 46.00 3.72
C ASN Q 163 -2.63 45.55 3.90
N TRP Q 164 -2.77 44.31 4.37
CA TRP Q 164 -4.06 43.63 4.51
C TRP Q 164 -4.90 44.16 5.67
N ARG Q 165 -4.33 45.02 6.54
CA ARG Q 165 -5.03 45.40 7.77
C ARG Q 165 -6.22 46.31 7.50
N GLU Q 166 -6.21 47.03 6.39
CA GLU Q 166 -7.39 47.78 5.95
C GLU Q 166 -8.16 47.07 4.85
N CYS Q 167 -7.67 45.91 4.39
CA CYS Q 167 -8.32 45.15 3.33
C CYS Q 167 -9.31 44.12 3.88
N GLN Q 168 -9.78 44.29 5.12
CA GLN Q 168 -10.62 43.28 5.75
C GLN Q 168 -12.02 43.23 5.16
N GLN Q 169 -12.60 44.37 4.79
CA GLN Q 169 -13.96 44.42 4.29
C GLN Q 169 -14.07 44.86 2.84
N MET Q 170 -12.94 44.99 2.11
CA MET Q 170 -13.13 45.29 0.70
C MET Q 170 -13.40 44.01 -0.08
N PRO Q 171 -14.23 44.08 -1.12
CA PRO Q 171 -14.52 42.88 -1.92
C PRO Q 171 -13.30 42.39 -2.69
N GLY Q 172 -12.95 41.13 -2.47
CA GLY Q 172 -11.73 40.53 -2.98
C GLY Q 172 -10.88 39.91 -1.90
N PHE Q 173 -11.04 40.36 -0.65
CA PHE Q 173 -10.34 39.80 0.50
C PHE Q 173 -11.30 39.72 1.67
N LEU Q 174 -12.52 39.25 1.42
CA LEU Q 174 -13.56 39.24 2.44
C LEU Q 174 -13.39 38.03 3.36
N ALA Q 175 -14.32 37.90 4.31
CA ALA Q 175 -14.31 36.74 5.20
C ALA Q 175 -14.91 35.46 4.58
N PRO Q 176 -16.10 35.47 3.93
CA PRO Q 176 -16.54 34.22 3.30
C PRO Q 176 -15.75 33.87 2.05
N GLU Q 177 -15.10 34.84 1.41
CA GLU Q 177 -14.27 34.51 0.26
C GLU Q 177 -12.98 33.83 0.68
N ARG Q 178 -12.48 34.11 1.89
CA ARG Q 178 -11.34 33.34 2.40
C ARG Q 178 -11.80 32.02 2.99
N ALA Q 179 -13.03 31.97 3.53
CA ALA Q 179 -13.59 30.70 3.99
C ALA Q 179 -13.79 29.73 2.83
N TRP Q 180 -14.14 30.26 1.65
CA TRP Q 180 -14.26 29.46 0.43
C TRP Q 180 -12.95 28.77 0.09
N LEU Q 181 -11.85 29.52 0.07
CA LEU Q 181 -10.57 28.93 -0.29
C LEU Q 181 -9.97 28.07 0.82
N ASP Q 182 -10.27 28.35 2.10
CA ASP Q 182 -9.65 27.48 3.10
C ASP Q 182 -10.49 26.22 3.32
N GLU Q 183 -11.70 26.16 2.76
CA GLU Q 183 -12.35 24.85 2.70
C GLU Q 183 -12.10 24.12 1.38
N VAL Q 184 -11.85 24.84 0.28
CA VAL Q 184 -11.45 24.19 -0.97
C VAL Q 184 -10.06 23.58 -0.82
N PHE Q 185 -9.10 24.36 -0.34
CA PHE Q 185 -7.77 23.83 -0.08
C PHE Q 185 -7.67 23.13 1.27
N GLY Q 186 -8.80 22.92 1.93
CA GLY Q 186 -8.91 22.14 3.15
C GLY Q 186 -9.51 20.78 2.87
N ASN Q 187 -10.83 20.67 3.09
CA ASN Q 187 -11.52 19.38 2.97
C ASN Q 187 -11.54 18.88 1.52
N LEU Q 188 -11.67 19.78 0.55
CA LEU Q 188 -11.76 19.35 -0.84
C LEU Q 188 -10.41 18.95 -1.42
N GLY Q 189 -9.30 19.32 -0.78
CA GLY Q 189 -8.01 18.71 -1.07
C GLY Q 189 -7.29 19.15 -2.32
N TYR Q 190 -7.61 20.33 -2.86
CA TYR Q 190 -6.86 20.84 -4.00
C TYR Q 190 -5.59 21.54 -3.55
N ALA Q 191 -4.79 21.95 -4.53
CA ALA Q 191 -3.51 22.60 -4.27
C ALA Q 191 -3.23 23.64 -5.36
N ASP Q 192 -2.16 24.41 -5.15
CA ASP Q 192 -1.74 25.45 -6.08
C ASP Q 192 -0.43 25.09 -6.76
N ALA Q 193 -0.24 25.63 -7.96
CA ALA Q 193 1.03 25.48 -8.66
C ALA Q 193 2.06 26.48 -8.19
N LEU Q 194 1.62 27.63 -7.66
CA LEU Q 194 2.57 28.65 -7.24
C LEU Q 194 3.11 28.37 -5.84
N ARG Q 195 2.35 27.67 -5.01
CA ARG Q 195 2.80 27.40 -3.64
C ARG Q 195 3.87 26.33 -3.57
N GLU Q 196 3.88 25.40 -4.53
CA GLU Q 196 4.79 24.26 -4.43
C GLU Q 196 6.23 24.65 -4.77
N VAL Q 197 6.42 25.70 -5.57
CA VAL Q 197 7.75 26.18 -5.91
C VAL Q 197 8.02 27.59 -5.39
N SER Q 198 7.06 28.19 -4.69
CA SER Q 198 7.26 29.52 -4.09
C SER Q 198 6.34 29.61 -2.87
N ARG Q 199 6.91 29.44 -1.68
CA ARG Q 199 6.15 29.34 -0.45
C ARG Q 199 6.01 30.69 0.26
N GLU Q 200 6.07 31.79 -0.46
CA GLU Q 200 6.08 33.11 0.12
C GLU Q 200 5.23 34.07 -0.70
N GLY Q 201 5.01 35.26 -0.15
CA GLY Q 201 4.34 36.34 -0.84
C GLY Q 201 5.29 37.18 -1.65
N ASP Q 202 5.00 38.49 -1.70
CA ASP Q 202 5.78 39.52 -2.40
C ASP Q 202 5.90 39.21 -3.89
N GLN Q 203 4.87 38.61 -4.46
CA GLN Q 203 4.80 38.31 -5.89
C GLN Q 203 3.33 38.31 -6.27
N PHE Q 204 2.92 39.28 -7.08
CA PHE Q 204 1.51 39.59 -7.27
C PHE Q 204 1.13 39.49 -8.73
N SER Q 205 -0.18 39.51 -8.99
CA SER Q 205 -0.71 39.38 -10.34
C SER Q 205 -1.89 40.31 -10.59
N TRP Q 206 -1.95 41.45 -9.92
CA TRP Q 206 -2.99 42.45 -10.11
C TRP Q 206 -2.51 43.79 -9.57
N TRP Q 207 -2.47 44.80 -10.44
CA TRP Q 207 -2.14 46.15 -10.05
C TRP Q 207 -3.18 47.12 -10.60
N PRO Q 208 -3.72 48.00 -9.76
CA PRO Q 208 -4.56 49.08 -10.29
C PRO Q 208 -3.74 50.06 -11.11
N ASP Q 209 -4.40 50.71 -12.07
CA ASP Q 209 -3.74 51.62 -13.00
C ASP Q 209 -3.47 52.94 -12.28
N SER Q 210 -2.37 52.94 -11.52
CA SER Q 210 -1.93 54.13 -10.79
C SER Q 210 -0.42 54.02 -10.60
N GLU Q 211 0.24 55.18 -10.59
CA GLU Q 211 1.70 55.22 -10.52
C GLU Q 211 2.24 54.76 -9.18
N GLN Q 212 1.47 54.92 -8.10
CA GLN Q 212 1.86 54.38 -6.81
C GLN Q 212 1.81 52.85 -6.83
N ALA Q 213 0.87 52.28 -7.59
CA ALA Q 213 0.86 50.83 -7.77
C ALA Q 213 1.91 50.37 -8.78
N GLU Q 214 2.42 51.31 -9.61
CA GLU Q 214 3.49 50.95 -10.52
C GLU Q 214 4.84 50.94 -9.80
N MET Q 215 5.07 51.88 -8.91
CA MET Q 215 6.37 52.01 -8.24
C MET Q 215 6.38 51.36 -6.87
N LEU Q 216 5.47 51.77 -5.98
CA LEU Q 216 5.50 51.30 -4.59
C LEU Q 216 4.88 49.92 -4.41
N ASN Q 217 4.44 49.28 -5.50
CA ASN Q 217 3.97 47.89 -5.54
C ASN Q 217 2.75 47.67 -4.63
N LEU Q 218 1.66 48.33 -4.98
CA LEU Q 218 0.35 47.96 -4.44
C LEU Q 218 -0.25 46.83 -5.28
N GLY Q 219 0.15 45.60 -4.97
CA GLY Q 219 -0.22 44.47 -5.78
C GLY Q 219 -1.14 43.47 -5.09
N TRP Q 220 -2.01 42.87 -5.89
CA TRP Q 220 -2.84 41.74 -5.48
C TRP Q 220 -2.51 40.53 -6.36
N ARG Q 221 -2.78 39.35 -5.82
CA ARG Q 221 -2.36 38.09 -6.41
C ARG Q 221 -3.59 37.24 -6.71
N PHE Q 222 -3.98 37.19 -7.98
CA PHE Q 222 -5.27 36.63 -8.35
C PHE Q 222 -5.18 35.46 -9.31
N ASP Q 223 -4.31 35.50 -10.31
CA ASP Q 223 -4.23 34.43 -11.30
C ASP Q 223 -3.57 33.21 -10.67
N TYR Q 224 -4.36 32.16 -10.43
CA TYR Q 224 -3.92 30.94 -9.78
C TYR Q 224 -4.01 29.77 -10.75
N GLN Q 225 -3.41 28.65 -10.35
CA GLN Q 225 -3.64 27.37 -11.01
C GLN Q 225 -4.01 26.34 -9.94
N VAL Q 226 -5.28 25.97 -9.93
CA VAL Q 226 -5.80 25.01 -8.98
C VAL Q 226 -5.60 23.61 -9.54
N LEU Q 227 -5.00 22.74 -8.73
CA LEU Q 227 -4.64 21.39 -9.14
C LEU Q 227 -5.39 20.37 -8.30
N THR Q 228 -5.84 19.30 -8.97
CA THR Q 228 -6.21 18.08 -8.27
C THR Q 228 -4.99 17.51 -7.56
N PRO Q 229 -5.17 16.78 -6.42
CA PRO Q 229 -4.01 16.35 -5.64
C PRO Q 229 -3.16 15.23 -6.24
N GLY Q 230 -3.38 14.88 -7.50
CA GLY Q 230 -2.50 13.96 -8.18
C GLY Q 230 -1.64 14.65 -9.22
N LEU Q 231 -1.40 15.95 -9.04
CA LEU Q 231 -0.54 16.71 -9.94
C LEU Q 231 0.40 17.69 -9.24
N ARG Q 232 0.38 17.79 -7.92
CA ARG Q 232 1.15 18.84 -7.23
C ARG Q 232 2.65 18.55 -7.21
N ARG Q 233 3.05 17.31 -7.45
CA ARG Q 233 4.47 16.97 -7.41
C ARG Q 233 5.21 17.35 -8.68
N PHE Q 234 4.54 17.37 -9.83
CA PHE Q 234 5.19 17.58 -11.11
C PHE Q 234 5.42 19.06 -11.42
N VAL Q 235 5.10 19.96 -10.50
CA VAL Q 235 5.26 21.40 -10.73
C VAL Q 235 6.75 21.72 -10.62
N ARG Q 236 7.30 22.32 -11.68
CA ARG Q 236 8.72 22.68 -11.65
C ARG Q 236 8.97 24.18 -11.65
N ASN Q 237 8.42 24.92 -12.60
CA ASN Q 237 8.77 26.33 -12.70
C ASN Q 237 7.52 27.19 -12.79
N ALA Q 238 7.44 28.20 -11.92
CA ALA Q 238 6.36 29.18 -11.99
C ALA Q 238 6.98 30.56 -12.09
N LYS Q 239 6.43 31.38 -12.98
CA LYS Q 239 7.03 32.65 -13.35
C LYS Q 239 5.95 33.71 -13.50
N LEU Q 240 6.06 34.78 -12.70
CA LEU Q 240 5.26 35.99 -12.86
C LEU Q 240 6.20 37.13 -13.21
N PRO Q 241 6.52 37.34 -14.49
CA PRO Q 241 7.42 38.44 -14.87
C PRO Q 241 6.71 39.78 -14.71
N ARG Q 242 7.37 40.80 -14.16
CA ARG Q 242 6.63 42.06 -13.87
C ARG Q 242 6.45 42.90 -15.16
N GLN Q 243 7.45 43.67 -15.60
CA GLN Q 243 7.33 44.61 -16.74
C GLN Q 243 6.81 43.91 -18.01
N PRO Q 244 7.28 42.71 -18.42
CA PRO Q 244 6.73 42.10 -19.63
C PRO Q 244 5.27 41.69 -19.39
N ARG Q 245 4.31 42.60 -19.60
CA ARG Q 245 2.86 42.39 -19.37
C ARG Q 245 2.08 43.37 -20.24
N PHE Q 246 0.97 42.94 -20.86
CA PHE Q 246 0.19 43.76 -21.83
C PHE Q 246 -1.24 43.93 -21.31
N SER Q 247 -1.41 43.95 -19.98
CA SER Q 247 -2.72 44.10 -19.28
C SER Q 247 -2.47 44.35 -17.78
N GLN Q 248 -3.52 44.67 -17.03
CA GLN Q 248 -3.47 44.93 -15.57
C GLN Q 248 -2.92 43.70 -14.84
N HIS Q 249 -3.35 42.50 -15.27
CA HIS Q 249 -2.94 41.19 -14.69
C HIS Q 249 -1.49 40.88 -15.08
N ALA Q 250 -0.82 40.03 -14.29
CA ALA Q 250 0.58 39.61 -14.49
C ALA Q 250 0.64 38.22 -15.13
N PRO Q 251 1.09 38.07 -16.40
CA PRO Q 251 1.18 36.75 -17.05
C PRO Q 251 1.84 35.67 -16.18
N LEU Q 252 1.27 34.47 -16.18
CA LEU Q 252 1.79 33.35 -15.39
C LEU Q 252 2.29 32.27 -16.33
N ILE Q 253 3.57 31.96 -16.25
CA ILE Q 253 4.19 30.92 -17.07
C ILE Q 253 4.53 29.76 -16.14
N VAL Q 254 4.02 28.57 -16.42
CA VAL Q 254 4.31 27.41 -15.59
C VAL Q 254 4.85 26.30 -16.47
N ASP Q 255 5.78 25.52 -15.92
CA ASP Q 255 6.38 24.36 -16.55
C ASP Q 255 6.24 23.18 -15.61
N TYR Q 256 5.49 22.17 -16.06
CA TYR Q 256 5.26 20.91 -15.38
C TYR Q 256 6.12 19.80 -15.97
N ASP Q 257 6.35 18.76 -15.18
CA ASP Q 257 6.90 17.51 -15.68
C ASP Q 257 5.81 16.55 -16.13
N TRP Q 258 5.02 16.98 -17.11
CA TRP Q 258 3.97 16.13 -17.68
C TRP Q 258 4.17 16.04 -19.19
N GLN Q 259 3.90 14.87 -19.74
CA GLN Q 259 3.97 14.66 -21.18
C GLN Q 259 2.56 14.78 -21.74
N LEU Q 260 2.27 15.92 -22.36
CA LEU Q 260 0.95 16.16 -22.91
C LEU Q 260 0.84 15.49 -24.27
N SER Q 261 -0.02 14.47 -24.36
CA SER Q 261 -0.21 13.73 -25.59
C SER Q 261 -1.65 13.83 -26.04
N ILE Q 262 -1.94 13.23 -27.19
CA ILE Q 262 -3.27 13.26 -27.76
C ILE Q 262 -4.21 12.33 -27.00
N GLY R 1 6.43 26.53 4.76
CA GLY R 1 7.24 25.95 3.71
C GLY R 1 8.69 25.72 4.11
N PRO R 2 9.17 24.49 3.96
CA PRO R 2 10.57 24.22 4.31
C PRO R 2 11.53 24.80 3.28
N ALA R 3 12.70 25.20 3.77
CA ALA R 3 13.75 25.74 2.91
C ALA R 3 15.10 25.43 3.54
N MET R 4 15.78 24.43 3.01
CA MET R 4 17.10 24.03 3.50
C MET R 4 18.12 24.35 2.43
N ARG R 5 19.15 25.10 2.80
CA ARG R 5 20.11 25.64 1.85
C ARG R 5 21.44 24.93 2.00
N ILE R 6 21.85 24.22 0.95
CA ILE R 6 23.10 23.48 0.93
C ILE R 6 23.90 23.96 -0.27
N ILE R 7 25.13 24.40 -0.02
CA ILE R 7 26.00 24.80 -1.12
C ILE R 7 27.13 23.77 -1.17
N SER R 8 27.37 23.24 -2.37
CA SER R 8 28.56 22.45 -2.66
C SER R 8 29.49 23.29 -3.52
N VAL R 9 30.64 23.68 -2.96
CA VAL R 9 31.62 24.44 -3.73
C VAL R 9 32.94 23.69 -3.70
N ASN R 10 33.63 23.69 -4.83
CA ASN R 10 34.94 23.05 -4.97
C ASN R 10 35.94 24.18 -5.17
N VAL R 11 36.79 24.42 -4.16
CA VAL R 11 37.56 25.66 -4.08
C VAL R 11 38.96 25.56 -4.67
N ASN R 12 39.50 24.33 -4.85
CA ASN R 12 40.88 24.08 -5.26
C ASN R 12 41.88 24.81 -4.37
N GLY R 13 41.69 24.70 -3.06
CA GLY R 13 42.43 25.52 -2.12
C GLY R 13 41.56 26.62 -1.56
N ILE R 14 41.42 26.67 -0.24
CA ILE R 14 40.49 27.63 0.35
C ILE R 14 41.10 29.02 0.39
N GLN R 15 42.42 29.13 0.39
CA GLN R 15 43.05 30.45 0.39
C GLN R 15 43.03 31.05 -1.01
N ALA R 16 43.24 30.21 -2.04
CA ALA R 16 43.18 30.67 -3.42
C ALA R 16 41.77 31.06 -3.85
N ALA R 17 40.75 30.56 -3.16
CA ALA R 17 39.39 31.03 -3.38
C ALA R 17 39.03 32.20 -2.46
N ALA R 18 39.64 32.27 -1.28
CA ALA R 18 39.34 33.35 -0.34
C ALA R 18 39.99 34.65 -0.77
N GLU R 19 41.07 34.58 -1.53
CA GLU R 19 41.65 35.80 -2.10
C GLU R 19 40.77 36.37 -3.19
N ARG R 20 39.92 35.55 -3.82
CA ARG R 20 38.95 36.04 -4.79
C ARG R 20 37.65 36.53 -4.14
N GLY R 21 37.45 36.26 -2.84
CA GLY R 21 36.24 36.70 -2.17
C GLY R 21 35.26 35.60 -1.83
N LEU R 22 35.77 34.43 -1.42
CA LEU R 22 34.92 33.30 -1.07
C LEU R 22 34.17 33.57 0.22
N LEU R 23 34.90 34.00 1.26
CA LEU R 23 34.32 34.16 2.59
C LEU R 23 33.32 35.30 2.66
N SER R 24 33.62 36.42 1.99
CA SER R 24 32.71 37.56 2.02
C SER R 24 31.43 37.28 1.24
N TRP R 25 31.49 36.43 0.22
CA TRP R 25 30.28 36.08 -0.51
C TRP R 25 29.48 35.02 0.25
N LEU R 26 30.18 34.06 0.88
CA LEU R 26 29.47 33.00 1.59
C LEU R 26 28.90 33.47 2.91
N GLN R 27 29.42 34.55 3.47
CA GLN R 27 28.91 35.03 4.76
C GLN R 27 27.56 35.70 4.60
N ALA R 28 27.25 36.21 3.40
CA ALA R 28 25.99 36.87 3.12
C ALA R 28 25.01 35.97 2.37
N GLN R 29 25.08 34.66 2.58
CA GLN R 29 24.15 33.73 1.96
C GLN R 29 23.15 33.13 2.94
N ASN R 30 23.49 33.05 4.23
CA ASN R 30 22.70 32.40 5.28
C ASN R 30 22.40 30.94 4.90
N ALA R 31 23.44 30.21 4.54
CA ALA R 31 23.32 28.82 4.11
C ALA R 31 23.32 27.91 5.33
N ASP R 32 22.52 26.84 5.27
CA ASP R 32 22.45 25.90 6.38
C ASP R 32 23.62 24.93 6.38
N VAL R 33 24.03 24.47 5.19
CA VAL R 33 25.13 23.52 5.04
C VAL R 33 26.07 24.02 3.96
N ILE R 34 27.36 24.14 4.31
CA ILE R 34 28.41 24.50 3.36
C ILE R 34 29.37 23.33 3.23
N CYS R 35 29.56 22.86 1.99
CA CYS R 35 30.46 21.76 1.66
C CYS R 35 31.62 22.31 0.84
N LEU R 36 32.77 22.50 1.52
CA LEU R 36 33.99 22.98 0.90
C LEU R 36 34.79 21.76 0.46
N GLN R 37 34.91 21.54 -0.84
CA GLN R 37 35.62 20.39 -1.37
C GLN R 37 37.00 20.81 -1.87
N ASP R 38 37.98 19.93 -1.65
CA ASP R 38 39.40 20.11 -2.01
C ASP R 38 39.95 21.39 -1.38
N THR R 39 39.94 21.39 -0.04
CA THR R 39 40.32 22.58 0.71
C THR R 39 41.83 22.84 0.65
N ARG R 40 42.62 21.79 0.44
CA ARG R 40 44.08 21.85 0.25
C ARG R 40 44.78 22.53 1.43
N ALA R 41 44.28 22.30 2.64
CA ALA R 41 44.80 22.96 3.83
C ALA R 41 44.59 22.07 5.04
N SER R 42 45.47 22.24 6.02
CA SER R 42 45.40 21.49 7.27
C SER R 42 44.29 22.05 8.16
N ALA R 43 44.01 21.30 9.25
CA ALA R 43 42.98 21.72 10.18
C ALA R 43 43.43 22.92 11.01
N PHE R 44 44.72 23.01 11.33
CA PHE R 44 45.25 24.15 12.06
C PHE R 44 45.26 25.41 11.20
N ASP R 45 45.30 25.27 9.87
CA ASP R 45 45.22 26.42 9.00
C ASP R 45 43.81 27.02 9.01
N LEU R 46 42.80 26.18 9.23
CA LEU R 46 41.43 26.65 9.35
C LEU R 46 41.08 27.09 10.78
N ASP R 47 42.04 27.04 11.70
CA ASP R 47 41.88 27.60 13.03
C ASP R 47 42.08 29.12 13.04
N ASP R 48 42.48 29.69 11.90
CA ASP R 48 42.48 31.13 11.69
C ASP R 48 41.06 31.68 11.87
N PRO R 49 40.85 32.64 12.76
CA PRO R 49 39.50 33.20 12.96
C PRO R 49 38.98 34.06 11.82
N SER R 50 39.74 34.24 10.73
CA SER R 50 39.16 34.82 9.52
C SER R 50 38.15 33.87 8.90
N PHE R 51 38.50 32.58 8.81
CA PHE R 51 37.60 31.57 8.27
C PHE R 51 36.41 31.30 9.19
N GLN R 52 36.51 31.64 10.47
CA GLN R 52 35.35 31.57 11.34
C GLN R 52 34.33 32.62 10.94
N LEU R 53 33.12 32.17 10.61
CA LEU R 53 32.11 33.02 10.02
C LEU R 53 31.01 33.32 11.04
N ASP R 54 29.92 33.92 10.56
CA ASP R 54 28.89 34.46 11.43
C ASP R 54 28.02 33.37 12.06
N GLY R 55 28.54 32.76 13.12
CA GLY R 55 27.81 31.73 13.83
C GLY R 55 27.86 30.36 13.20
N TYR R 56 28.62 30.18 12.13
CA TYR R 56 28.81 28.87 11.53
C TYR R 56 29.71 28.00 12.41
N PHE R 57 29.49 26.70 12.33
CA PHE R 57 30.35 25.72 12.98
C PHE R 57 31.23 25.05 11.94
N LEU R 58 32.51 24.92 12.27
CA LEU R 58 33.54 24.34 11.42
C LEU R 58 33.76 22.88 11.78
N TYR R 59 33.80 22.03 10.75
CA TYR R 59 34.27 20.65 10.90
C TYR R 59 35.06 20.33 9.63
N ALA R 60 36.32 19.93 9.78
CA ALA R 60 37.17 19.73 8.61
C ALA R 60 37.96 18.44 8.74
N CYS R 61 38.23 17.82 7.60
CA CYS R 61 39.02 16.61 7.51
C CYS R 61 40.12 16.82 6.46
N ASP R 62 41.37 16.77 6.92
CA ASP R 62 42.52 17.02 6.06
C ASP R 62 43.20 15.72 5.65
N ALA R 63 44.23 15.85 4.83
CA ALA R 63 45.02 14.71 4.39
C ALA R 63 46.34 14.65 5.15
N GLU R 64 47.15 13.63 4.84
CA GLU R 64 48.53 13.60 5.35
C GLU R 64 49.35 14.69 4.69
N LEU R 65 49.51 14.61 3.37
CA LEU R 65 49.97 15.74 2.57
C LEU R 65 48.73 16.57 2.27
N PRO R 66 48.55 17.72 2.93
CA PRO R 66 47.23 18.36 2.95
C PRO R 66 46.81 18.98 1.63
N GLU R 67 47.72 19.20 0.69
CA GLU R 67 47.35 19.78 -0.59
C GLU R 67 46.73 18.75 -1.53
N GLN R 68 46.84 17.45 -1.21
CA GLN R 68 46.26 16.41 -2.04
C GLN R 68 44.74 16.39 -1.99
N GLY R 69 44.13 16.94 -0.95
CA GLY R 69 42.70 16.95 -0.81
C GLY R 69 42.21 17.68 0.42
N GLY R 70 41.24 17.10 1.13
CA GLY R 70 40.73 17.70 2.34
C GLY R 70 39.40 18.40 2.13
N VAL R 71 38.43 18.10 2.97
CA VAL R 71 37.09 18.68 2.85
C VAL R 71 36.77 19.42 4.15
N ALA R 72 35.78 20.30 4.05
CA ALA R 72 35.36 21.11 5.19
C ALA R 72 33.86 21.31 5.14
N LEU R 73 33.30 21.68 6.28
CA LEU R 73 31.86 21.65 6.50
C LEU R 73 31.51 22.78 7.44
N TYR R 74 30.60 23.65 7.02
CA TYR R 74 30.09 24.74 7.86
C TYR R 74 28.61 24.49 8.10
N SER R 75 28.18 24.67 9.35
CA SER R 75 26.77 24.48 9.69
C SER R 75 26.37 25.34 10.88
N ARG R 76 25.28 26.09 10.73
CA ARG R 76 24.67 26.77 11.87
C ARG R 76 24.21 25.78 12.92
N LEU R 77 23.50 24.74 12.49
CA LEU R 77 22.97 23.74 13.40
C LEU R 77 24.08 22.80 13.85
N GLN R 78 24.26 22.68 15.16
CA GLN R 78 25.18 21.70 15.71
C GLN R 78 24.60 20.31 15.49
N PRO R 79 25.26 19.43 14.74
CA PRO R 79 24.63 18.17 14.36
C PRO R 79 24.58 17.19 15.53
N LYS R 80 23.85 16.10 15.30
CA LYS R 80 23.92 14.96 16.22
C LYS R 80 25.33 14.36 16.20
N ALA R 81 25.91 14.23 15.01
CA ALA R 81 27.24 13.65 14.90
C ALA R 81 27.95 14.19 13.67
N VAL R 82 29.27 14.01 13.65
CA VAL R 82 30.07 14.25 12.45
C VAL R 82 31.13 13.17 12.39
N ILE R 83 31.24 12.50 11.25
CA ILE R 83 32.12 11.35 11.08
C ILE R 83 33.01 11.61 9.88
N SER R 84 34.20 11.01 9.90
CA SER R 84 35.19 11.20 8.86
C SER R 84 35.69 9.86 8.38
N GLY R 85 35.91 9.75 7.06
CA GLY R 85 36.46 8.54 6.48
C GLY R 85 35.43 7.44 6.29
N LEU R 86 35.49 6.74 5.14
CA LEU R 86 34.56 5.64 4.92
C LEU R 86 35.00 4.41 5.68
N GLY R 87 36.28 4.09 5.64
CA GLY R 87 36.79 2.93 6.35
C GLY R 87 37.81 2.12 5.58
N PHE R 88 38.19 2.58 4.39
CA PHE R 88 39.23 1.92 3.62
C PHE R 88 40.43 2.86 3.41
N GLU R 89 41.34 2.41 2.55
CA GLU R 89 42.67 3.01 2.44
C GLU R 89 42.64 4.39 1.80
N THR R 90 42.12 4.49 0.58
CA THR R 90 42.27 5.69 -0.25
C THR R 90 41.24 6.77 0.06
N ALA R 91 40.58 6.73 1.20
CA ALA R 91 39.65 7.79 1.57
C ALA R 91 39.98 8.39 2.93
N ASP R 92 40.63 7.60 3.79
CA ASP R 92 40.85 8.05 5.15
C ASP R 92 42.01 9.04 5.24
N ARG R 93 43.14 8.71 4.65
CA ARG R 93 44.33 9.55 4.75
C ARG R 93 44.35 10.66 3.71
N TYR R 94 43.37 10.72 2.82
CA TYR R 94 43.28 11.79 1.85
C TYR R 94 42.28 12.88 2.23
N GLY R 95 41.52 12.69 3.30
CA GLY R 95 40.53 13.66 3.72
C GLY R 95 39.37 13.81 2.76
N ARG R 96 38.92 12.71 2.16
CA ARG R 96 37.97 12.75 1.06
C ARG R 96 36.55 12.44 1.47
N TYR R 97 36.23 12.52 2.76
CA TYR R 97 34.86 12.25 3.19
C TYR R 97 34.61 12.91 4.54
N LEU R 98 33.45 13.52 4.68
CA LEU R 98 33.01 14.03 5.97
C LEU R 98 31.50 14.06 5.98
N GLN R 99 30.88 13.29 6.86
CA GLN R 99 29.42 13.14 6.91
C GLN R 99 28.90 13.73 8.20
N ALA R 100 28.00 14.70 8.09
CA ALA R 100 27.31 15.27 9.24
C ALA R 100 25.95 14.62 9.37
N ASP R 101 25.68 14.09 10.56
CA ASP R 101 24.45 13.39 10.89
C ASP R 101 23.57 14.33 11.71
N PHE R 102 22.45 14.75 11.13
CA PHE R 102 21.38 15.42 11.82
C PHE R 102 20.29 14.40 12.12
N ASP R 103 19.13 14.86 12.58
CA ASP R 103 18.02 13.94 12.76
C ASP R 103 17.37 13.64 11.42
N LYS R 104 17.18 12.35 11.14
CA LYS R 104 16.42 11.77 10.01
C LYS R 104 17.15 11.94 8.67
N VAL R 105 18.25 12.70 8.63
CA VAL R 105 18.94 13.00 7.39
C VAL R 105 20.43 13.15 7.70
N SER R 106 21.26 12.90 6.70
CA SER R 106 22.69 13.14 6.80
C SER R 106 23.18 13.77 5.51
N ILE R 107 24.11 14.71 5.64
CA ILE R 107 24.82 15.25 4.49
C ILE R 107 26.23 14.70 4.53
N ALA R 108 26.88 14.69 3.37
CA ALA R 108 28.23 14.12 3.29
C ALA R 108 28.99 14.83 2.18
N THR R 109 30.00 15.60 2.55
CA THR R 109 30.90 16.15 1.56
C THR R 109 31.94 15.11 1.17
N LEU R 110 32.19 15.00 -0.14
CA LEU R 110 32.93 13.91 -0.74
C LEU R 110 33.86 14.46 -1.81
N LEU R 111 35.05 13.88 -1.92
CA LEU R 111 36.04 14.30 -2.89
C LEU R 111 36.63 13.07 -3.57
N LEU R 112 36.82 13.16 -4.88
CA LEU R 112 37.42 12.07 -5.63
C LEU R 112 38.74 12.50 -6.24
N PRO R 113 39.69 11.58 -6.43
CA PRO R 113 40.90 11.92 -7.17
C PRO R 113 40.58 12.18 -8.63
N SER R 114 41.32 13.11 -9.23
CA SER R 114 41.04 13.54 -10.60
C SER R 114 41.37 12.45 -11.61
N GLY R 115 42.52 11.79 -11.44
CA GLY R 115 42.92 10.76 -12.36
C GLY R 115 43.50 11.26 -13.67
N GLN R 116 44.04 12.47 -13.69
CA GLN R 116 44.57 13.08 -14.91
C GLN R 116 46.02 13.51 -14.77
N SER R 117 46.69 13.10 -13.69
CA SER R 117 48.10 13.42 -13.49
C SER R 117 48.92 12.15 -13.34
N GLY R 118 48.66 11.18 -14.21
CA GLY R 118 49.35 9.90 -14.16
C GLY R 118 48.37 8.76 -13.96
N ASP R 119 48.72 7.59 -14.51
CA ASP R 119 47.82 6.44 -14.46
C ASP R 119 47.75 5.81 -13.08
N GLU R 120 48.71 6.11 -12.19
CA GLU R 120 48.60 5.63 -10.81
C GLU R 120 47.44 6.31 -10.10
N SER R 121 47.17 7.57 -10.42
CA SER R 121 45.98 8.24 -9.90
C SER R 121 44.71 7.67 -10.51
N LEU R 122 44.79 7.20 -11.75
CA LEU R 122 43.65 6.55 -12.38
C LEU R 122 43.34 5.22 -11.73
N ASN R 123 44.35 4.41 -11.41
CA ASN R 123 44.10 3.15 -10.72
C ASN R 123 43.66 3.38 -9.28
N GLN R 124 44.19 4.41 -8.63
CA GLN R 124 43.68 4.88 -7.34
C GLN R 124 42.20 5.24 -7.43
N LYS R 125 41.81 5.92 -8.51
CA LYS R 125 40.43 6.33 -8.69
C LYS R 125 39.51 5.14 -8.93
N PHE R 126 39.99 4.14 -9.69
CA PHE R 126 39.20 2.92 -9.89
C PHE R 126 39.05 2.12 -8.59
N LYS R 127 40.11 2.06 -7.77
CA LYS R 127 40.03 1.43 -6.45
C LYS R 127 39.00 2.13 -5.58
N PHE R 128 39.06 3.47 -5.54
CA PHE R 128 38.12 4.27 -4.76
C PHE R 128 36.69 4.09 -5.23
N MET R 129 36.47 4.04 -6.54
CA MET R 129 35.12 3.86 -7.09
C MET R 129 34.57 2.47 -6.76
N ASP R 130 35.41 1.45 -6.85
CA ASP R 130 34.94 0.08 -6.59
C ASP R 130 34.56 -0.10 -5.11
N ASP R 131 35.43 0.30 -4.19
CA ASP R 131 35.05 0.07 -2.80
C ASP R 131 34.09 1.14 -2.29
N PHE R 132 33.91 2.25 -3.03
CA PHE R 132 32.83 3.18 -2.75
C PHE R 132 31.48 2.57 -3.13
N THR R 133 31.43 1.85 -4.25
CA THR R 133 30.22 1.13 -4.62
C THR R 133 29.93 0.02 -3.61
N HIS R 134 30.97 -0.64 -3.11
CA HIS R 134 30.79 -1.63 -2.04
C HIS R 134 30.26 -0.99 -0.76
N TYR R 135 30.73 0.23 -0.45
CA TYR R 135 30.24 0.96 0.71
C TYR R 135 28.77 1.32 0.56
N LEU R 136 28.38 1.78 -0.63
CA LEU R 136 26.98 2.12 -0.87
C LEU R 136 26.09 0.89 -0.77
N SER R 137 26.58 -0.26 -1.25
CA SER R 137 25.83 -1.51 -1.12
C SER R 137 25.73 -1.94 0.34
N LYS R 138 26.73 -1.62 1.16
CA LYS R 138 26.60 -1.86 2.60
C LYS R 138 25.60 -0.91 3.25
N GLN R 139 25.50 0.32 2.73
CA GLN R 139 24.63 1.32 3.34
C GLN R 139 23.18 1.23 2.89
N ARG R 140 22.87 0.46 1.84
CA ARG R 140 21.48 0.36 1.37
C ARG R 140 20.53 -0.27 2.37
N ARG R 141 21.02 -1.05 3.33
CA ARG R 141 20.13 -1.68 4.30
C ARG R 141 19.66 -0.72 5.38
N LYS R 142 20.38 0.39 5.60
CA LYS R 142 20.04 1.34 6.64
C LYS R 142 18.80 2.16 6.27
N ARG R 143 18.27 2.89 7.26
CA ARG R 143 17.02 3.63 7.07
C ARG R 143 17.27 5.07 6.66
N ARG R 144 18.20 5.76 7.33
CA ARG R 144 18.26 7.21 7.26
C ARG R 144 18.81 7.69 5.93
N GLU R 145 18.34 8.87 5.52
CA GLU R 145 18.60 9.41 4.20
C GLU R 145 19.94 10.13 4.17
N TYR R 146 20.64 10.01 3.04
CA TYR R 146 21.99 10.55 2.88
C TYR R 146 22.00 11.55 1.74
N ILE R 147 22.81 12.59 1.89
CA ILE R 147 23.09 13.56 0.84
C ILE R 147 24.60 13.53 0.60
N TYR R 148 25.00 13.24 -0.63
CA TYR R 148 26.41 13.17 -0.99
C TYR R 148 26.74 14.34 -1.92
N CYS R 149 27.20 15.44 -1.34
CA CYS R 149 27.73 16.55 -2.12
C CYS R 149 29.11 16.15 -2.60
N GLY R 150 29.22 15.70 -3.85
CA GLY R 150 30.48 15.13 -4.29
C GLY R 150 30.94 15.53 -5.68
N SER R 151 32.26 15.68 -5.84
CA SER R 151 32.86 15.91 -7.15
C SER R 151 33.36 14.58 -7.66
N LEU R 152 32.53 13.90 -8.45
CA LEU R 152 32.85 12.55 -8.91
C LEU R 152 33.89 12.54 -10.02
N TYR R 153 34.10 13.67 -10.71
CA TYR R 153 34.98 13.81 -11.87
C TYR R 153 34.60 12.86 -13.01
N VAL R 154 33.33 12.47 -13.10
CA VAL R 154 32.83 11.54 -14.12
C VAL R 154 31.54 12.13 -14.68
N ALA R 155 31.33 12.00 -15.98
CA ALA R 155 30.03 12.27 -16.57
C ALA R 155 29.27 10.96 -16.81
N HIS R 156 27.95 11.07 -16.96
CA HIS R 156 27.07 9.91 -16.85
C HIS R 156 26.54 9.41 -18.19
N GLN R 157 26.03 10.30 -19.04
CA GLN R 157 25.49 9.88 -20.33
C GLN R 157 26.05 10.75 -21.45
N LYS R 158 25.48 10.56 -22.63
CA LYS R 158 25.91 11.28 -23.83
C LYS R 158 25.55 12.75 -23.74
N MET R 159 24.49 13.09 -23.02
CA MET R 159 24.02 14.46 -22.89
C MET R 159 24.81 15.28 -21.87
N ASP R 160 25.99 14.82 -21.45
CA ASP R 160 26.68 15.43 -20.32
C ASP R 160 27.98 16.11 -20.69
N VAL R 161 28.58 15.80 -21.83
CA VAL R 161 29.86 16.38 -22.21
C VAL R 161 29.73 17.16 -23.52
N LYS R 162 30.61 18.14 -23.68
CA LYS R 162 30.77 18.87 -24.93
C LYS R 162 31.88 18.19 -25.73
N ASN R 163 31.82 18.32 -27.06
CA ASN R 163 32.78 17.73 -28.00
C ASN R 163 32.85 16.20 -27.86
N TRP R 164 31.72 15.57 -28.19
CA TRP R 164 31.40 14.19 -27.83
C TRP R 164 32.35 13.14 -28.39
N ARG R 165 32.90 13.33 -29.59
CA ARG R 165 33.44 12.19 -30.34
C ARG R 165 34.83 11.78 -29.86
N GLU R 166 35.62 12.70 -29.35
CA GLU R 166 36.95 12.36 -28.86
C GLU R 166 37.05 12.30 -27.35
N CYS R 167 35.93 12.38 -26.63
CA CYS R 167 35.91 12.19 -25.19
C CYS R 167 35.76 10.73 -24.77
N GLN R 168 35.94 9.78 -25.69
CA GLN R 168 35.75 8.38 -25.36
C GLN R 168 36.90 7.80 -24.54
N GLN R 169 38.12 8.32 -24.70
CA GLN R 169 39.28 7.77 -24.03
C GLN R 169 39.98 8.73 -23.09
N MET R 170 39.43 9.94 -22.86
CA MET R 170 40.08 10.76 -21.84
C MET R 170 39.57 10.38 -20.45
N PRO R 171 40.44 10.49 -19.42
CA PRO R 171 40.02 10.16 -18.05
C PRO R 171 39.01 11.17 -17.54
N GLY R 172 37.78 10.70 -17.33
CA GLY R 172 36.69 11.56 -16.94
C GLY R 172 35.40 11.20 -17.64
N PHE R 173 35.51 10.64 -18.85
CA PHE R 173 34.35 10.16 -19.59
C PHE R 173 34.71 8.84 -20.26
N LEU R 174 35.37 7.96 -19.51
CA LEU R 174 35.77 6.66 -20.02
C LEU R 174 34.57 5.71 -20.08
N ALA R 175 34.83 4.47 -20.51
CA ALA R 175 33.76 3.48 -20.56
C ALA R 175 33.48 2.83 -19.20
N PRO R 176 34.46 2.34 -18.40
CA PRO R 176 34.07 1.81 -17.07
C PRO R 176 33.75 2.90 -16.06
N GLU R 177 34.29 4.11 -16.24
CA GLU R 177 33.86 5.26 -15.45
C GLU R 177 32.38 5.56 -15.68
N ARG R 178 31.91 5.40 -16.92
CA ARG R 178 30.50 5.57 -17.24
C ARG R 178 29.67 4.41 -16.72
N ALA R 179 30.21 3.19 -16.82
CA ALA R 179 29.50 2.01 -16.36
C ALA R 179 29.30 2.00 -14.84
N TRP R 180 30.26 2.57 -14.09
CA TRP R 180 30.11 2.74 -12.65
C TRP R 180 28.86 3.53 -12.30
N LEU R 181 28.68 4.69 -12.92
CA LEU R 181 27.49 5.48 -12.66
C LEU R 181 26.24 4.91 -13.32
N ASP R 182 26.35 4.06 -14.34
CA ASP R 182 25.09 3.55 -14.90
C ASP R 182 24.63 2.29 -14.18
N GLU R 183 25.46 1.66 -13.35
CA GLU R 183 24.91 0.69 -12.41
C GLU R 183 24.57 1.33 -11.06
N VAL R 184 25.24 2.44 -10.72
CA VAL R 184 24.85 3.16 -9.49
C VAL R 184 23.48 3.79 -9.66
N PHE R 185 23.26 4.52 -10.74
CA PHE R 185 21.94 5.07 -11.01
C PHE R 185 21.04 4.09 -11.76
N GLY R 186 21.47 2.85 -11.92
CA GLY R 186 20.70 1.82 -12.59
C GLY R 186 20.19 0.76 -11.63
N ASN R 187 20.94 -0.35 -11.55
CA ASN R 187 20.57 -1.48 -10.69
C ASN R 187 20.58 -1.07 -9.22
N LEU R 188 21.55 -0.27 -8.81
CA LEU R 188 21.54 0.26 -7.45
C LEU R 188 20.45 1.32 -7.28
N GLY R 189 20.44 2.33 -8.14
CA GLY R 189 19.30 3.23 -8.21
C GLY R 189 19.32 4.41 -7.26
N TYR R 190 20.38 5.20 -7.28
CA TYR R 190 20.39 6.51 -6.63
C TYR R 190 19.80 7.57 -7.56
N ALA R 191 19.81 8.81 -7.10
CA ALA R 191 19.24 9.92 -7.85
C ALA R 191 20.19 11.11 -7.80
N ASP R 192 20.07 11.98 -8.80
CA ASP R 192 20.91 13.17 -8.92
C ASP R 192 20.08 14.42 -8.70
N ALA R 193 20.58 15.32 -7.86
CA ALA R 193 19.83 16.53 -7.52
C ALA R 193 19.84 17.55 -8.65
N LEU R 194 20.88 17.54 -9.49
CA LEU R 194 20.94 18.50 -10.59
C LEU R 194 19.99 18.13 -11.71
N ARG R 195 19.63 16.84 -11.83
CA ARG R 195 18.70 16.42 -12.86
C ARG R 195 17.25 16.67 -12.47
N GLU R 196 16.92 16.55 -11.18
CA GLU R 196 15.54 16.58 -10.73
C GLU R 196 14.90 17.95 -10.81
N VAL R 197 15.67 19.01 -11.06
CA VAL R 197 15.11 20.32 -11.40
C VAL R 197 15.54 20.79 -12.76
N SER R 198 16.41 20.06 -13.45
CA SER R 198 16.84 20.42 -14.79
C SER R 198 17.24 19.14 -15.52
N ARG R 199 16.34 18.64 -16.38
CA ARG R 199 16.61 17.45 -17.19
C ARG R 199 17.27 17.79 -18.52
N GLU R 200 17.94 18.93 -18.61
CA GLU R 200 18.61 19.39 -19.81
C GLU R 200 20.04 19.79 -19.46
N GLY R 201 20.95 19.57 -20.39
CA GLY R 201 22.36 19.88 -20.22
C GLY R 201 22.67 21.34 -20.41
N ASP R 202 23.79 21.61 -21.11
CA ASP R 202 24.31 22.94 -21.42
C ASP R 202 24.57 23.74 -20.13
N GLN R 203 24.98 23.02 -19.08
CA GLN R 203 25.31 23.62 -17.79
C GLN R 203 26.40 22.75 -17.18
N PHE R 204 27.57 23.34 -16.95
CA PHE R 204 28.73 22.59 -16.51
C PHE R 204 29.23 23.14 -15.20
N SER R 205 30.18 22.44 -14.59
CA SER R 205 30.71 22.83 -13.29
C SER R 205 32.22 22.71 -13.20
N TRP R 206 32.94 22.71 -14.32
CA TRP R 206 34.40 22.80 -14.31
C TRP R 206 34.88 23.34 -15.65
N TRP R 207 35.78 24.33 -15.60
CA TRP R 207 36.40 24.83 -16.81
C TRP R 207 37.91 24.77 -16.69
N PRO R 208 38.61 24.27 -17.72
CA PRO R 208 40.08 24.37 -17.73
C PRO R 208 40.52 25.81 -17.85
N ASP R 209 41.62 26.13 -17.18
CA ASP R 209 42.09 27.51 -17.08
C ASP R 209 42.76 27.90 -18.39
N SER R 210 41.93 28.26 -19.37
CA SER R 210 42.39 28.75 -20.66
C SER R 210 41.33 29.70 -21.21
N GLU R 211 41.74 30.57 -22.13
CA GLU R 211 40.84 31.61 -22.63
C GLU R 211 39.73 31.02 -23.50
N GLN R 212 40.05 30.00 -24.30
CA GLN R 212 39.04 29.40 -25.17
C GLN R 212 38.01 28.62 -24.37
N ALA R 213 38.41 28.04 -23.24
CA ALA R 213 37.46 27.32 -22.41
C ALA R 213 36.52 28.23 -21.64
N GLU R 214 36.96 29.44 -21.29
CA GLU R 214 36.10 30.34 -20.52
C GLU R 214 35.33 31.29 -21.44
N MET R 215 35.77 31.43 -22.69
CA MET R 215 35.00 32.17 -23.68
C MET R 215 34.03 31.27 -24.45
N LEU R 216 34.54 30.25 -25.13
CA LEU R 216 33.73 29.42 -26.00
C LEU R 216 33.04 28.27 -25.28
N ASN R 217 33.07 28.27 -23.94
CA ASN R 217 32.35 27.31 -23.08
C ASN R 217 32.77 25.86 -23.36
N LEU R 218 34.05 25.59 -23.10
CA LEU R 218 34.54 24.21 -23.03
C LEU R 218 34.51 23.73 -21.58
N GLY R 219 33.34 23.29 -21.12
CA GLY R 219 33.18 22.93 -19.73
C GLY R 219 32.81 21.48 -19.50
N TRP R 220 33.17 20.98 -18.31
CA TRP R 220 32.75 19.68 -17.82
C TRP R 220 31.97 19.85 -16.52
N ARG R 221 31.13 18.86 -16.23
CA ARG R 221 30.14 18.92 -15.15
C ARG R 221 30.54 17.91 -14.08
N PHE R 222 31.02 18.41 -12.94
CA PHE R 222 31.62 17.55 -11.92
C PHE R 222 30.88 17.58 -10.59
N ASP R 223 30.58 18.75 -10.05
CA ASP R 223 29.96 18.85 -8.73
C ASP R 223 28.51 18.35 -8.80
N TYR R 224 28.25 17.21 -8.17
CA TYR R 224 26.95 16.57 -8.16
C TYR R 224 26.46 16.49 -6.72
N GLN R 225 25.17 16.19 -6.55
CA GLN R 225 24.62 15.84 -5.25
C GLN R 225 23.86 14.54 -5.41
N VAL R 226 24.45 13.46 -4.90
CA VAL R 226 23.88 12.13 -5.00
C VAL R 226 22.90 11.93 -3.86
N LEU R 227 21.68 11.52 -4.17
CA LEU R 227 20.60 11.41 -3.20
C LEU R 227 20.12 9.98 -3.09
N THR R 228 19.90 9.52 -1.87
CA THR R 228 19.31 8.22 -1.62
C THR R 228 17.83 8.23 -2.02
N PRO R 229 17.25 7.06 -2.32
CA PRO R 229 15.79 7.00 -2.50
C PRO R 229 15.06 7.33 -1.20
N GLY R 230 14.15 8.30 -1.32
CA GLY R 230 13.50 8.93 -0.18
C GLY R 230 13.62 10.44 -0.21
N LEU R 231 14.79 10.95 -0.56
CA LEU R 231 14.96 12.37 -0.88
C LEU R 231 15.00 12.61 -2.39
N ARG R 232 13.91 12.37 -3.14
CA ARG R 232 13.94 12.67 -4.56
C ARG R 232 12.96 13.76 -4.98
N ARG R 233 12.01 14.14 -4.13
CA ARG R 233 10.98 15.09 -4.49
C ARG R 233 11.18 16.45 -3.84
N PHE R 234 12.05 16.55 -2.83
CA PHE R 234 12.14 17.75 -2.00
C PHE R 234 13.02 18.83 -2.60
N VAL R 235 13.76 18.55 -3.67
CA VAL R 235 14.63 19.56 -4.26
C VAL R 235 13.77 20.59 -4.99
N ARG R 236 14.09 21.87 -4.81
CA ARG R 236 13.42 22.93 -5.53
C ARG R 236 14.36 23.78 -6.36
N ASN R 237 15.48 24.25 -5.81
CA ASN R 237 16.26 25.24 -6.53
C ASN R 237 17.74 24.89 -6.56
N ALA R 238 18.23 24.48 -7.73
CA ALA R 238 19.66 24.19 -7.90
C ALA R 238 20.22 25.19 -8.90
N LYS R 239 21.10 26.06 -8.44
CA LYS R 239 21.72 27.09 -9.27
C LYS R 239 23.23 26.94 -9.29
N LEU R 240 23.79 27.00 -10.49
CA LEU R 240 25.23 27.11 -10.74
C LEU R 240 25.47 28.49 -11.33
N PRO R 241 25.77 29.50 -10.50
CA PRO R 241 26.09 30.84 -11.03
C PRO R 241 27.43 30.82 -11.74
N ARG R 242 27.51 31.35 -12.97
CA ARG R 242 28.77 31.15 -13.74
C ARG R 242 29.86 32.13 -13.29
N GLN R 243 29.86 33.38 -13.76
CA GLN R 243 30.95 34.36 -13.50
C GLN R 243 31.29 34.45 -12.01
N PRO R 244 30.37 34.53 -11.03
CA PRO R 244 30.81 34.55 -9.64
C PRO R 244 31.41 33.16 -9.34
N ARG R 245 32.73 32.97 -9.51
CA ARG R 245 33.38 31.64 -9.31
C ARG R 245 34.81 31.82 -8.80
N PHE R 246 35.19 31.14 -7.71
CA PHE R 246 36.51 31.22 -7.02
C PHE R 246 37.40 30.02 -7.31
N SER R 247 37.19 29.30 -8.41
CA SER R 247 38.09 28.21 -8.76
C SER R 247 37.84 27.84 -10.21
N GLN R 248 38.51 26.78 -10.66
CA GLN R 248 38.23 26.24 -11.99
C GLN R 248 36.89 25.51 -12.04
N HIS R 249 36.36 25.13 -10.88
CA HIS R 249 35.03 24.56 -10.77
C HIS R 249 33.99 25.67 -10.62
N ALA R 250 32.72 25.28 -10.57
CA ALA R 250 31.66 26.25 -10.39
C ALA R 250 30.97 26.05 -9.05
N PRO R 251 30.62 27.13 -8.35
CA PRO R 251 29.90 26.99 -7.09
C PRO R 251 28.46 26.54 -7.30
N LEU R 252 28.00 25.65 -6.43
CA LEU R 252 26.67 25.08 -6.52
C LEU R 252 25.87 25.44 -5.28
N ILE R 253 24.67 26.01 -5.48
CA ILE R 253 23.74 26.26 -4.38
C ILE R 253 22.47 25.46 -4.67
N VAL R 254 21.87 24.89 -3.63
CA VAL R 254 20.61 24.18 -3.79
C VAL R 254 19.74 24.45 -2.57
N ASP R 255 18.43 24.46 -2.79
CA ASP R 255 17.42 24.64 -1.77
C ASP R 255 16.44 23.48 -1.87
N TYR R 256 16.38 22.70 -0.79
CA TYR R 256 15.51 21.54 -0.63
C TYR R 256 14.31 21.90 0.23
N ASP R 257 13.21 21.18 0.03
CA ASP R 257 12.06 21.23 0.94
C ASP R 257 12.23 20.26 2.10
N TRP R 258 13.09 20.61 3.05
CA TRP R 258 13.35 19.76 4.20
C TRP R 258 13.41 20.61 5.46
N GLN R 259 12.90 20.08 6.56
CA GLN R 259 13.01 20.71 7.87
C GLN R 259 14.24 20.14 8.55
N LEU R 260 15.36 20.84 8.44
CA LEU R 260 16.62 20.37 9.02
C LEU R 260 16.59 20.60 10.52
N SER R 261 16.57 19.51 11.29
CA SER R 261 16.42 19.57 12.73
C SER R 261 17.55 18.84 13.42
N ILE R 262 17.91 19.31 14.60
CA ILE R 262 18.98 18.71 15.39
C ILE R 262 18.54 17.35 15.95
#